data_8U16
#
_entry.id   8U16
#
_cell.length_a   95.536
_cell.length_b   151.986
_cell.length_c   218.460
_cell.angle_alpha   90.00
_cell.angle_beta   90.00
_cell.angle_gamma   90.00
#
_symmetry.space_group_name_H-M   'P 21 21 21'
#
loop_
_entity.id
_entity.type
_entity.pdbx_description
1 polymer 'Protein cereblon'
2 polymer 'DNA damage-binding protein 1'
3 polymer 'Sal-like protein 4'
4 non-polymer 'ZINC ION'
5 non-polymer S-Pomalidomide
6 non-polymer 1,2-ETHANEDIOL
7 water water
#
loop_
_entity_poly.entity_id
_entity_poly.type
_entity_poly.pdbx_seq_one_letter_code
_entity_poly.pdbx_strand_id
1 'polypeptide(L)'
;RTLHDDDSCQVIPVLPQVMMILIPGQTLPLQLFHPQEVSMVRNLIQKDRTFAVLAYSNVQEREAQFGTTAEIYAYREEQD
FGIEIVKVKAIGRQRFKVLELRTQSDGIQQAKVQILPECVLPSTMSAVQLESLNKCQIFPSKPVSREDQCSYKWWQKYQK
RKFHCANLTSWPRWLYSLYDAETLMDRIKKQLREWDENLKDDSLPSNPIDFSYRVAACLPIDDVLRIQLLKIGSAIQRLR
CELDIMNKCTSLCCKQCQETEITTKNEIFSLSLCGPMAAYVNPHGYVHETLTVYKACNLNLIGRPSTEHSWFPGYAWTVA
QCKICASHIGWKFTATKKDMSPQKFWGLTRSALLPTIPDTEDEISPDKVILCL
;
A,D
2 'polypeptide(L)'
;MSYNYVVTAQKPTAVNGCVTGHFTSAEDLNLLIAKNTRLEIYVVTAEGLRPVKEVGMYGKIAVMELFRPKGESKDLLFIL
TAKYNACILEYKQSGESIDIITRAHGNVQDRIGRPSETGIIGIIDPECRMIGLRLYDGLFKVIPLDRDNKELKAFNIRLE
ELHVIDVKFLYGCQAPTICFVYQDPQGRHVKTYEVSLREKEFNKGPWKQENVEAEASMVIAVPEPFGGAIIIGQESITYH
NGDKYLAIAPPIIKQSTIVCHNRVDPNGSRYLLGDMEGRLFMLLLEKEEQMDGTVTLKDLRVELLGETSIAECLTYLDNG
VVFVGSRLGDSQLVKLNVDSNEQGSYVVAMETFTNLGPIVDMCVVDLERQGQGQLVTCSGAFKEGSLRIIRNGIGGNGNS
GEIQKLHIRTVPLYESPRKICYQEVSQCFGVLSSRIEVQDTSGGTTALRPSASTQALSSSVSSSKLFSSSTAPHETSFGE
EVEVHNLLIIDQHTFEVLHAHQFLQNEYALSLVSCKLGKDPNTYFIVGTAMVYPEEAEPKQGRIVVFQYSDGKLQTVAEK
EVKGAVYSMVEFNGKLLASINSTVRLYEWTTEKELRTECNHYNNIMALYLKTKGDFILVGDLMRSVLLLAYKPMEGNFEE
IARDFNPNWMSAVEILDDDNFLGAENAFNLFVCQKDSAATTDEERQHLQEVGLFHLGEFVNVFCHGSLVMQNLGETSTPT
QGSVLFGTVNGMIGLVTSLSESWYNLLLDMQNRLNKVIKSVGKIEHSFWRSFHTERKTEPATGFIDGDLIESFLDISRPK
MQEVVANLQYDDGSGMKREATADDLIKVVEELTRIH
;
B,E
3 'polypeptide(L)' SLYKHKCKYCSKVFGTDSSLQIHLRSHTGERPFVCSVCGHRFTTKGNLKVHFHRH C,F
#
# COMPACT_ATOMS: atom_id res chain seq x y z
N LEU A 3 -9.90 -32.55 -36.60
CA LEU A 3 -9.69 -31.99 -35.26
C LEU A 3 -8.84 -30.72 -35.34
N HIS A 4 -9.47 -29.58 -35.09
CA HIS A 4 -8.75 -28.31 -35.05
C HIS A 4 -7.85 -28.28 -33.82
N ASP A 5 -7.16 -27.16 -33.62
CA ASP A 5 -6.35 -27.04 -32.43
C ASP A 5 -7.20 -26.51 -31.28
N ASP A 6 -6.64 -26.53 -30.08
CA ASP A 6 -7.34 -26.12 -28.87
C ASP A 6 -7.09 -24.65 -28.59
N ASP A 7 -8.14 -23.92 -28.22
CA ASP A 7 -8.10 -22.47 -27.99
C ASP A 7 -7.77 -21.68 -29.27
N SER A 8 -7.52 -22.38 -30.38
CA SER A 8 -7.19 -21.75 -31.64
C SER A 8 -8.40 -21.02 -32.22
N CYS A 9 -8.14 -20.18 -33.22
CA CYS A 9 -9.19 -19.48 -33.97
C CYS A 9 -9.16 -19.98 -35.40
N GLN A 10 -10.34 -20.19 -35.94
CA GLN A 10 -10.49 -20.66 -37.30
C GLN A 10 -11.61 -19.85 -37.94
N VAL A 11 -11.60 -19.75 -39.26
CA VAL A 11 -12.75 -19.24 -39.99
C VAL A 11 -13.44 -20.40 -40.66
N ILE A 12 -14.74 -20.54 -40.39
CA ILE A 12 -15.50 -21.72 -40.80
C ILE A 12 -16.80 -21.24 -41.45
N PRO A 13 -17.20 -21.81 -42.59
CA PRO A 13 -18.45 -21.39 -43.25
C PRO A 13 -19.67 -21.79 -42.43
N VAL A 14 -20.76 -21.07 -42.66
CA VAL A 14 -22.00 -21.38 -41.95
C VAL A 14 -23.15 -21.53 -42.93
N LEU A 15 -23.79 -22.68 -42.90
CA LEU A 15 -24.95 -22.88 -43.73
C LEU A 15 -26.13 -22.10 -43.15
N PRO A 16 -26.75 -21.21 -43.92
CA PRO A 16 -27.79 -20.33 -43.37
C PRO A 16 -29.14 -21.01 -43.09
N GLN A 17 -29.42 -22.17 -43.71
CA GLN A 17 -30.70 -22.82 -43.48
C GLN A 17 -30.77 -23.47 -42.10
N VAL A 18 -29.63 -23.92 -41.57
CA VAL A 18 -29.61 -24.68 -40.33
C VAL A 18 -30.08 -23.83 -39.18
N MET A 19 -31.05 -24.36 -38.43
CA MET A 19 -31.52 -23.76 -37.17
C MET A 19 -31.59 -24.87 -36.12
N MET A 20 -30.41 -25.34 -35.68
CA MET A 20 -30.34 -26.47 -34.77
C MET A 20 -29.12 -26.25 -33.87
N ILE A 21 -29.30 -26.43 -32.57
CA ILE A 21 -28.18 -26.46 -31.63
C ILE A 21 -27.54 -27.85 -31.70
N LEU A 22 -26.37 -27.91 -32.32
CA LEU A 22 -25.67 -29.18 -32.50
C LEU A 22 -24.74 -29.43 -31.31
N ILE A 23 -24.88 -30.60 -30.70
CA ILE A 23 -24.04 -31.00 -29.59
C ILE A 23 -22.94 -31.89 -30.15
N PRO A 24 -21.70 -31.80 -29.67
CA PRO A 24 -20.63 -32.68 -30.19
C PRO A 24 -21.07 -34.15 -30.23
N GLY A 25 -20.74 -34.81 -31.34
CA GLY A 25 -21.10 -36.21 -31.54
C GLY A 25 -22.46 -36.46 -32.16
N GLN A 26 -23.37 -35.50 -32.03
CA GLN A 26 -24.72 -35.67 -32.53
C GLN A 26 -24.72 -35.45 -34.03
N THR A 27 -25.59 -36.16 -34.74
CA THR A 27 -25.62 -36.06 -36.18
C THR A 27 -26.72 -35.10 -36.62
N LEU A 28 -26.44 -34.38 -37.69
CA LEU A 28 -27.31 -33.32 -38.22
C LEU A 28 -27.66 -33.68 -39.65
N PRO A 29 -28.89 -34.09 -39.94
CA PRO A 29 -29.26 -34.36 -41.33
C PRO A 29 -29.71 -33.12 -42.05
N LEU A 30 -29.43 -33.08 -43.34
CA LEU A 30 -29.70 -31.92 -44.17
C LEU A 30 -30.21 -32.34 -45.54
N GLN A 31 -31.10 -31.49 -46.09
CA GLN A 31 -31.58 -31.56 -47.47
C GLN A 31 -31.44 -30.17 -48.06
N LEU A 32 -30.75 -30.06 -49.20
CA LEU A 32 -30.40 -28.76 -49.76
C LEU A 32 -30.83 -28.63 -51.22
N PHE A 33 -31.66 -27.62 -51.54
CA PHE A 33 -32.05 -27.40 -52.93
C PHE A 33 -31.30 -26.26 -53.60
N HIS A 34 -30.83 -25.28 -52.83
CA HIS A 34 -30.25 -24.05 -53.37
C HIS A 34 -28.82 -24.29 -53.85
N PRO A 35 -28.46 -23.76 -55.02
CA PRO A 35 -27.14 -24.10 -55.59
C PRO A 35 -26.00 -23.54 -54.77
N GLN A 36 -26.14 -22.34 -54.22
CA GLN A 36 -25.03 -21.76 -53.45
C GLN A 36 -24.65 -22.71 -52.32
N GLU A 37 -25.63 -23.20 -51.56
CA GLU A 37 -25.28 -24.14 -50.51
C GLU A 37 -24.87 -25.52 -51.06
N VAL A 38 -25.48 -25.97 -52.17
CA VAL A 38 -25.06 -27.25 -52.75
C VAL A 38 -23.60 -27.21 -53.16
N SER A 39 -23.18 -26.14 -53.84
CA SER A 39 -21.76 -26.03 -54.16
C SER A 39 -20.93 -25.81 -52.89
N MET A 40 -21.55 -25.24 -51.85
CA MET A 40 -20.84 -25.06 -50.59
C MET A 40 -20.54 -26.39 -49.93
N VAL A 41 -21.48 -27.34 -49.99
CA VAL A 41 -21.23 -28.65 -49.40
C VAL A 41 -20.17 -29.39 -50.21
N ARG A 42 -20.22 -29.23 -51.53
CA ARG A 42 -19.31 -29.93 -52.39
C ARG A 42 -17.88 -29.48 -52.19
N ASN A 43 -17.68 -28.20 -51.89
CA ASN A 43 -16.32 -27.75 -51.65
C ASN A 43 -15.82 -28.14 -50.27
N LEU A 44 -16.74 -28.33 -49.33
CA LEU A 44 -16.33 -28.82 -48.02
C LEU A 44 -15.83 -30.26 -48.12
N ILE A 45 -16.57 -31.14 -48.80
CA ILE A 45 -16.18 -32.54 -49.04
C ILE A 45 -14.89 -32.63 -49.84
N GLN A 46 -13.86 -31.94 -49.39
CA GLN A 46 -12.60 -31.95 -50.10
C GLN A 46 -11.49 -31.42 -49.21
N LYS A 47 -11.76 -30.28 -48.59
CA LYS A 47 -10.79 -29.64 -47.72
C LYS A 47 -10.89 -30.31 -46.37
N ASP A 48 -11.73 -29.76 -45.50
CA ASP A 48 -11.83 -30.17 -44.11
C ASP A 48 -13.11 -30.92 -43.81
N ARG A 49 -14.16 -30.72 -44.59
CA ARG A 49 -15.49 -31.27 -44.42
C ARG A 49 -16.24 -30.66 -43.25
N THR A 50 -15.66 -29.67 -42.55
CA THR A 50 -16.32 -29.08 -41.40
C THR A 50 -16.89 -27.70 -41.71
N PHE A 51 -18.11 -27.46 -41.22
CA PHE A 51 -18.74 -26.14 -41.21
C PHE A 51 -19.22 -25.87 -39.79
N ALA A 52 -19.67 -24.65 -39.55
CA ALA A 52 -20.06 -24.20 -38.22
C ALA A 52 -21.57 -24.11 -38.09
N VAL A 53 -22.08 -24.56 -36.95
CA VAL A 53 -23.51 -24.57 -36.68
C VAL A 53 -23.73 -23.70 -35.46
N LEU A 54 -24.33 -22.54 -35.65
CA LEU A 54 -24.51 -21.62 -34.54
C LEU A 54 -25.68 -22.05 -33.68
N ALA A 55 -25.52 -21.84 -32.37
CA ALA A 55 -26.53 -22.13 -31.35
C ALA A 55 -27.19 -20.81 -30.98
N TYR A 56 -28.39 -20.60 -31.51
CA TYR A 56 -29.08 -19.33 -31.41
C TYR A 56 -29.77 -19.13 -30.07
N SER A 57 -29.65 -17.92 -29.54
CA SER A 57 -30.25 -17.53 -28.28
C SER A 57 -31.74 -17.30 -28.50
N GLN A 60 -34.21 -15.74 -30.52
CA GLN A 60 -33.43 -16.30 -31.63
C GLN A 60 -32.89 -15.20 -32.51
N GLU A 61 -33.78 -14.59 -33.30
CA GLU A 61 -33.43 -13.62 -34.34
C GLU A 61 -32.27 -14.17 -35.17
N ARG A 62 -31.09 -13.56 -35.04
CA ARG A 62 -29.85 -14.14 -35.54
C ARG A 62 -28.73 -14.05 -34.50
N GLU A 63 -29.08 -13.94 -33.22
CA GLU A 63 -28.13 -13.76 -32.12
C GLU A 63 -27.57 -15.11 -31.66
N ALA A 64 -26.31 -15.40 -32.02
CA ALA A 64 -25.61 -16.62 -31.59
C ALA A 64 -24.32 -16.28 -30.86
N GLN A 65 -24.03 -17.00 -29.77
CA GLN A 65 -22.85 -16.75 -28.95
C GLN A 65 -21.94 -17.98 -28.78
N PHE A 66 -22.43 -19.18 -29.08
CA PHE A 66 -21.61 -20.38 -29.18
C PHE A 66 -22.13 -21.20 -30.35
N GLY A 67 -21.45 -22.30 -30.64
CA GLY A 67 -21.85 -23.18 -31.71
C GLY A 67 -20.98 -24.41 -31.71
N THR A 68 -21.04 -25.13 -32.83
CA THR A 68 -20.27 -26.37 -32.93
C THR A 68 -19.83 -26.62 -34.36
N THR A 69 -18.57 -26.99 -34.55
CA THR A 69 -18.17 -27.47 -35.86
C THR A 69 -18.95 -28.75 -36.16
N ALA A 70 -19.29 -28.92 -37.43
CA ALA A 70 -19.98 -30.10 -37.92
C ALA A 70 -19.20 -30.64 -39.10
N GLU A 71 -19.04 -31.97 -39.18
CA GLU A 71 -18.21 -32.64 -40.17
C GLU A 71 -19.07 -33.53 -41.07
N ILE A 72 -18.99 -33.29 -42.38
CA ILE A 72 -19.77 -34.07 -43.33
C ILE A 72 -19.20 -35.48 -43.41
N TYR A 73 -20.07 -36.47 -43.23
CA TYR A 73 -19.69 -37.86 -43.40
C TYR A 73 -20.57 -38.64 -44.37
N ALA A 74 -21.65 -38.03 -44.88
CA ALA A 74 -22.54 -38.73 -45.79
C ALA A 74 -23.08 -37.75 -46.84
N TYR A 75 -23.29 -38.26 -48.05
CA TYR A 75 -23.62 -37.40 -49.18
C TYR A 75 -24.38 -38.18 -50.25
N ARG A 76 -25.55 -37.68 -50.63
CA ARG A 76 -26.34 -38.39 -51.63
C ARG A 76 -26.98 -37.34 -52.52
N GLU A 77 -26.93 -37.59 -53.82
CA GLU A 77 -27.57 -36.74 -54.80
C GLU A 77 -28.80 -37.46 -55.32
N GLU A 78 -29.89 -36.72 -55.42
CA GLU A 78 -31.08 -37.16 -56.12
C GLU A 78 -31.38 -36.05 -57.12
N GLN A 79 -31.47 -36.39 -58.41
CA GLN A 79 -31.80 -35.33 -59.37
C GLN A 79 -33.22 -35.46 -59.89
N ASP A 80 -34.21 -35.55 -59.00
CA ASP A 80 -35.57 -35.86 -59.41
C ASP A 80 -36.40 -34.60 -59.72
N PHE A 81 -37.22 -34.70 -60.78
CA PHE A 81 -38.14 -33.65 -61.26
C PHE A 81 -37.41 -32.41 -61.80
N GLY A 82 -36.20 -32.60 -62.34
CA GLY A 82 -35.44 -31.47 -62.85
C GLY A 82 -34.79 -30.60 -61.80
N ILE A 83 -34.74 -31.04 -60.54
CA ILE A 83 -34.18 -30.26 -59.44
C ILE A 83 -33.18 -31.15 -58.70
N GLU A 84 -31.95 -30.64 -58.55
CA GLU A 84 -30.88 -31.33 -57.82
C GLU A 84 -31.09 -31.16 -56.33
N ILE A 85 -31.51 -32.23 -55.66
CA ILE A 85 -31.70 -32.26 -54.21
C ILE A 85 -30.55 -33.04 -53.63
N VAL A 86 -29.82 -32.42 -52.70
CA VAL A 86 -28.65 -33.02 -52.08
C VAL A 86 -28.97 -33.26 -50.60
N LYS A 87 -28.92 -34.52 -50.18
CA LYS A 87 -29.08 -34.88 -48.78
C LYS A 87 -27.69 -35.13 -48.21
N VAL A 88 -27.35 -34.45 -47.13
CA VAL A 88 -26.04 -34.64 -46.53
C VAL A 88 -26.20 -34.79 -45.02
N LYS A 89 -25.47 -35.75 -44.46
CA LYS A 89 -25.46 -35.97 -43.02
C LYS A 89 -24.16 -35.42 -42.42
N ALA A 90 -24.28 -34.67 -41.33
CA ALA A 90 -23.10 -34.14 -40.67
C ALA A 90 -23.06 -34.63 -39.23
N ILE A 91 -21.86 -34.60 -38.63
CA ILE A 91 -21.70 -34.94 -37.21
C ILE A 91 -20.96 -33.79 -36.52
N GLY A 92 -21.46 -33.40 -35.34
CA GLY A 92 -20.87 -32.30 -34.60
C GLY A 92 -19.57 -32.70 -33.91
N ARG A 93 -18.64 -31.75 -33.86
CA ARG A 93 -17.30 -32.11 -33.41
C ARG A 93 -16.83 -31.30 -32.22
N GLN A 94 -16.41 -30.06 -32.46
CA GLN A 94 -15.80 -29.22 -31.45
C GLN A 94 -16.67 -28.01 -31.16
N ARG A 95 -16.76 -27.65 -29.88
CA ARG A 95 -17.48 -26.45 -29.45
C ARG A 95 -16.63 -25.21 -29.62
N PHE A 96 -17.29 -24.07 -29.83
CA PHE A 96 -16.58 -22.80 -29.96
C PHE A 96 -17.49 -21.67 -29.51
N LYS A 97 -16.85 -20.55 -29.15
CA LYS A 97 -17.53 -19.29 -28.87
C LYS A 97 -17.25 -18.34 -30.02
N VAL A 98 -18.29 -17.67 -30.50
CA VAL A 98 -18.20 -16.90 -31.74
C VAL A 98 -17.52 -15.57 -31.47
N LEU A 99 -16.66 -15.15 -32.40
CA LEU A 99 -15.97 -13.88 -32.30
C LEU A 99 -16.48 -12.85 -33.30
N GLU A 100 -16.62 -13.22 -34.58
CA GLU A 100 -17.22 -12.34 -35.57
C GLU A 100 -17.81 -13.21 -36.67
N LEU A 101 -18.98 -12.80 -37.17
CA LEU A 101 -19.66 -13.55 -38.23
C LEU A 101 -19.88 -12.58 -39.39
N ARG A 102 -18.94 -12.60 -40.35
CA ARG A 102 -18.96 -11.72 -41.50
C ARG A 102 -19.73 -12.40 -42.64
N THR A 103 -20.85 -11.81 -43.06
CA THR A 103 -21.70 -12.37 -44.10
C THR A 103 -21.13 -12.06 -45.49
N GLN A 104 -21.10 -13.08 -46.35
CA GLN A 104 -20.40 -13.01 -47.63
C GLN A 104 -21.37 -12.87 -48.80
N SER A 105 -20.81 -12.50 -49.96
CA SER A 105 -21.62 -12.13 -51.13
C SER A 105 -22.62 -13.23 -51.52
N ASP A 106 -22.15 -14.48 -51.66
CA ASP A 106 -23.03 -15.58 -52.08
C ASP A 106 -24.15 -15.83 -51.08
N GLY A 107 -23.90 -15.60 -49.79
CA GLY A 107 -24.93 -15.84 -48.81
C GLY A 107 -24.36 -16.46 -47.56
N ILE A 108 -23.54 -17.51 -47.74
CA ILE A 108 -22.95 -18.21 -46.62
C ILE A 108 -22.17 -17.22 -45.77
N GLN A 109 -22.50 -17.15 -44.49
CA GLN A 109 -21.82 -16.26 -43.56
C GLN A 109 -20.64 -17.04 -43.00
N GLN A 110 -19.47 -16.40 -43.00
CA GLN A 110 -18.28 -17.00 -42.40
C GLN A 110 -18.16 -16.60 -40.93
N ALA A 111 -17.50 -17.46 -40.15
CA ALA A 111 -17.45 -17.28 -38.71
C ALA A 111 -16.02 -17.41 -38.20
N LYS A 112 -15.54 -16.39 -37.47
CA LYS A 112 -14.30 -16.48 -36.70
C LYS A 112 -14.66 -16.98 -35.30
N VAL A 113 -14.24 -18.19 -34.99
CA VAL A 113 -14.63 -18.82 -33.73
C VAL A 113 -13.37 -19.20 -32.97
N GLN A 114 -13.49 -19.25 -31.65
CA GLN A 114 -12.42 -19.72 -30.78
C GLN A 114 -12.73 -21.14 -30.34
N ILE A 115 -11.88 -22.09 -30.73
CA ILE A 115 -12.16 -23.50 -30.46
C ILE A 115 -12.07 -23.75 -28.96
N LEU A 116 -13.18 -24.16 -28.35
CA LEU A 116 -13.23 -24.35 -26.90
C LEU A 116 -12.55 -25.67 -26.49
N PRO A 117 -11.74 -25.67 -25.42
CA PRO A 117 -11.12 -26.93 -24.99
C PRO A 117 -12.09 -27.71 -24.12
N GLU A 118 -11.78 -28.98 -23.93
CA GLU A 118 -12.59 -29.84 -23.08
C GLU A 118 -11.87 -30.07 -21.76
N CYS A 119 -12.46 -29.58 -20.68
CA CYS A 119 -11.85 -29.65 -19.35
C CYS A 119 -11.92 -31.07 -18.79
N VAL A 120 -10.76 -31.70 -18.68
CA VAL A 120 -10.59 -33.01 -18.07
C VAL A 120 -10.06 -32.81 -16.65
N LEU A 121 -10.69 -33.45 -15.68
CA LEU A 121 -10.19 -33.28 -14.34
C LEU A 121 -9.70 -34.61 -13.79
N PRO A 122 -8.69 -34.62 -12.90
CA PRO A 122 -8.25 -35.88 -12.31
C PRO A 122 -9.26 -36.37 -11.32
N SER A 123 -9.04 -37.55 -10.78
CA SER A 123 -9.97 -38.02 -9.78
C SER A 123 -9.97 -37.08 -8.59
N THR A 124 -11.08 -37.08 -7.89
CA THR A 124 -11.16 -36.20 -6.74
C THR A 124 -10.22 -36.64 -5.61
N MET A 125 -9.69 -37.87 -5.64
CA MET A 125 -8.79 -38.41 -4.62
C MET A 125 -7.33 -38.41 -5.02
N SER A 126 -7.00 -38.11 -6.27
CA SER A 126 -5.61 -38.12 -6.72
C SER A 126 -4.72 -37.17 -5.93
N ALA A 127 -5.29 -36.13 -5.32
CA ALA A 127 -4.51 -35.19 -4.54
C ALA A 127 -4.13 -35.77 -3.18
N VAL A 128 -5.03 -36.51 -2.57
CA VAL A 128 -4.86 -36.97 -1.19
C VAL A 128 -4.42 -38.42 -1.07
N GLN A 129 -4.64 -39.24 -2.10
CA GLN A 129 -4.38 -40.69 -2.02
C GLN A 129 -3.02 -41.00 -1.42
N LEU A 130 -2.99 -41.86 -0.39
CA LEU A 130 -1.72 -42.24 0.26
C LEU A 130 -0.95 -43.19 -0.63
N GLU A 131 0.35 -42.94 -0.78
CA GLU A 131 1.14 -43.73 -1.72
C GLU A 131 1.12 -45.22 -1.38
N SER A 132 0.93 -45.56 -0.09
CA SER A 132 0.86 -46.97 0.28
C SER A 132 -0.37 -47.68 -0.28
N LEU A 133 -1.40 -46.92 -0.66
CA LEU A 133 -2.65 -47.44 -1.20
C LEU A 133 -2.85 -47.06 -2.66
N ASN A 134 -1.83 -46.51 -3.31
CA ASN A 134 -1.85 -46.45 -4.77
C ASN A 134 -1.92 -47.86 -5.34
N LYS A 135 -1.25 -48.81 -4.68
CA LYS A 135 -1.21 -50.21 -5.08
C LYS A 135 -2.59 -50.85 -5.11
N CYS A 136 -3.60 -50.18 -4.54
CA CYS A 136 -4.96 -50.69 -4.43
C CYS A 136 -5.98 -49.88 -5.24
N GLN A 137 -5.54 -49.00 -6.15
CA GLN A 137 -6.48 -48.12 -6.86
C GLN A 137 -7.10 -48.78 -8.08
N ILE A 138 -6.61 -49.95 -8.46
CA ILE A 138 -7.16 -50.70 -9.57
C ILE A 138 -8.02 -51.82 -8.97
N PHE A 139 -9.34 -51.87 -9.39
CA PHE A 139 -10.33 -52.83 -8.90
C PHE A 139 -10.65 -53.88 -9.95
N PRO A 140 -10.89 -55.16 -9.54
CA PRO A 140 -11.53 -56.11 -10.46
C PRO A 140 -13.01 -55.75 -10.70
N SER A 141 -13.36 -55.25 -11.89
CA SER A 141 -14.62 -54.55 -12.11
C SER A 141 -15.82 -55.51 -12.25
N LYS A 142 -17.00 -54.92 -12.47
CA LYS A 142 -18.26 -55.65 -12.48
C LYS A 142 -18.27 -56.84 -13.45
N SER A 151 -24.79 -55.57 -9.88
CA SER A 151 -24.98 -55.66 -8.44
C SER A 151 -24.83 -54.29 -7.76
N TYR A 152 -25.50 -54.12 -6.62
CA TYR A 152 -25.40 -52.89 -5.83
C TYR A 152 -24.63 -53.06 -4.53
N LYS A 153 -24.23 -54.27 -4.17
CA LYS A 153 -23.20 -54.43 -3.16
C LYS A 153 -21.83 -54.21 -3.75
N TRP A 154 -21.70 -54.41 -5.06
CA TRP A 154 -20.46 -54.07 -5.75
C TRP A 154 -20.22 -52.58 -5.69
N TRP A 155 -21.26 -51.78 -5.95
CA TRP A 155 -21.09 -50.34 -5.89
C TRP A 155 -20.83 -49.86 -4.47
N GLN A 156 -21.27 -50.61 -3.46
CA GLN A 156 -20.91 -50.25 -2.09
C GLN A 156 -19.42 -50.47 -1.83
N LYS A 157 -18.83 -51.53 -2.40
CA LYS A 157 -17.38 -51.71 -2.28
C LYS A 157 -16.62 -50.62 -3.07
N TYR A 158 -17.04 -50.32 -4.30
CA TYR A 158 -16.37 -49.30 -5.12
C TYR A 158 -16.23 -47.98 -4.37
N GLN A 159 -17.26 -47.59 -3.64
CA GLN A 159 -17.19 -46.33 -2.91
C GLN A 159 -16.26 -46.45 -1.70
N LYS A 160 -16.34 -47.56 -0.94
CA LYS A 160 -15.50 -47.71 0.24
C LYS A 160 -14.04 -47.76 -0.11
N ARG A 161 -13.70 -48.27 -1.30
CA ARG A 161 -12.29 -48.39 -1.68
C ARG A 161 -11.79 -47.22 -2.50
N LYS A 162 -12.58 -46.72 -3.45
CA LYS A 162 -12.09 -45.62 -4.28
C LYS A 162 -11.95 -44.34 -3.47
N PHE A 163 -12.84 -44.10 -2.50
CA PHE A 163 -12.80 -42.91 -1.67
C PHE A 163 -12.42 -43.22 -0.23
N HIS A 164 -11.56 -44.21 0.00
CA HIS A 164 -11.10 -44.47 1.36
C HIS A 164 -10.41 -43.24 1.95
N CYS A 165 -9.66 -42.52 1.12
CA CYS A 165 -8.87 -41.39 1.63
C CYS A 165 -9.70 -40.14 1.90
N ALA A 166 -11.03 -40.20 1.82
CA ALA A 166 -11.83 -39.06 2.28
C ALA A 166 -11.61 -38.80 3.76
N ASN A 167 -11.13 -39.81 4.50
CA ASN A 167 -10.89 -39.67 5.94
C ASN A 167 -9.78 -38.68 6.25
N LEU A 168 -8.99 -38.29 5.23
CA LEU A 168 -7.96 -37.26 5.30
C LEU A 168 -8.47 -35.86 4.94
N THR A 169 -9.68 -35.74 4.42
CA THR A 169 -10.31 -34.48 4.10
C THR A 169 -11.49 -34.23 5.04
N SER A 170 -12.13 -33.08 4.87
CA SER A 170 -13.21 -32.67 5.73
C SER A 170 -14.58 -33.02 5.16
N TRP A 171 -14.66 -34.09 4.35
CA TRP A 171 -15.85 -34.59 3.68
C TRP A 171 -15.90 -36.11 3.65
N PRO A 172 -17.09 -36.69 3.66
CA PRO A 172 -17.24 -38.15 3.60
C PRO A 172 -17.17 -38.71 2.17
N ARG A 173 -17.19 -40.04 2.09
CA ARG A 173 -17.13 -40.71 0.79
C ARG A 173 -18.40 -40.49 -0.03
N TRP A 174 -19.55 -40.35 0.62
CA TRP A 174 -20.76 -40.27 -0.19
C TRP A 174 -20.86 -38.95 -0.93
N LEU A 175 -20.31 -37.87 -0.37
CA LEU A 175 -20.24 -36.63 -1.13
C LEU A 175 -19.30 -36.80 -2.33
N TYR A 176 -18.17 -37.48 -2.14
CA TYR A 176 -17.24 -37.66 -3.25
C TYR A 176 -17.86 -38.53 -4.35
N SER A 177 -18.73 -39.47 -3.99
CA SER A 177 -19.34 -40.26 -5.03
C SER A 177 -20.19 -39.39 -5.94
N LEU A 178 -20.81 -38.32 -5.39
CA LEU A 178 -21.66 -37.40 -6.16
C LEU A 178 -20.88 -36.57 -7.18
N TYR A 179 -19.55 -36.56 -7.10
CA TYR A 179 -18.73 -35.97 -8.14
C TYR A 179 -17.83 -36.99 -8.83
N ASP A 180 -18.06 -38.28 -8.64
CA ASP A 180 -17.31 -39.34 -9.31
C ASP A 180 -17.97 -39.61 -10.65
N ALA A 181 -17.23 -39.45 -11.75
CA ALA A 181 -17.83 -39.65 -13.08
C ALA A 181 -18.43 -41.03 -13.23
N GLU A 182 -17.65 -42.07 -12.90
CA GLU A 182 -18.07 -43.45 -13.08
C GLU A 182 -19.40 -43.73 -12.38
N THR A 183 -19.58 -43.17 -11.18
CA THR A 183 -20.85 -43.29 -10.48
C THR A 183 -21.95 -42.53 -11.21
N LEU A 184 -21.65 -41.33 -11.72
CA LEU A 184 -22.70 -40.52 -12.30
C LEU A 184 -23.33 -41.22 -13.50
N MET A 185 -22.50 -41.85 -14.34
CA MET A 185 -23.02 -42.56 -15.50
C MET A 185 -23.84 -43.78 -15.13
N ASP A 186 -23.40 -44.55 -14.15
CA ASP A 186 -24.18 -45.71 -13.76
C ASP A 186 -25.56 -45.27 -13.31
N ARG A 187 -25.66 -44.10 -12.69
CA ARG A 187 -26.96 -43.58 -12.31
C ARG A 187 -27.72 -43.06 -13.51
N ILE A 188 -27.06 -42.33 -14.42
CA ILE A 188 -27.73 -41.84 -15.62
C ILE A 188 -28.21 -43.02 -16.48
N LYS A 189 -27.31 -43.97 -16.74
CA LYS A 189 -27.64 -45.11 -17.58
C LYS A 189 -28.64 -46.04 -16.92
N LYS A 190 -28.87 -45.91 -15.62
CA LYS A 190 -30.00 -46.60 -15.01
C LYS A 190 -31.33 -46.14 -15.60
N GLN A 191 -31.49 -44.83 -15.80
CA GLN A 191 -32.77 -44.32 -16.28
C GLN A 191 -32.89 -44.40 -17.80
N LEU A 192 -31.78 -44.37 -18.52
CA LEU A 192 -31.89 -44.56 -19.95
C LEU A 192 -32.36 -45.96 -20.27
N ARG A 193 -31.99 -46.93 -19.43
CA ARG A 193 -32.52 -48.27 -19.62
C ARG A 193 -34.03 -48.32 -19.40
N GLU A 194 -34.57 -47.33 -18.69
CA GLU A 194 -36.02 -47.23 -18.54
C GLU A 194 -36.70 -46.69 -19.79
N TRP A 195 -35.97 -45.95 -20.62
CA TRP A 195 -36.54 -45.43 -21.85
C TRP A 195 -36.29 -46.33 -23.06
N ASP A 196 -35.34 -47.26 -22.94
CA ASP A 196 -34.90 -48.07 -24.08
C ASP A 196 -34.68 -49.51 -23.62
N GLU A 197 -35.54 -50.42 -24.08
CA GLU A 197 -35.38 -51.83 -23.79
C GLU A 197 -34.30 -52.47 -24.65
N ASN A 198 -34.04 -51.91 -25.83
CA ASN A 198 -33.00 -52.35 -26.75
C ASN A 198 -31.62 -51.81 -26.38
N LEU A 199 -31.45 -51.39 -25.13
CA LEU A 199 -30.25 -50.69 -24.70
C LEU A 199 -29.35 -51.63 -23.91
N LYS A 200 -28.24 -52.05 -24.52
CA LYS A 200 -27.25 -52.83 -23.80
C LYS A 200 -26.22 -51.89 -23.15
N ASP A 201 -25.53 -52.41 -22.12
CA ASP A 201 -24.55 -51.58 -21.42
C ASP A 201 -23.42 -51.15 -22.35
N ASP A 202 -23.18 -51.92 -23.41
CA ASP A 202 -22.11 -51.65 -24.37
C ASP A 202 -22.53 -50.67 -25.46
N SER A 203 -23.82 -50.33 -25.55
CA SER A 203 -24.26 -49.42 -26.58
C SER A 203 -23.90 -47.98 -26.27
N LEU A 204 -23.43 -47.71 -25.05
CA LEU A 204 -23.12 -46.40 -24.50
C LEU A 204 -21.62 -46.18 -24.45
N PRO A 205 -21.16 -44.96 -24.73
CA PRO A 205 -19.73 -44.71 -24.69
C PRO A 205 -19.17 -44.96 -23.31
N SER A 206 -17.86 -45.23 -23.24
CA SER A 206 -17.18 -45.42 -21.96
C SER A 206 -16.43 -44.18 -21.50
N ASN A 207 -16.00 -43.34 -22.43
CA ASN A 207 -15.42 -42.06 -22.09
C ASN A 207 -16.46 -41.16 -21.42
N PRO A 208 -16.14 -40.51 -20.30
CA PRO A 208 -17.09 -39.54 -19.73
C PRO A 208 -17.36 -38.34 -20.62
N ILE A 209 -16.41 -37.95 -21.45
CA ILE A 209 -16.65 -36.84 -22.35
C ILE A 209 -17.74 -37.20 -23.35
N ASP A 210 -17.51 -38.28 -24.11
CA ASP A 210 -18.45 -38.68 -25.15
C ASP A 210 -19.79 -39.08 -24.55
N PHE A 211 -19.75 -39.71 -23.38
CA PHE A 211 -20.99 -40.17 -22.76
C PHE A 211 -21.88 -39.00 -22.36
N SER A 212 -21.30 -37.91 -21.85
CA SER A 212 -22.14 -36.77 -21.50
C SER A 212 -22.74 -36.16 -22.75
N TYR A 213 -21.97 -36.10 -23.83
CA TYR A 213 -22.49 -35.49 -25.02
C TYR A 213 -23.61 -36.32 -25.64
N ARG A 214 -23.50 -37.65 -25.61
CA ARG A 214 -24.59 -38.49 -26.10
C ARG A 214 -25.86 -38.27 -25.31
N VAL A 215 -25.75 -38.17 -23.98
CA VAL A 215 -26.91 -37.88 -23.13
C VAL A 215 -27.46 -36.50 -23.43
N ALA A 216 -26.60 -35.54 -23.75
CA ALA A 216 -27.06 -34.21 -24.12
C ALA A 216 -27.99 -34.25 -25.33
N ALA A 217 -27.63 -35.03 -26.35
CA ALA A 217 -28.43 -35.11 -27.57
C ALA A 217 -29.68 -35.96 -27.41
N CYS A 218 -29.76 -36.76 -26.36
CA CYS A 218 -30.88 -37.65 -26.14
C CYS A 218 -31.98 -37.05 -25.30
N LEU A 219 -31.67 -36.13 -24.42
CA LEU A 219 -32.74 -35.63 -23.58
C LEU A 219 -33.68 -34.71 -24.36
N PRO A 220 -34.97 -34.88 -24.18
CA PRO A 220 -35.93 -33.91 -24.72
C PRO A 220 -35.91 -32.63 -23.89
N ILE A 221 -35.05 -31.70 -24.28
CA ILE A 221 -34.94 -30.42 -23.59
C ILE A 221 -35.13 -29.31 -24.61
N ASP A 222 -35.52 -28.14 -24.13
CA ASP A 222 -35.66 -27.02 -25.03
C ASP A 222 -34.29 -26.43 -25.35
N ASP A 223 -34.26 -25.41 -26.20
CA ASP A 223 -32.98 -24.86 -26.60
C ASP A 223 -32.24 -24.27 -25.41
N VAL A 224 -32.95 -23.73 -24.42
CA VAL A 224 -32.21 -23.02 -23.37
C VAL A 224 -31.37 -24.01 -22.56
N LEU A 225 -31.96 -25.15 -22.21
CA LEU A 225 -31.18 -26.15 -21.47
C LEU A 225 -30.13 -26.76 -22.39
N ARG A 226 -30.48 -27.04 -23.64
CA ARG A 226 -29.51 -27.53 -24.60
C ARG A 226 -28.32 -26.57 -24.73
N ILE A 227 -28.56 -25.25 -24.77
CA ILE A 227 -27.44 -24.31 -24.81
C ILE A 227 -26.66 -24.33 -23.50
N GLN A 228 -27.36 -24.40 -22.37
CA GLN A 228 -26.69 -24.35 -21.08
C GLN A 228 -25.71 -25.51 -20.92
N LEU A 229 -26.07 -26.69 -21.41
CA LEU A 229 -25.12 -27.81 -21.33
C LEU A 229 -23.93 -27.57 -22.23
N LEU A 230 -24.14 -26.88 -23.35
CA LEU A 230 -23.02 -26.62 -24.23
C LEU A 230 -22.02 -25.68 -23.57
N LYS A 231 -22.49 -24.74 -22.75
CA LYS A 231 -21.61 -23.81 -22.05
C LYS A 231 -20.79 -24.50 -20.97
N ILE A 232 -21.26 -25.64 -20.48
CA ILE A 232 -20.57 -26.42 -19.45
C ILE A 232 -19.38 -27.17 -20.05
N GLY A 233 -18.20 -26.97 -19.47
CA GLY A 233 -16.96 -27.56 -20.00
C GLY A 233 -16.49 -28.85 -19.38
N SER A 234 -16.47 -28.91 -18.05
CA SER A 234 -16.15 -30.15 -17.35
C SER A 234 -17.24 -31.17 -17.59
N ALA A 235 -16.85 -32.42 -17.89
CA ALA A 235 -17.84 -33.48 -18.05
C ALA A 235 -18.59 -33.75 -16.76
N ILE A 236 -17.89 -33.77 -15.62
CA ILE A 236 -18.53 -33.99 -14.32
C ILE A 236 -19.72 -33.07 -14.18
N GLN A 237 -19.52 -31.78 -14.49
CA GLN A 237 -20.59 -30.82 -14.36
C GLN A 237 -21.71 -31.15 -15.34
N ARG A 238 -21.35 -31.58 -16.56
CA ARG A 238 -22.36 -31.94 -17.55
C ARG A 238 -23.22 -33.10 -17.06
N LEU A 239 -22.57 -34.16 -16.57
CA LEU A 239 -23.28 -35.35 -16.11
C LEU A 239 -24.26 -35.04 -14.98
N ARG A 240 -23.78 -34.28 -13.96
CA ARG A 240 -24.63 -33.91 -12.83
C ARG A 240 -25.80 -33.05 -13.28
N CYS A 241 -25.54 -32.10 -14.17
CA CYS A 241 -26.63 -31.26 -14.64
C CYS A 241 -27.62 -32.09 -15.44
N GLU A 242 -27.13 -33.04 -16.22
CA GLU A 242 -28.01 -33.92 -16.97
C GLU A 242 -28.82 -34.83 -16.04
N LEU A 243 -28.15 -35.45 -15.05
CA LEU A 243 -28.87 -36.29 -14.09
C LEU A 243 -29.91 -35.46 -13.31
N ASP A 244 -29.64 -34.18 -13.13
CA ASP A 244 -30.58 -33.29 -12.44
C ASP A 244 -31.85 -33.05 -13.25
N ILE A 245 -31.67 -32.77 -14.55
CA ILE A 245 -32.81 -32.61 -15.45
C ILE A 245 -33.65 -33.87 -15.45
N MET A 246 -33.00 -35.02 -15.60
CA MET A 246 -33.75 -36.27 -15.66
C MET A 246 -34.61 -36.47 -14.43
N ASN A 247 -34.12 -36.04 -13.27
CA ASN A 247 -34.82 -36.31 -12.02
C ASN A 247 -35.93 -35.30 -11.76
N LYS A 248 -35.65 -34.02 -11.99
CA LYS A 248 -36.56 -32.95 -11.58
C LYS A 248 -37.64 -32.67 -12.63
N CYS A 249 -37.25 -32.57 -13.91
CA CYS A 249 -38.17 -32.26 -15.01
C CYS A 249 -38.88 -33.52 -15.52
N THR A 250 -39.71 -34.08 -14.65
CA THR A 250 -40.48 -35.27 -14.99
C THR A 250 -41.57 -34.98 -16.01
N SER A 251 -42.06 -33.74 -16.06
CA SER A 251 -43.19 -33.34 -16.88
C SER A 251 -42.76 -32.57 -18.13
N LEU A 252 -43.50 -32.74 -19.22
CA LEU A 252 -43.22 -32.06 -20.47
C LEU A 252 -44.41 -31.21 -20.87
N CYS A 253 -44.19 -29.90 -21.03
CA CYS A 253 -45.27 -28.97 -21.31
C CYS A 253 -45.12 -28.33 -22.68
N CYS A 254 -46.22 -27.77 -23.13
CA CYS A 254 -46.23 -27.01 -24.37
C CYS A 254 -45.31 -25.80 -24.22
N LYS A 255 -44.30 -25.68 -25.07
CA LYS A 255 -43.36 -24.59 -24.89
C LYS A 255 -44.02 -23.23 -25.13
N GLN A 256 -45.13 -23.18 -25.87
CA GLN A 256 -45.79 -21.91 -26.18
C GLN A 256 -46.61 -21.37 -25.00
N CYS A 257 -47.70 -22.05 -24.66
CA CYS A 257 -48.53 -21.57 -23.55
C CYS A 257 -47.90 -21.84 -22.19
N GLN A 258 -46.92 -22.75 -22.11
CA GLN A 258 -46.04 -22.97 -20.97
C GLN A 258 -46.70 -23.58 -19.74
N GLU A 259 -48.03 -23.75 -19.72
CA GLU A 259 -48.68 -24.29 -18.54
C GLU A 259 -49.44 -25.57 -18.86
N THR A 260 -49.39 -26.04 -20.11
CA THR A 260 -50.15 -27.20 -20.57
C THR A 260 -49.26 -28.45 -20.60
N GLU A 261 -49.55 -29.40 -19.72
CA GLU A 261 -48.77 -30.63 -19.63
C GLU A 261 -49.18 -31.56 -20.77
N ILE A 262 -48.24 -31.92 -21.64
CA ILE A 262 -48.51 -32.78 -22.79
C ILE A 262 -48.33 -34.25 -22.47
N THR A 263 -47.22 -34.58 -21.82
CA THR A 263 -46.88 -35.94 -21.40
C THR A 263 -45.86 -35.80 -20.27
N THR A 264 -45.54 -36.93 -19.65
CA THR A 264 -44.53 -37.00 -18.59
C THR A 264 -43.47 -38.01 -18.98
N LYS A 265 -42.42 -38.12 -18.16
CA LYS A 265 -41.30 -38.99 -18.47
C LYS A 265 -41.65 -40.46 -18.34
N ASN A 266 -42.68 -40.81 -17.55
CA ASN A 266 -43.04 -42.21 -17.39
C ASN A 266 -43.54 -42.84 -18.67
N GLU A 267 -43.84 -42.03 -19.67
CA GLU A 267 -44.40 -42.47 -20.94
C GLU A 267 -43.36 -42.58 -22.04
N ILE A 268 -42.13 -42.20 -21.78
CA ILE A 268 -41.09 -42.25 -22.80
C ILE A 268 -40.63 -43.68 -23.00
N PHE A 269 -40.56 -44.11 -24.27
CA PHE A 269 -40.18 -45.46 -24.65
C PHE A 269 -39.55 -45.39 -26.03
N SER A 270 -38.90 -46.47 -26.45
CA SER A 270 -38.16 -46.50 -27.71
C SER A 270 -38.86 -47.39 -28.72
N LEU A 271 -39.22 -46.81 -29.86
CA LEU A 271 -39.91 -47.56 -30.89
C LEU A 271 -38.92 -48.20 -31.86
N SER A 272 -37.88 -47.47 -32.23
CA SER A 272 -36.90 -48.00 -33.14
C SER A 272 -35.60 -48.25 -32.39
N LEU A 273 -34.64 -48.85 -33.10
CA LEU A 273 -33.35 -49.14 -32.51
C LEU A 273 -32.62 -47.87 -32.11
N CYS A 274 -32.98 -46.74 -32.71
CA CYS A 274 -32.28 -45.48 -32.57
C CYS A 274 -32.56 -44.74 -31.26
N GLY A 275 -33.32 -45.32 -30.33
CA GLY A 275 -33.53 -44.67 -29.05
C GLY A 275 -34.91 -44.03 -28.93
N PRO A 276 -35.15 -43.28 -27.86
CA PRO A 276 -36.47 -42.66 -27.67
C PRO A 276 -36.66 -41.34 -28.40
N MET A 277 -35.60 -40.75 -28.93
CA MET A 277 -35.70 -39.46 -29.60
C MET A 277 -34.65 -39.41 -30.71
N ALA A 278 -35.08 -39.61 -31.94
CA ALA A 278 -34.17 -39.54 -33.06
C ALA A 278 -34.59 -38.41 -33.99
N ALA A 279 -33.63 -37.95 -34.79
CA ALA A 279 -33.86 -36.87 -35.73
C ALA A 279 -34.41 -37.50 -37.00
N TYR A 280 -35.68 -37.22 -37.28
CA TYR A 280 -36.36 -37.60 -38.51
C TYR A 280 -36.49 -36.38 -39.41
N VAL A 281 -36.66 -36.64 -40.70
CA VAL A 281 -36.75 -35.57 -41.69
C VAL A 281 -38.04 -35.76 -42.48
N ASN A 282 -38.78 -34.67 -42.64
CA ASN A 282 -40.05 -34.66 -43.36
C ASN A 282 -39.81 -34.48 -44.85
N PRO A 283 -40.82 -34.67 -45.68
CA PRO A 283 -40.58 -34.64 -47.13
C PRO A 283 -39.91 -33.38 -47.68
N HIS A 284 -40.04 -32.23 -47.03
CA HIS A 284 -39.51 -30.98 -47.59
C HIS A 284 -38.23 -30.51 -46.89
N GLY A 285 -37.54 -31.40 -46.17
CA GLY A 285 -36.24 -31.11 -45.62
C GLY A 285 -36.21 -30.55 -44.22
N TYR A 286 -37.32 -30.58 -43.49
CA TYR A 286 -37.37 -30.10 -42.11
C TYR A 286 -36.98 -31.24 -41.18
N VAL A 287 -36.09 -30.95 -40.19
CA VAL A 287 -35.68 -31.97 -39.23
C VAL A 287 -36.54 -31.89 -37.98
N HIS A 288 -36.93 -33.05 -37.46
CA HIS A 288 -37.73 -33.18 -36.25
C HIS A 288 -37.08 -34.19 -35.32
N GLU A 289 -36.63 -33.75 -34.16
CA GLU A 289 -36.27 -34.67 -33.10
C GLU A 289 -37.58 -35.12 -32.45
N THR A 290 -37.96 -36.36 -32.68
CA THR A 290 -39.29 -36.85 -32.38
C THR A 290 -39.22 -37.86 -31.24
N LEU A 291 -39.68 -37.45 -30.06
CA LEU A 291 -39.69 -38.29 -28.87
C LEU A 291 -40.98 -39.09 -28.89
N THR A 292 -40.83 -40.41 -28.78
CA THR A 292 -41.96 -41.31 -28.88
C THR A 292 -42.46 -41.63 -27.47
N VAL A 293 -43.75 -41.35 -27.22
CA VAL A 293 -44.31 -41.57 -25.89
C VAL A 293 -45.62 -42.34 -26.04
N TYR A 294 -46.00 -43.01 -24.96
CA TYR A 294 -47.19 -43.85 -24.93
C TYR A 294 -48.46 -43.01 -24.90
N LYS A 295 -48.68 -42.34 -23.79
CA LYS A 295 -49.87 -41.51 -23.62
C LYS A 295 -49.48 -40.04 -23.75
N ALA A 296 -50.44 -39.22 -24.17
CA ALA A 296 -50.28 -37.77 -24.24
C ALA A 296 -51.62 -37.12 -23.92
N CYS A 297 -51.55 -35.87 -23.44
CA CYS A 297 -52.72 -35.11 -22.99
C CYS A 297 -52.80 -33.78 -23.73
N ASN A 298 -53.99 -33.17 -23.66
CA ASN A 298 -54.23 -31.81 -24.12
C ASN A 298 -53.85 -31.63 -25.58
N LEU A 299 -54.27 -32.58 -26.41
CA LEU A 299 -53.92 -32.54 -27.82
C LEU A 299 -55.17 -32.67 -28.68
N ASN A 300 -55.24 -31.87 -29.73
CA ASN A 300 -56.25 -31.98 -30.78
C ASN A 300 -55.63 -32.63 -32.00
N LEU A 301 -56.34 -33.61 -32.57
CA LEU A 301 -55.94 -34.22 -33.82
C LEU A 301 -56.50 -33.42 -35.00
N ILE A 302 -55.73 -33.39 -36.10
CA ILE A 302 -56.10 -32.66 -37.30
C ILE A 302 -56.03 -33.63 -38.49
N GLY A 303 -57.16 -33.84 -39.14
CA GLY A 303 -57.20 -34.67 -40.33
C GLY A 303 -57.39 -36.15 -40.05
N ARG A 304 -57.23 -36.94 -41.12
CA ARG A 304 -57.34 -38.37 -40.95
C ARG A 304 -55.96 -39.00 -41.15
N PRO A 305 -55.69 -40.16 -40.54
CA PRO A 305 -54.33 -40.70 -40.60
C PRO A 305 -53.84 -40.83 -42.03
N SER A 306 -52.57 -40.51 -42.24
CA SER A 306 -51.97 -40.70 -43.55
C SER A 306 -50.71 -41.56 -43.39
N THR A 307 -50.29 -42.18 -44.49
CA THR A 307 -49.08 -42.98 -44.45
C THR A 307 -47.93 -42.35 -45.23
N GLU A 308 -48.18 -41.24 -45.92
CA GLU A 308 -47.15 -40.67 -46.76
C GLU A 308 -45.96 -40.31 -45.92
N HIS A 309 -44.79 -40.71 -46.39
CA HIS A 309 -43.51 -40.44 -45.71
C HIS A 309 -43.56 -40.75 -44.23
N SER A 310 -44.24 -41.84 -43.86
CA SER A 310 -44.35 -42.21 -42.45
C SER A 310 -42.99 -42.67 -41.93
N TRP A 311 -42.49 -42.02 -40.88
CA TRP A 311 -41.15 -42.31 -40.35
C TRP A 311 -41.05 -43.69 -39.72
N PHE A 312 -42.16 -44.22 -39.21
CA PHE A 312 -42.16 -45.55 -38.62
C PHE A 312 -43.00 -46.47 -39.50
N PRO A 313 -42.39 -47.26 -40.39
CA PRO A 313 -43.19 -48.07 -41.31
C PRO A 313 -44.15 -48.99 -40.57
N GLY A 314 -45.35 -49.14 -41.14
CA GLY A 314 -46.45 -49.81 -40.49
C GLY A 314 -47.40 -48.91 -39.74
N TYR A 315 -47.07 -47.64 -39.57
CA TYR A 315 -47.87 -46.71 -38.80
C TYR A 315 -48.34 -45.55 -39.67
N ALA A 316 -49.54 -45.07 -39.37
CA ALA A 316 -50.14 -43.93 -40.04
C ALA A 316 -50.18 -42.75 -39.07
N TRP A 317 -49.73 -41.58 -39.53
CA TRP A 317 -49.60 -40.40 -38.70
C TRP A 317 -50.82 -39.51 -38.80
N THR A 318 -50.97 -38.65 -37.79
CA THR A 318 -52.05 -37.66 -37.71
C THR A 318 -51.53 -36.46 -36.96
N VAL A 319 -51.67 -35.25 -37.53
CA VAL A 319 -51.13 -34.04 -36.90
C VAL A 319 -51.77 -33.78 -35.54
N ALA A 320 -50.95 -33.41 -34.56
CA ALA A 320 -51.42 -33.11 -33.21
C ALA A 320 -51.08 -31.68 -32.84
N GLN A 321 -52.00 -31.03 -32.11
CA GLN A 321 -51.78 -29.66 -31.68
C GLN A 321 -52.28 -29.48 -30.25
N CYS A 322 -51.76 -28.44 -29.59
CA CYS A 322 -52.17 -28.14 -28.23
C CYS A 322 -53.62 -27.65 -28.20
N LYS A 323 -54.41 -28.17 -27.27
CA LYS A 323 -55.79 -27.74 -27.11
C LYS A 323 -55.90 -26.25 -26.79
N ILE A 324 -54.87 -25.65 -26.20
CA ILE A 324 -55.00 -24.31 -25.65
C ILE A 324 -54.53 -23.25 -26.64
N CYS A 325 -53.25 -23.26 -26.98
CA CYS A 325 -52.70 -22.27 -27.90
C CYS A 325 -52.71 -22.71 -29.36
N ALA A 326 -53.13 -23.92 -29.66
CA ALA A 326 -53.13 -24.40 -31.04
C ALA A 326 -51.73 -24.42 -31.68
N SER A 327 -50.67 -24.63 -30.88
CA SER A 327 -49.32 -24.79 -31.45
C SER A 327 -49.11 -26.22 -31.95
N HIS A 328 -48.12 -26.39 -32.83
CA HIS A 328 -47.78 -27.74 -33.28
C HIS A 328 -46.90 -28.41 -32.24
N ILE A 329 -47.35 -29.57 -31.75
CA ILE A 329 -46.60 -30.34 -30.78
C ILE A 329 -46.06 -31.65 -31.36
N GLY A 330 -46.73 -32.24 -32.36
CA GLY A 330 -46.25 -33.48 -32.92
C GLY A 330 -47.26 -34.23 -33.77
N TRP A 331 -47.25 -35.55 -33.69
CA TRP A 331 -48.16 -36.36 -34.47
C TRP A 331 -48.57 -37.58 -33.66
N LYS A 332 -49.79 -38.04 -33.91
CA LYS A 332 -50.28 -39.29 -33.35
C LYS A 332 -50.12 -40.35 -34.43
N PHE A 333 -49.62 -41.53 -34.05
CA PHE A 333 -49.39 -42.63 -34.96
C PHE A 333 -50.30 -43.79 -34.61
N THR A 334 -50.79 -44.48 -35.64
CA THR A 334 -51.70 -45.62 -35.47
C THR A 334 -51.21 -46.79 -36.31
N ALA A 335 -51.43 -47.99 -35.80
CA ALA A 335 -51.03 -49.19 -36.52
C ALA A 335 -51.92 -49.39 -37.75
N THR A 336 -51.29 -49.59 -38.93
CA THR A 336 -52.03 -49.92 -40.15
C THR A 336 -52.24 -51.41 -40.31
N LYS A 337 -51.40 -52.24 -39.72
CA LYS A 337 -51.71 -53.65 -39.57
C LYS A 337 -52.30 -53.83 -38.18
N LYS A 338 -52.54 -55.06 -37.80
CA LYS A 338 -53.18 -55.32 -36.53
C LYS A 338 -52.29 -56.07 -35.55
N ASP A 339 -51.40 -56.93 -36.04
CA ASP A 339 -50.46 -57.67 -35.22
C ASP A 339 -49.42 -56.80 -34.53
N MET A 340 -49.35 -55.51 -34.83
CA MET A 340 -48.26 -54.70 -34.30
C MET A 340 -48.59 -54.13 -32.92
N SER A 341 -47.55 -54.01 -32.11
CA SER A 341 -47.65 -53.30 -30.85
C SER A 341 -46.44 -52.40 -30.69
N PRO A 342 -46.62 -51.16 -30.22
CA PRO A 342 -47.88 -50.56 -29.75
C PRO A 342 -48.89 -50.34 -30.86
N GLN A 343 -50.18 -50.56 -30.61
CA GLN A 343 -51.17 -50.22 -31.62
C GLN A 343 -51.30 -48.71 -31.78
N LYS A 344 -50.80 -47.94 -30.81
CA LYS A 344 -50.86 -46.49 -30.86
C LYS A 344 -49.71 -45.89 -30.06
N PHE A 345 -49.22 -44.73 -30.53
CA PHE A 345 -48.28 -43.91 -29.78
C PHE A 345 -48.25 -42.51 -30.40
N TRP A 346 -47.52 -41.61 -29.74
CA TRP A 346 -47.42 -40.21 -30.15
C TRP A 346 -45.97 -39.88 -30.46
N GLY A 347 -45.73 -39.23 -31.60
CA GLY A 347 -44.42 -38.66 -31.84
C GLY A 347 -44.39 -37.17 -31.55
N LEU A 348 -43.72 -36.76 -30.47
CA LEU A 348 -43.69 -35.36 -30.04
C LEU A 348 -42.41 -34.70 -30.52
N THR A 349 -42.54 -33.52 -31.14
CA THR A 349 -41.38 -32.78 -31.63
C THR A 349 -40.72 -31.99 -30.50
N ARG A 350 -39.40 -32.07 -30.45
CA ARG A 350 -38.67 -31.53 -29.29
C ARG A 350 -38.78 -30.02 -29.23
N SER A 351 -38.80 -29.34 -30.39
CA SER A 351 -38.87 -27.89 -30.41
C SER A 351 -40.12 -27.38 -29.73
N ALA A 352 -41.13 -28.22 -29.59
CA ALA A 352 -42.43 -27.84 -29.05
C ALA A 352 -42.52 -28.04 -27.55
N LEU A 353 -41.59 -28.77 -26.95
CA LEU A 353 -41.76 -29.16 -25.57
C LEU A 353 -40.95 -28.26 -24.64
N LEU A 354 -41.30 -28.33 -23.36
CA LEU A 354 -40.64 -27.55 -22.33
C LEU A 354 -40.69 -28.40 -21.07
N PRO A 355 -39.59 -29.07 -20.72
CA PRO A 355 -39.59 -29.86 -19.49
C PRO A 355 -39.84 -28.93 -18.32
N THR A 356 -40.56 -29.44 -17.31
CA THR A 356 -40.89 -28.65 -16.13
C THR A 356 -40.80 -29.52 -14.90
N ILE A 357 -40.76 -28.85 -13.74
CA ILE A 357 -40.66 -29.46 -12.41
C ILE A 357 -41.99 -29.23 -11.69
N PRO A 358 -42.84 -30.27 -11.52
CA PRO A 358 -44.12 -30.08 -10.80
C PRO A 358 -43.95 -29.64 -9.35
N SER B 2 -5.38 -7.69 -4.74
CA SER B 2 -4.64 -7.76 -3.48
C SER B 2 -3.43 -8.69 -3.63
N TYR B 3 -2.48 -8.48 -2.71
CA TYR B 3 -1.18 -9.12 -2.68
C TYR B 3 -1.00 -9.77 -1.32
N ASN B 4 -0.50 -11.00 -1.32
CA ASN B 4 -0.51 -11.82 -0.13
C ASN B 4 0.85 -12.45 0.11
N TYR B 5 1.07 -12.81 1.37
CA TYR B 5 2.33 -13.32 1.90
C TYR B 5 2.02 -14.64 2.62
N VAL B 6 2.69 -15.73 2.24
CA VAL B 6 2.40 -17.04 2.82
C VAL B 6 3.67 -17.60 3.47
N VAL B 7 3.55 -18.00 4.74
CA VAL B 7 4.68 -18.47 5.52
C VAL B 7 4.28 -19.73 6.28
N THR B 8 5.27 -20.61 6.46
CA THR B 8 5.09 -21.84 7.20
C THR B 8 5.32 -21.59 8.69
N ALA B 9 4.30 -21.91 9.48
CA ALA B 9 4.40 -21.77 10.92
C ALA B 9 4.85 -23.06 11.58
N GLN B 10 4.54 -24.19 10.92
CA GLN B 10 4.89 -25.54 11.37
C GLN B 10 5.13 -26.41 10.15
N LYS B 11 6.33 -27.00 10.04
CA LYS B 11 6.69 -27.81 8.88
C LYS B 11 5.85 -29.08 8.83
N PRO B 12 5.71 -29.66 7.62
CA PRO B 12 4.98 -30.94 7.50
C PRO B 12 5.52 -32.02 8.43
N THR B 13 4.61 -32.64 9.20
CA THR B 13 5.06 -33.62 10.19
C THR B 13 4.87 -35.08 9.77
N ALA B 14 3.97 -35.37 8.82
CA ALA B 14 3.76 -36.77 8.46
C ALA B 14 4.93 -37.30 7.64
N VAL B 15 5.14 -38.62 7.73
CA VAL B 15 6.22 -39.32 7.00
C VAL B 15 5.62 -40.01 5.78
N ASN B 16 6.17 -39.75 4.60
CA ASN B 16 5.75 -40.51 3.43
C ASN B 16 6.89 -41.38 2.87
N GLY B 17 8.02 -41.47 3.59
CA GLY B 17 9.08 -42.33 3.13
C GLY B 17 10.21 -42.54 4.12
N CYS B 18 10.87 -43.68 4.01
CA CYS B 18 11.99 -44.00 4.88
C CYS B 18 12.78 -45.12 4.24
N VAL B 19 14.06 -44.87 3.95
CA VAL B 19 14.97 -45.89 3.48
C VAL B 19 16.20 -45.82 4.39
N THR B 20 16.92 -46.93 4.52
CA THR B 20 18.20 -46.95 5.21
C THR B 20 19.29 -47.28 4.19
N GLY B 21 20.53 -47.04 4.60
CA GLY B 21 21.69 -47.23 3.73
C GLY B 21 22.89 -46.47 4.28
N HIS B 22 23.87 -46.22 3.41
CA HIS B 22 25.12 -45.59 3.83
C HIS B 22 25.34 -44.30 3.03
N PHE B 23 24.60 -43.27 3.40
CA PHE B 23 24.57 -42.06 2.60
C PHE B 23 25.65 -41.08 3.04
N THR B 24 25.90 -40.98 4.34
CA THR B 24 26.86 -40.01 4.87
C THR B 24 28.28 -40.57 4.92
N SER B 25 28.48 -41.67 5.64
CA SER B 25 29.75 -42.39 5.61
C SER B 25 29.55 -43.78 5.05
N ALA B 26 30.60 -44.32 4.41
CA ALA B 26 30.49 -45.70 3.97
C ALA B 26 30.27 -46.63 5.15
N GLU B 27 30.77 -46.23 6.32
CA GLU B 27 30.75 -47.02 7.55
C GLU B 27 29.53 -46.73 8.42
N ASP B 28 28.93 -45.54 8.29
CA ASP B 28 27.74 -45.18 9.05
C ASP B 28 26.49 -45.85 8.47
N LEU B 29 25.50 -46.07 9.33
CA LEU B 29 24.18 -46.53 8.89
C LEU B 29 23.21 -45.37 9.02
N ASN B 30 22.66 -44.93 7.89
CA ASN B 30 21.82 -43.76 7.87
C ASN B 30 20.36 -44.18 7.84
N LEU B 31 19.52 -43.34 8.44
CA LEU B 31 18.07 -43.41 8.29
C LEU B 31 17.64 -42.12 7.60
N LEU B 32 17.02 -42.25 6.43
CA LEU B 32 16.56 -41.12 5.61
C LEU B 32 15.04 -41.08 5.61
N ILE B 33 14.48 -39.96 6.05
CA ILE B 33 13.04 -39.80 6.22
C ILE B 33 12.55 -38.71 5.29
N ALA B 34 11.50 -39.03 4.50
CA ALA B 34 10.88 -38.08 3.57
C ALA B 34 9.58 -37.55 4.18
N LYS B 35 9.51 -36.22 4.34
CA LYS B 35 8.35 -35.50 4.89
C LYS B 35 7.83 -34.49 3.86
N ASN B 36 7.16 -34.99 2.80
CA ASN B 36 6.65 -34.18 1.70
C ASN B 36 7.72 -33.30 1.03
N THR B 37 8.02 -32.15 1.59
CA THR B 37 9.03 -31.27 1.02
C THR B 37 10.34 -31.28 1.81
N ARG B 38 10.39 -32.00 2.92
CA ARG B 38 11.57 -32.07 3.75
C ARG B 38 12.22 -33.44 3.63
N LEU B 39 13.53 -33.45 3.81
CA LEU B 39 14.29 -34.69 3.86
C LEU B 39 15.08 -34.65 5.17
N GLU B 40 15.03 -35.74 5.94
CA GLU B 40 15.75 -35.84 7.19
C GLU B 40 16.77 -36.94 7.09
N ILE B 41 17.95 -36.68 7.67
CA ILE B 41 19.04 -37.66 7.76
C ILE B 41 19.35 -37.90 9.22
N TYR B 42 19.39 -39.18 9.61
CA TYR B 42 19.86 -39.57 10.93
C TYR B 42 20.94 -40.63 10.74
N VAL B 43 21.75 -40.84 11.78
CA VAL B 43 22.59 -42.03 11.84
C VAL B 43 22.05 -42.91 12.95
N VAL B 44 22.00 -44.20 12.69
CA VAL B 44 21.47 -45.15 13.66
C VAL B 44 22.58 -45.51 14.61
N THR B 45 22.30 -45.36 15.91
CA THR B 45 23.29 -45.49 16.98
C THR B 45 23.04 -46.77 17.77
N ALA B 46 23.35 -46.75 19.06
CA ALA B 46 22.93 -47.78 19.99
C ALA B 46 21.79 -47.32 20.88
N GLU B 47 21.75 -46.02 21.20
CA GLU B 47 20.67 -45.43 21.97
C GLU B 47 19.45 -45.13 21.11
N GLY B 48 19.64 -44.69 19.87
CA GLY B 48 18.49 -44.39 19.04
C GLY B 48 18.85 -43.78 17.70
N LEU B 49 18.57 -42.48 17.55
CA LEU B 49 18.87 -41.78 16.31
C LEU B 49 19.60 -40.49 16.62
N ARG B 50 20.67 -40.25 15.89
CA ARG B 50 21.37 -38.99 16.01
C ARG B 50 21.07 -38.16 14.76
N PRO B 51 20.49 -36.97 14.91
CA PRO B 51 20.22 -36.14 13.74
C PRO B 51 21.52 -35.67 13.10
N VAL B 52 21.51 -35.53 11.79
CA VAL B 52 22.70 -35.13 11.03
C VAL B 52 22.42 -33.90 10.17
N LYS B 53 21.33 -33.89 9.41
CA LYS B 53 21.04 -32.78 8.50
C LYS B 53 19.59 -32.85 8.05
N GLU B 54 18.93 -31.69 8.06
CA GLU B 54 17.56 -31.56 7.53
C GLU B 54 17.58 -30.53 6.41
N VAL B 55 16.89 -30.83 5.32
CA VAL B 55 16.84 -29.94 4.17
C VAL B 55 15.41 -29.85 3.66
N GLY B 56 15.19 -28.87 2.80
CA GLY B 56 13.93 -28.73 2.12
C GLY B 56 14.18 -28.70 0.63
N MET B 57 13.21 -29.22 -0.11
CA MET B 57 13.27 -29.28 -1.55
C MET B 57 12.19 -28.37 -2.10
N TYR B 58 12.37 -27.96 -3.37
CA TYR B 58 11.34 -27.24 -4.11
C TYR B 58 10.45 -28.23 -4.87
N GLY B 59 9.88 -29.15 -4.11
CA GLY B 59 9.14 -30.24 -4.71
C GLY B 59 8.53 -31.08 -3.63
N LYS B 60 7.62 -31.94 -4.05
CA LYS B 60 7.05 -32.97 -3.19
C LYS B 60 7.79 -34.24 -3.53
N ILE B 61 8.49 -34.81 -2.54
CA ILE B 61 9.26 -36.03 -2.74
C ILE B 61 8.33 -37.22 -2.98
N ALA B 62 8.43 -37.81 -4.17
CA ALA B 62 7.60 -38.92 -4.65
C ALA B 62 8.32 -40.25 -4.76
N VAL B 63 9.64 -40.24 -4.98
CA VAL B 63 10.47 -41.44 -5.00
C VAL B 63 11.75 -41.10 -4.26
N MET B 64 12.13 -41.96 -3.31
CA MET B 64 13.33 -41.78 -2.48
C MET B 64 14.00 -43.14 -2.40
N GLU B 65 15.14 -43.29 -3.07
CA GLU B 65 15.88 -44.55 -3.01
C GLU B 65 17.36 -44.27 -3.03
N LEU B 66 18.10 -45.11 -2.31
CA LEU B 66 19.54 -45.04 -2.20
C LEU B 66 20.17 -46.11 -3.09
N PHE B 67 21.33 -45.80 -3.65
CA PHE B 67 22.02 -46.77 -4.49
C PHE B 67 23.53 -46.45 -4.55
N ARG B 68 24.30 -47.41 -4.97
CA ARG B 68 25.78 -47.28 -5.02
C ARG B 68 26.28 -47.87 -6.33
N PRO B 69 26.48 -47.06 -7.35
CA PRO B 69 27.08 -47.57 -8.59
C PRO B 69 28.54 -47.93 -8.39
N LYS B 70 29.02 -48.89 -9.18
CA LYS B 70 30.37 -49.42 -8.99
C LYS B 70 31.40 -48.29 -9.07
N GLY B 71 32.30 -48.27 -8.11
CA GLY B 71 33.30 -47.22 -8.02
C GLY B 71 32.89 -45.99 -7.26
N GLU B 72 31.89 -46.08 -6.39
CA GLU B 72 31.49 -44.96 -5.55
C GLU B 72 31.86 -45.25 -4.11
N SER B 73 32.34 -44.21 -3.42
CA SER B 73 32.70 -44.31 -2.01
C SER B 73 31.52 -44.83 -1.21
N LYS B 74 30.41 -44.10 -1.25
CA LYS B 74 29.22 -44.31 -0.44
C LYS B 74 28.02 -44.33 -1.36
N ASP B 75 26.84 -44.55 -0.78
CA ASP B 75 25.63 -44.56 -1.56
C ASP B 75 25.25 -43.16 -2.05
N LEU B 76 24.56 -43.13 -3.19
CA LEU B 76 23.97 -41.93 -3.74
C LEU B 76 22.47 -41.98 -3.51
N LEU B 77 21.84 -40.82 -3.70
CA LEU B 77 20.44 -40.61 -3.42
C LEU B 77 19.72 -40.24 -4.71
N PHE B 78 18.74 -41.04 -5.13
CA PHE B 78 17.87 -40.62 -6.22
C PHE B 78 16.55 -40.17 -5.65
N ILE B 79 16.12 -38.98 -6.09
CA ILE B 79 14.86 -38.38 -5.69
C ILE B 79 14.14 -37.90 -6.94
N LEU B 80 12.85 -38.18 -7.01
CA LEU B 80 11.96 -37.69 -8.05
C LEU B 80 10.84 -36.92 -7.36
N THR B 81 10.53 -35.71 -7.83
CA THR B 81 9.43 -34.98 -7.21
C THR B 81 8.12 -35.18 -7.96
N ALA B 82 7.01 -34.81 -7.32
CA ALA B 82 5.70 -35.03 -7.91
C ALA B 82 5.51 -34.22 -9.20
N LYS B 83 6.20 -33.09 -9.36
CA LYS B 83 6.29 -32.42 -10.65
C LYS B 83 7.40 -33.01 -11.53
N TYR B 84 7.88 -34.22 -11.22
CA TYR B 84 8.82 -34.98 -12.06
C TYR B 84 10.19 -34.32 -12.17
N ASN B 85 10.68 -33.67 -11.10
CA ASN B 85 12.08 -33.25 -11.03
C ASN B 85 12.90 -34.41 -10.54
N ALA B 86 13.77 -34.91 -11.41
CA ALA B 86 14.67 -36.01 -11.09
C ALA B 86 16.05 -35.46 -10.73
N CYS B 87 16.67 -36.07 -9.72
CA CYS B 87 18.00 -35.65 -9.31
C CYS B 87 18.69 -36.76 -8.54
N ILE B 88 20.01 -36.75 -8.61
CA ILE B 88 20.88 -37.62 -7.82
C ILE B 88 21.69 -36.73 -6.90
N LEU B 89 21.66 -37.01 -5.62
CA LEU B 89 22.32 -36.18 -4.64
C LEU B 89 23.41 -36.97 -3.93
N GLU B 90 24.38 -36.23 -3.41
CA GLU B 90 25.50 -36.80 -2.67
C GLU B 90 25.70 -36.01 -1.39
N TYR B 91 26.15 -36.72 -0.36
CA TYR B 91 26.48 -36.10 0.91
C TYR B 91 27.96 -35.70 0.88
N LYS B 92 28.23 -34.44 1.26
CA LYS B 92 29.59 -33.90 1.23
C LYS B 92 29.77 -33.04 2.47
N GLN B 93 30.54 -33.55 3.44
CA GLN B 93 30.88 -32.86 4.67
C GLN B 93 32.34 -32.44 4.61
N SER B 94 32.59 -31.13 4.66
CA SER B 94 33.93 -30.55 4.68
C SER B 94 34.16 -30.00 6.09
N GLY B 95 34.61 -30.86 6.99
CA GLY B 95 34.81 -30.47 8.37
C GLY B 95 33.50 -30.32 9.13
N GLU B 96 32.95 -29.11 9.14
CA GLU B 96 31.64 -28.87 9.72
C GLU B 96 30.65 -28.33 8.70
N SER B 97 31.08 -28.08 7.48
CA SER B 97 30.21 -27.61 6.41
C SER B 97 29.50 -28.81 5.78
N ILE B 98 28.25 -29.03 6.16
CA ILE B 98 27.49 -30.16 5.66
C ILE B 98 26.72 -29.68 4.43
N ASP B 99 26.85 -30.40 3.32
CA ASP B 99 26.22 -29.95 2.09
C ASP B 99 25.74 -31.10 1.23
N ILE B 100 24.51 -31.02 0.73
CA ILE B 100 23.94 -32.05 -0.15
C ILE B 100 24.12 -31.58 -1.58
N ILE B 101 25.07 -32.17 -2.28
CA ILE B 101 25.41 -31.71 -3.61
C ILE B 101 24.61 -32.51 -4.64
N THR B 102 24.40 -31.92 -5.80
CA THR B 102 23.56 -32.47 -6.87
C THR B 102 24.47 -33.02 -7.96
N ARG B 103 24.60 -34.35 -8.01
CA ARG B 103 25.48 -34.98 -9.00
C ARG B 103 24.86 -35.01 -10.39
N ALA B 104 23.54 -35.07 -10.48
CA ALA B 104 22.86 -35.07 -11.77
C ALA B 104 21.44 -34.62 -11.50
N HIS B 105 20.80 -34.07 -12.54
CA HIS B 105 19.43 -33.62 -12.35
C HIS B 105 18.79 -33.35 -13.70
N GLY B 106 17.45 -33.39 -13.72
CA GLY B 106 16.64 -33.17 -14.89
C GLY B 106 15.15 -33.43 -14.66
N ASN B 107 14.30 -32.92 -15.57
CA ASN B 107 12.86 -33.11 -15.51
C ASN B 107 12.42 -34.22 -16.45
N VAL B 108 11.69 -35.21 -15.93
CA VAL B 108 11.31 -36.39 -16.69
C VAL B 108 9.87 -36.28 -17.22
N GLN B 109 9.28 -35.08 -17.21
CA GLN B 109 7.89 -35.00 -17.58
C GLN B 109 7.73 -35.23 -19.08
N ASP B 110 6.64 -35.91 -19.45
CA ASP B 110 6.29 -36.13 -20.85
C ASP B 110 5.01 -35.38 -21.16
N ARG B 111 5.02 -34.60 -22.25
CA ARG B 111 3.83 -33.86 -22.66
C ARG B 111 2.66 -34.80 -22.87
N ILE B 112 2.87 -35.85 -23.67
CA ILE B 112 1.88 -36.90 -23.83
C ILE B 112 1.81 -37.74 -22.56
N GLY B 113 0.67 -38.38 -22.32
CA GLY B 113 0.72 -39.38 -21.26
C GLY B 113 -0.32 -39.28 -20.15
N ARG B 114 -0.94 -40.42 -19.86
CA ARG B 114 -1.91 -40.52 -18.78
C ARG B 114 -1.20 -40.90 -17.49
N PRO B 115 -1.22 -40.06 -16.45
CA PRO B 115 -0.65 -40.47 -15.16
C PRO B 115 -1.32 -41.74 -14.67
N SER B 116 -0.52 -42.69 -14.20
CA SER B 116 -1.07 -44.01 -13.89
C SER B 116 -1.99 -43.96 -12.68
N GLU B 117 -2.88 -44.94 -12.61
CA GLU B 117 -3.83 -45.07 -11.49
C GLU B 117 -3.10 -45.43 -10.20
N THR B 118 -2.11 -46.30 -10.27
CA THR B 118 -1.36 -46.76 -9.11
C THR B 118 -0.18 -45.87 -8.77
N GLY B 119 -0.09 -44.68 -9.35
CA GLY B 119 0.87 -43.67 -8.93
C GLY B 119 2.26 -43.81 -9.54
N ILE B 120 3.11 -42.85 -9.17
CA ILE B 120 4.48 -42.80 -9.67
C ILE B 120 5.28 -43.90 -8.99
N ILE B 121 5.86 -44.79 -9.77
CA ILE B 121 6.73 -45.84 -9.27
C ILE B 121 8.15 -45.59 -9.76
N GLY B 122 9.12 -45.78 -8.88
CA GLY B 122 10.51 -45.62 -9.28
C GLY B 122 11.42 -46.68 -8.70
N ILE B 123 11.96 -47.52 -9.56
CA ILE B 123 12.74 -48.67 -9.15
C ILE B 123 14.11 -48.57 -9.81
N ILE B 124 15.12 -49.18 -9.19
CA ILE B 124 16.50 -49.17 -9.70
C ILE B 124 16.98 -50.61 -9.71
N ASP B 125 17.71 -50.99 -10.75
CA ASP B 125 18.12 -52.37 -10.86
C ASP B 125 19.18 -52.68 -9.82
N PRO B 126 19.35 -53.95 -9.45
CA PRO B 126 20.34 -54.27 -8.40
C PRO B 126 21.76 -53.94 -8.78
N GLU B 127 22.10 -54.00 -10.07
CA GLU B 127 23.45 -53.72 -10.52
C GLU B 127 23.67 -52.24 -10.86
N CYS B 128 22.75 -51.36 -10.44
CA CYS B 128 22.87 -49.89 -10.58
C CYS B 128 23.25 -49.47 -12.00
N ARG B 129 22.57 -50.06 -12.96
CA ARG B 129 22.82 -49.77 -14.36
C ARG B 129 21.76 -48.85 -14.97
N MET B 130 20.62 -48.69 -14.31
CA MET B 130 19.53 -47.88 -14.84
C MET B 130 18.48 -47.64 -13.76
N ILE B 131 17.78 -46.49 -13.90
CA ILE B 131 16.65 -46.09 -13.07
C ILE B 131 15.39 -46.33 -13.86
N GLY B 132 14.52 -47.23 -13.37
CA GLY B 132 13.26 -47.51 -14.02
C GLY B 132 12.17 -46.64 -13.43
N LEU B 133 11.34 -46.07 -14.30
CA LEU B 133 10.29 -45.16 -13.88
C LEU B 133 8.95 -45.58 -14.47
N ARG B 134 7.92 -45.66 -13.62
CA ARG B 134 6.56 -45.89 -14.08
C ARG B 134 5.73 -44.63 -13.81
N LEU B 135 5.67 -43.79 -14.83
CA LEU B 135 5.01 -42.48 -14.79
C LEU B 135 3.61 -42.52 -15.40
N TYR B 136 3.48 -43.11 -16.59
CA TYR B 136 2.25 -43.07 -17.35
C TYR B 136 1.88 -44.46 -17.84
N ASP B 137 0.57 -44.68 -18.03
CA ASP B 137 0.09 -45.94 -18.58
C ASP B 137 0.74 -46.20 -19.93
N GLY B 138 1.08 -47.46 -20.20
CA GLY B 138 1.61 -47.86 -21.49
C GLY B 138 3.06 -47.54 -21.77
N LEU B 139 3.75 -46.81 -20.89
CA LEU B 139 5.16 -46.50 -21.08
C LEU B 139 5.97 -46.93 -19.86
N PHE B 140 7.29 -46.96 -20.04
CA PHE B 140 8.24 -47.30 -18.99
C PHE B 140 9.48 -46.45 -19.28
N LYS B 141 9.80 -45.53 -18.37
CA LYS B 141 10.92 -44.61 -18.58
C LYS B 141 12.19 -45.25 -18.05
N VAL B 142 13.25 -45.17 -18.84
CA VAL B 142 14.54 -45.78 -18.51
C VAL B 142 15.57 -44.68 -18.51
N ILE B 143 16.12 -44.36 -17.34
CA ILE B 143 17.23 -43.43 -17.27
C ILE B 143 18.52 -44.23 -17.19
N PRO B 144 19.29 -44.32 -18.27
CA PRO B 144 20.53 -45.10 -18.21
C PRO B 144 21.55 -44.41 -17.30
N LEU B 145 22.19 -45.19 -16.43
CA LEU B 145 23.09 -44.66 -15.40
C LEU B 145 24.52 -44.76 -15.92
N ASP B 146 24.96 -43.72 -16.63
CA ASP B 146 26.37 -43.55 -16.98
C ASP B 146 26.90 -42.32 -16.25
N ARG B 147 28.19 -42.37 -15.89
CA ARG B 147 28.78 -41.22 -15.25
C ARG B 147 28.75 -39.99 -16.14
N ASP B 148 28.49 -40.17 -17.45
CA ASP B 148 28.40 -39.10 -18.42
C ASP B 148 26.94 -38.70 -18.73
N ASN B 149 26.01 -38.99 -17.83
CA ASN B 149 24.63 -38.56 -17.99
C ASN B 149 24.24 -37.69 -16.80
N LYS B 150 24.81 -36.48 -16.74
CA LYS B 150 24.48 -35.57 -15.66
C LYS B 150 23.11 -34.89 -15.83
N GLU B 151 22.52 -34.99 -17.03
CA GLU B 151 21.24 -34.35 -17.33
C GLU B 151 20.07 -35.32 -17.24
N LEU B 152 20.32 -36.59 -16.94
CA LEU B 152 19.26 -37.61 -16.79
C LEU B 152 18.41 -37.72 -18.05
N LYS B 153 19.06 -37.79 -19.20
CA LYS B 153 18.33 -38.07 -20.43
C LYS B 153 17.85 -39.53 -20.41
N ALA B 154 16.66 -39.77 -20.94
CA ALA B 154 16.03 -41.08 -20.82
C ALA B 154 15.33 -41.46 -22.11
N PHE B 155 14.63 -42.59 -22.07
CA PHE B 155 13.83 -43.01 -23.20
C PHE B 155 12.65 -43.81 -22.69
N ASN B 156 11.72 -44.11 -23.59
CA ASN B 156 10.51 -44.81 -23.22
C ASN B 156 10.44 -46.18 -23.91
N ILE B 157 9.79 -47.14 -23.25
CA ILE B 157 9.48 -48.44 -23.85
C ILE B 157 7.97 -48.63 -23.85
N ARG B 158 7.43 -49.04 -25.01
CA ARG B 158 6.00 -49.25 -25.15
C ARG B 158 5.58 -50.45 -24.33
N LEU B 159 4.69 -50.24 -23.39
CA LEU B 159 4.18 -51.30 -22.56
C LEU B 159 2.76 -51.66 -23.00
N GLU B 160 2.60 -52.79 -23.67
CA GLU B 160 1.28 -53.41 -23.62
C GLU B 160 1.00 -53.69 -22.14
N GLU B 161 -0.25 -54.01 -21.82
CA GLU B 161 -0.65 -54.11 -20.41
C GLU B 161 -0.49 -52.72 -19.81
N LEU B 162 -1.59 -51.97 -19.82
CA LEU B 162 -1.63 -50.56 -19.44
C LEU B 162 -1.77 -50.38 -17.94
N HIS B 163 -2.66 -51.15 -17.33
CA HIS B 163 -2.98 -51.05 -15.90
C HIS B 163 -2.01 -51.92 -15.12
N VAL B 164 -0.89 -51.34 -14.74
CA VAL B 164 0.14 -52.05 -13.99
C VAL B 164 -0.03 -51.72 -12.52
N ILE B 165 0.03 -52.73 -11.67
CA ILE B 165 -0.18 -52.50 -10.24
C ILE B 165 1.14 -52.14 -9.58
N ASP B 166 2.09 -53.08 -9.60
CA ASP B 166 3.39 -52.85 -8.97
C ASP B 166 4.49 -53.52 -9.78
N VAL B 167 5.69 -52.98 -9.68
CA VAL B 167 6.81 -53.45 -10.47
C VAL B 167 8.10 -53.24 -9.70
N LYS B 168 9.01 -54.21 -9.84
CA LYS B 168 10.33 -54.21 -9.21
C LYS B 168 11.32 -54.87 -10.17
N PHE B 169 12.59 -54.51 -10.01
CA PHE B 169 13.68 -55.21 -10.67
C PHE B 169 14.00 -56.50 -9.91
N LEU B 170 14.20 -57.59 -10.65
CA LEU B 170 14.51 -58.85 -9.99
C LEU B 170 15.99 -58.92 -9.69
N TYR B 171 16.34 -59.82 -8.77
CA TYR B 171 17.74 -60.07 -8.44
C TYR B 171 18.29 -61.26 -9.23
N GLY B 172 19.60 -61.40 -9.21
CA GLY B 172 20.26 -62.58 -9.78
C GLY B 172 19.83 -62.94 -11.19
N CYS B 173 19.73 -61.94 -12.07
CA CYS B 173 19.28 -62.12 -13.44
C CYS B 173 20.42 -61.83 -14.42
N GLN B 174 20.41 -62.55 -15.55
CA GLN B 174 21.47 -62.36 -16.55
C GLN B 174 21.39 -61.00 -17.23
N ALA B 175 20.21 -60.37 -17.24
CA ALA B 175 19.97 -59.06 -17.81
C ALA B 175 18.97 -58.29 -16.86
N PRO B 176 19.07 -56.95 -16.89
CA PRO B 176 18.13 -56.19 -16.01
C PRO B 176 16.70 -56.57 -16.31
N THR B 177 16.01 -57.14 -15.32
CA THR B 177 14.69 -57.71 -15.54
C THR B 177 13.68 -57.05 -14.62
N ILE B 178 12.52 -56.78 -15.18
CA ILE B 178 11.39 -56.19 -14.51
C ILE B 178 10.39 -57.28 -14.15
N CYS B 179 9.76 -57.16 -12.99
CA CYS B 179 8.71 -58.09 -12.58
C CYS B 179 7.52 -57.26 -12.13
N PHE B 180 6.36 -57.48 -12.75
CA PHE B 180 5.26 -56.60 -12.45
C PHE B 180 3.96 -57.35 -12.49
N VAL B 181 2.99 -56.83 -11.75
CA VAL B 181 1.63 -57.35 -11.76
C VAL B 181 0.76 -56.33 -12.50
N TYR B 182 -0.04 -56.83 -13.46
CA TYR B 182 -0.95 -56.01 -14.23
C TYR B 182 -2.32 -56.66 -14.21
N GLN B 183 -3.33 -55.90 -14.61
CA GLN B 183 -4.68 -56.42 -14.74
C GLN B 183 -5.20 -56.20 -16.16
N ASP B 184 -5.72 -57.27 -16.74
CA ASP B 184 -6.42 -57.18 -18.00
C ASP B 184 -7.78 -57.87 -17.85
N PRO B 185 -8.62 -57.87 -18.89
CA PRO B 185 -9.94 -58.50 -18.80
C PRO B 185 -9.95 -59.92 -18.26
N GLN B 186 -8.90 -60.72 -18.45
CA GLN B 186 -8.91 -62.14 -18.12
C GLN B 186 -8.31 -62.44 -16.74
N GLY B 187 -8.39 -61.51 -15.80
CA GLY B 187 -7.86 -61.71 -14.46
C GLY B 187 -6.64 -60.83 -14.21
N ARG B 188 -5.91 -61.16 -13.12
CA ARG B 188 -4.71 -60.44 -12.72
C ARG B 188 -3.49 -61.36 -12.82
N HIS B 189 -2.37 -60.84 -13.37
CA HIS B 189 -1.23 -61.69 -13.71
C HIS B 189 0.11 -61.08 -13.29
N VAL B 190 1.15 -61.93 -13.27
CA VAL B 190 2.53 -61.50 -13.09
C VAL B 190 3.35 -61.90 -14.31
N LYS B 191 4.20 -60.98 -14.76
CA LYS B 191 4.96 -61.12 -15.99
C LYS B 191 6.32 -60.48 -15.76
N THR B 192 7.32 -60.89 -16.57
CA THR B 192 8.67 -60.35 -16.51
C THR B 192 9.13 -59.92 -17.89
N TYR B 193 9.91 -58.84 -17.96
CA TYR B 193 10.47 -58.31 -19.22
C TYR B 193 11.94 -58.01 -19.01
N GLU B 194 12.77 -58.51 -19.92
CA GLU B 194 14.19 -58.13 -19.94
C GLU B 194 14.33 -56.78 -20.61
N VAL B 195 15.17 -55.94 -20.04
CA VAL B 195 15.33 -54.57 -20.51
C VAL B 195 16.68 -54.48 -21.20
N SER B 196 16.66 -54.08 -22.48
CA SER B 196 17.86 -53.93 -23.30
C SER B 196 18.22 -52.45 -23.38
N LEU B 197 19.30 -52.06 -22.69
CA LEU B 197 19.78 -50.70 -22.85
C LEU B 197 20.47 -50.49 -24.19
N ARG B 198 20.82 -51.58 -24.88
CA ARG B 198 21.36 -51.50 -26.23
C ARG B 198 20.26 -51.22 -27.24
N GLU B 199 19.26 -52.08 -27.31
CA GLU B 199 18.18 -51.94 -28.29
C GLU B 199 17.05 -51.02 -27.81
N LYS B 200 17.06 -50.59 -26.55
CA LYS B 200 16.07 -49.63 -26.07
C LYS B 200 14.66 -50.13 -26.37
N GLU B 201 14.35 -51.31 -25.84
CA GLU B 201 13.04 -51.93 -25.99
C GLU B 201 12.97 -53.10 -25.01
N PHE B 202 11.84 -53.82 -25.01
CA PHE B 202 11.68 -55.00 -24.17
C PHE B 202 11.99 -56.28 -24.94
N ASN B 203 12.62 -57.22 -24.26
CA ASN B 203 12.85 -58.58 -24.74
C ASN B 203 12.10 -59.57 -23.86
N LYS B 204 12.07 -60.83 -24.29
CA LYS B 204 11.29 -61.85 -23.59
C LYS B 204 11.76 -62.03 -22.15
N GLY B 205 10.81 -62.30 -21.25
CA GLY B 205 11.12 -62.42 -19.83
C GLY B 205 11.27 -63.86 -19.35
N PRO B 206 12.04 -64.04 -18.27
CA PRO B 206 12.32 -65.41 -17.78
C PRO B 206 11.10 -66.25 -17.42
N TRP B 207 10.00 -65.63 -17.00
CA TRP B 207 8.78 -66.40 -16.70
C TRP B 207 7.59 -65.45 -16.73
N LYS B 208 6.40 -66.04 -16.85
CA LYS B 208 5.15 -65.29 -16.85
C LYS B 208 4.09 -66.22 -16.27
N GLN B 209 3.46 -65.83 -15.16
CA GLN B 209 2.51 -66.70 -14.47
C GLN B 209 1.08 -66.32 -14.82
N GLU B 210 0.39 -67.26 -15.46
CA GLU B 210 -0.89 -67.01 -16.13
C GLU B 210 -1.85 -66.23 -15.25
N ASN B 211 -2.22 -66.80 -14.10
CA ASN B 211 -3.14 -66.13 -13.18
C ASN B 211 -2.55 -66.14 -11.78
N VAL B 212 -2.90 -65.09 -11.01
CA VAL B 212 -2.49 -64.88 -9.63
C VAL B 212 -3.70 -64.34 -8.88
N GLU B 213 -3.56 -64.07 -7.57
CA GLU B 213 -4.71 -63.69 -6.76
C GLU B 213 -5.44 -62.51 -7.34
N ALA B 214 -6.77 -62.47 -7.12
CA ALA B 214 -7.62 -61.38 -7.60
C ALA B 214 -7.11 -60.01 -7.18
N GLU B 215 -6.64 -59.88 -5.93
CA GLU B 215 -6.22 -58.58 -5.40
C GLU B 215 -4.74 -58.54 -5.07
N ALA B 216 -3.91 -59.25 -5.84
CA ALA B 216 -2.47 -59.17 -5.68
C ALA B 216 -1.98 -57.74 -5.90
N SER B 217 -1.41 -57.14 -4.86
CA SER B 217 -1.10 -55.70 -4.89
C SER B 217 0.35 -55.35 -4.68
N MET B 218 1.19 -56.25 -4.17
CA MET B 218 2.56 -55.93 -3.78
C MET B 218 3.53 -56.87 -4.48
N VAL B 219 4.63 -56.34 -5.00
CA VAL B 219 5.67 -57.16 -5.58
C VAL B 219 6.95 -56.93 -4.80
N ILE B 220 7.45 -57.98 -4.17
CA ILE B 220 8.73 -57.95 -3.47
C ILE B 220 9.72 -58.80 -4.26
N ALA B 221 10.87 -58.23 -4.62
CA ALA B 221 11.93 -58.99 -5.30
C ALA B 221 12.88 -59.58 -4.27
N VAL B 222 13.00 -60.90 -4.27
CA VAL B 222 13.80 -61.58 -3.25
C VAL B 222 15.27 -61.62 -3.64
N PRO B 223 16.16 -61.26 -2.73
CA PRO B 223 17.56 -61.03 -3.10
C PRO B 223 18.35 -62.27 -3.53
N GLU B 224 19.64 -62.00 -3.77
CA GLU B 224 20.49 -62.90 -4.54
C GLU B 224 20.64 -64.31 -3.98
N PRO B 225 20.49 -64.57 -2.68
CA PRO B 225 20.52 -65.99 -2.26
C PRO B 225 19.47 -66.86 -2.95
N PHE B 226 18.27 -66.31 -3.23
CA PHE B 226 17.14 -67.06 -3.79
C PHE B 226 16.80 -66.63 -5.20
N GLY B 227 16.44 -65.35 -5.39
CA GLY B 227 15.91 -64.86 -6.65
C GLY B 227 14.39 -64.78 -6.62
N GLY B 228 13.83 -64.44 -7.77
CA GLY B 228 12.38 -64.47 -7.86
C GLY B 228 11.70 -63.32 -7.14
N ALA B 229 10.41 -63.50 -6.91
CA ALA B 229 9.61 -62.44 -6.32
C ALA B 229 8.48 -63.03 -5.47
N ILE B 230 8.11 -62.29 -4.43
CA ILE B 230 6.98 -62.61 -3.56
C ILE B 230 5.85 -61.65 -3.91
N ILE B 231 4.67 -62.19 -4.22
CA ILE B 231 3.48 -61.38 -4.47
C ILE B 231 2.55 -61.55 -3.27
N ILE B 232 2.02 -60.45 -2.76
CA ILE B 232 1.14 -60.43 -1.59
C ILE B 232 -0.23 -59.86 -1.97
N GLY B 233 -1.29 -60.47 -1.45
CA GLY B 233 -2.63 -60.01 -1.76
C GLY B 233 -3.56 -59.92 -0.57
N GLN B 234 -4.87 -60.04 -0.83
CA GLN B 234 -5.85 -59.84 0.23
C GLN B 234 -5.91 -61.07 1.15
N GLU B 235 -5.76 -62.26 0.56
CA GLU B 235 -5.86 -63.50 1.29
C GLU B 235 -4.65 -64.42 1.13
N SER B 236 -3.74 -64.15 0.18
CA SER B 236 -2.65 -65.08 -0.15
C SER B 236 -1.32 -64.36 -0.27
N ILE B 237 -0.25 -65.12 0.02
CA ILE B 237 1.14 -64.75 -0.18
C ILE B 237 1.80 -65.88 -0.97
N THR B 238 2.29 -65.56 -2.17
CA THR B 238 2.94 -66.56 -3.01
C THR B 238 4.36 -66.14 -3.34
N TYR B 239 5.20 -67.15 -3.60
CA TYR B 239 6.55 -66.98 -4.12
C TYR B 239 6.63 -67.58 -5.53
N HIS B 240 7.16 -66.81 -6.49
CA HIS B 240 7.33 -67.23 -7.86
C HIS B 240 8.78 -67.06 -8.26
N ASN B 241 9.38 -68.11 -8.82
CA ASN B 241 10.63 -68.00 -9.58
C ASN B 241 10.72 -69.20 -10.51
N GLY B 242 10.60 -68.94 -11.81
CA GLY B 242 10.72 -69.99 -12.80
C GLY B 242 9.62 -71.00 -12.60
N ASP B 243 10.02 -72.25 -12.43
CA ASP B 243 9.08 -73.34 -12.18
C ASP B 243 8.88 -73.61 -10.68
N LYS B 244 9.54 -72.87 -9.79
CA LYS B 244 9.30 -73.00 -8.36
C LYS B 244 8.14 -72.11 -7.95
N TYR B 245 7.34 -72.59 -7.00
CA TYR B 245 6.12 -71.91 -6.58
C TYR B 245 5.76 -72.33 -5.16
N LEU B 246 5.52 -71.36 -4.29
CA LEU B 246 4.91 -71.58 -3.00
C LEU B 246 3.75 -70.62 -2.82
N ALA B 247 2.84 -70.96 -1.92
CA ALA B 247 1.67 -70.13 -1.70
C ALA B 247 1.12 -70.44 -0.32
N ILE B 248 0.87 -69.41 0.45
CA ILE B 248 0.20 -69.59 1.73
C ILE B 248 -0.97 -68.63 1.80
N ALA B 249 -1.99 -69.04 2.55
CA ALA B 249 -3.19 -68.23 2.79
C ALA B 249 -3.42 -68.15 4.30
N PRO B 250 -2.56 -67.43 5.02
CA PRO B 250 -2.66 -67.42 6.49
C PRO B 250 -3.90 -66.67 6.92
N PRO B 251 -4.78 -67.34 7.68
CA PRO B 251 -6.01 -66.66 8.13
C PRO B 251 -5.71 -65.44 8.97
N ILE B 252 -4.48 -65.33 9.46
CA ILE B 252 -4.12 -64.21 10.33
C ILE B 252 -4.06 -62.88 9.57
N ILE B 253 -3.88 -62.89 8.24
CA ILE B 253 -3.80 -61.63 7.52
C ILE B 253 -5.08 -61.32 6.76
N LYS B 254 -6.12 -62.14 6.93
CA LYS B 254 -7.34 -61.92 6.14
C LYS B 254 -8.15 -60.74 6.65
N GLN B 255 -7.85 -60.23 7.86
CA GLN B 255 -8.69 -59.23 8.52
C GLN B 255 -8.40 -57.79 8.08
N SER B 256 -7.27 -57.55 7.42
CA SER B 256 -6.92 -56.24 6.89
C SER B 256 -5.80 -56.41 5.86
N THR B 257 -5.57 -55.35 5.10
CA THR B 257 -4.75 -55.41 3.88
C THR B 257 -3.31 -54.99 4.16
N ILE B 258 -2.37 -55.83 3.71
CA ILE B 258 -0.95 -55.56 3.85
C ILE B 258 -0.57 -54.47 2.86
N VAL B 259 -0.07 -53.35 3.35
CA VAL B 259 0.16 -52.20 2.49
C VAL B 259 1.57 -51.65 2.56
N CYS B 260 2.47 -52.27 3.31
CA CYS B 260 3.88 -51.89 3.24
C CYS B 260 4.75 -53.04 3.73
N HIS B 261 5.99 -53.04 3.27
CA HIS B 261 6.92 -54.10 3.59
C HIS B 261 8.31 -53.54 3.74
N ASN B 262 9.17 -54.34 4.36
CA ASN B 262 10.57 -53.96 4.50
C ASN B 262 11.41 -55.21 4.65
N ARG B 263 12.48 -55.32 3.87
CA ARG B 263 13.39 -56.44 4.01
C ARG B 263 14.26 -56.26 5.26
N VAL B 264 14.42 -57.33 6.04
CA VAL B 264 15.13 -57.23 7.31
C VAL B 264 16.63 -57.40 7.11
N ASP B 265 17.03 -58.54 6.52
CA ASP B 265 18.43 -58.90 6.33
C ASP B 265 18.75 -59.03 4.85
N PRO B 266 20.02 -58.86 4.46
CA PRO B 266 20.36 -58.73 3.03
C PRO B 266 20.07 -59.98 2.24
N ASN B 267 20.03 -61.15 2.89
CA ASN B 267 19.72 -62.40 2.24
C ASN B 267 18.22 -62.59 1.97
N GLY B 268 17.36 -61.73 2.53
CA GLY B 268 15.96 -61.74 2.15
C GLY B 268 15.10 -62.81 2.78
N SER B 269 15.45 -63.31 3.95
CA SER B 269 14.68 -64.38 4.56
C SER B 269 13.65 -63.90 5.56
N ARG B 270 13.73 -62.66 6.01
CA ARG B 270 12.74 -62.11 6.91
C ARG B 270 12.25 -60.76 6.39
N TYR B 271 10.93 -60.58 6.33
CA TYR B 271 10.33 -59.32 5.91
C TYR B 271 9.36 -58.84 6.99
N LEU B 272 9.27 -57.54 7.17
CA LEU B 272 8.22 -56.95 8.00
C LEU B 272 7.07 -56.49 7.11
N LEU B 273 5.84 -56.78 7.54
CA LEU B 273 4.65 -56.42 6.79
C LEU B 273 3.76 -55.59 7.70
N GLY B 274 3.31 -54.45 7.20
CA GLY B 274 2.37 -53.58 7.91
C GLY B 274 1.04 -53.58 7.19
N ASP B 275 -0.04 -53.53 7.94
CA ASP B 275 -1.37 -53.51 7.35
C ASP B 275 -2.05 -52.18 7.68
N MET B 276 -3.29 -52.02 7.24
CA MET B 276 -3.93 -50.71 7.40
C MET B 276 -4.42 -50.42 8.81
N GLU B 277 -4.51 -51.40 9.68
CA GLU B 277 -5.00 -51.18 11.03
C GLU B 277 -3.88 -51.11 12.07
N GLY B 278 -2.63 -51.26 11.67
CA GLY B 278 -1.54 -51.15 12.59
C GLY B 278 -0.92 -52.46 13.04
N ARG B 279 -1.44 -53.59 12.57
CA ARG B 279 -0.74 -54.83 12.85
C ARG B 279 0.62 -54.83 12.15
N LEU B 280 1.58 -55.51 12.77
CA LEU B 280 2.94 -55.64 12.27
C LEU B 280 3.21 -57.12 12.21
N PHE B 281 3.52 -57.63 11.02
CA PHE B 281 3.78 -59.04 10.86
C PHE B 281 5.24 -59.27 10.46
N MET B 282 5.71 -60.49 10.75
CA MET B 282 6.99 -61.03 10.31
C MET B 282 6.72 -62.06 9.22
N LEU B 283 7.18 -61.79 8.01
CA LEU B 283 7.12 -62.78 6.93
C LEU B 283 8.44 -63.53 6.89
N LEU B 284 8.39 -64.85 7.07
CA LEU B 284 9.59 -65.68 7.07
C LEU B 284 9.65 -66.63 5.88
N LEU B 285 10.83 -66.73 5.26
CA LEU B 285 11.09 -67.66 4.17
C LEU B 285 11.91 -68.85 4.69
N GLU B 286 11.31 -70.04 4.76
CA GLU B 286 12.01 -71.20 5.31
C GLU B 286 13.04 -71.72 4.31
N LYS B 287 14.32 -71.51 4.60
CA LYS B 287 15.39 -71.96 3.72
C LYS B 287 15.77 -73.39 4.07
N GLU B 288 16.14 -74.18 3.05
CA GLU B 288 16.56 -75.57 3.24
C GLU B 288 17.95 -75.75 2.64
N GLU B 289 18.95 -75.92 3.52
CA GLU B 289 20.34 -76.06 3.13
C GLU B 289 20.57 -77.46 2.56
N GLN B 290 21.00 -77.53 1.31
CA GLN B 290 21.17 -78.77 0.56
C GLN B 290 22.61 -79.32 0.67
N MET B 291 22.77 -80.62 0.32
CA MET B 291 24.09 -81.26 0.47
C MET B 291 25.07 -80.80 -0.60
N ASP B 292 24.59 -80.42 -1.77
CA ASP B 292 25.41 -79.64 -2.69
C ASP B 292 25.42 -78.20 -2.18
N GLY B 293 25.96 -77.28 -2.97
CA GLY B 293 26.04 -75.90 -2.50
C GLY B 293 24.71 -75.17 -2.44
N THR B 294 23.65 -75.72 -3.02
CA THR B 294 22.42 -74.94 -3.22
C THR B 294 21.66 -74.73 -1.92
N VAL B 295 20.77 -73.76 -1.99
CA VAL B 295 19.74 -73.55 -0.98
C VAL B 295 18.40 -73.51 -1.69
N THR B 296 17.42 -74.16 -1.10
CA THR B 296 16.07 -74.21 -1.65
C THR B 296 15.15 -73.56 -0.65
N LEU B 297 14.05 -72.97 -1.13
CA LEU B 297 13.06 -72.37 -0.25
C LEU B 297 11.97 -73.39 -0.01
N LYS B 298 11.76 -73.75 1.26
CA LYS B 298 10.88 -74.87 1.65
C LYS B 298 9.42 -74.43 1.83
N ASP B 299 9.19 -73.32 2.54
CA ASP B 299 7.84 -72.85 2.84
C ASP B 299 7.86 -71.38 3.24
N LEU B 300 6.65 -70.83 3.35
CA LEU B 300 6.43 -69.48 3.85
C LEU B 300 5.60 -69.55 5.13
N ARG B 301 5.85 -68.60 6.02
CA ARG B 301 5.20 -68.58 7.32
C ARG B 301 5.04 -67.12 7.75
N VAL B 302 3.90 -66.79 8.36
CA VAL B 302 3.63 -65.44 8.82
C VAL B 302 3.26 -65.43 10.29
N GLU B 303 3.88 -64.55 11.05
CA GLU B 303 3.64 -64.45 12.47
C GLU B 303 3.29 -63.03 12.83
N LEU B 304 2.26 -62.85 13.66
CA LEU B 304 1.85 -61.50 14.04
C LEU B 304 2.73 -61.01 15.19
N LEU B 305 3.38 -59.89 14.97
CA LEU B 305 4.33 -59.35 15.93
C LEU B 305 3.61 -58.52 16.99
N GLY B 306 2.66 -57.71 16.60
CA GLY B 306 2.00 -56.81 17.54
C GLY B 306 1.43 -55.63 16.81
N GLU B 307 1.20 -54.56 17.57
CA GLU B 307 0.51 -53.38 17.10
C GLU B 307 1.48 -52.19 17.01
N THR B 308 1.21 -51.28 16.09
CA THR B 308 1.99 -50.05 15.96
C THR B 308 1.03 -48.93 15.57
N SER B 309 1.61 -47.78 15.21
CA SER B 309 0.84 -46.76 14.51
C SER B 309 0.49 -47.29 13.13
N ILE B 310 -0.54 -46.72 12.54
CA ILE B 310 -0.87 -47.06 11.18
C ILE B 310 0.29 -46.66 10.26
N ALA B 311 0.94 -47.65 9.65
CA ALA B 311 2.24 -47.44 9.01
C ALA B 311 2.12 -47.12 7.53
N GLU B 312 2.65 -45.96 7.12
CA GLU B 312 2.81 -45.75 5.69
C GLU B 312 4.09 -46.41 5.19
N CYS B 313 5.14 -46.40 6.01
CA CYS B 313 6.39 -47.06 5.66
C CYS B 313 7.05 -47.63 6.92
N LEU B 314 7.64 -48.80 6.78
CA LEU B 314 8.46 -49.44 7.80
C LEU B 314 9.91 -49.48 7.35
N THR B 315 10.80 -49.54 8.32
CA THR B 315 12.20 -49.75 7.99
C THR B 315 12.92 -50.28 9.21
N TYR B 316 13.59 -51.43 9.04
CA TYR B 316 14.32 -52.04 10.14
C TYR B 316 15.68 -51.36 10.27
N LEU B 317 15.97 -50.87 11.46
CA LEU B 317 17.25 -50.21 11.69
C LEU B 317 18.30 -51.24 12.05
N ASP B 318 18.34 -51.62 13.32
CA ASP B 318 19.36 -52.54 13.82
C ASP B 318 18.93 -52.99 15.20
N ASN B 319 19.45 -54.14 15.63
CA ASN B 319 19.27 -54.62 16.99
C ASN B 319 17.79 -54.64 17.40
N GLY B 320 16.93 -55.09 16.48
CA GLY B 320 15.52 -55.21 16.82
C GLY B 320 14.76 -53.91 16.89
N VAL B 321 15.31 -52.85 16.32
CA VAL B 321 14.67 -51.54 16.30
C VAL B 321 14.14 -51.29 14.89
N VAL B 322 12.84 -51.04 14.81
CA VAL B 322 12.15 -50.70 13.58
C VAL B 322 11.70 -49.25 13.67
N PHE B 323 11.78 -48.54 12.55
CA PHE B 323 11.14 -47.23 12.44
C PHE B 323 9.79 -47.38 11.73
N VAL B 324 8.75 -46.84 12.35
CA VAL B 324 7.39 -46.87 11.81
C VAL B 324 7.09 -45.46 11.33
N GLY B 325 7.01 -45.26 10.04
CA GLY B 325 6.64 -43.96 9.48
C GLY B 325 5.12 -43.87 9.29
N SER B 326 4.53 -42.83 9.86
CA SER B 326 3.08 -42.73 9.92
C SER B 326 2.53 -41.45 9.30
N ARG B 327 1.50 -41.60 8.48
CA ARG B 327 0.73 -40.50 7.90
C ARG B 327 -0.43 -40.12 8.78
N LEU B 328 -1.10 -41.11 9.36
CA LEU B 328 -2.31 -40.85 10.12
C LEU B 328 -2.05 -40.68 11.61
N GLY B 329 -0.88 -41.08 12.11
CA GLY B 329 -0.63 -40.95 13.53
C GLY B 329 0.79 -40.52 13.84
N ASP B 330 1.24 -40.73 15.08
CA ASP B 330 2.64 -40.46 15.41
C ASP B 330 3.55 -41.55 14.82
N SER B 331 4.69 -41.13 14.26
CA SER B 331 5.73 -42.09 13.93
C SER B 331 6.41 -42.58 15.19
N GLN B 332 6.98 -43.80 15.12
CA GLN B 332 7.55 -44.46 16.28
C GLN B 332 8.91 -45.07 15.98
N LEU B 333 9.66 -45.31 17.05
CA LEU B 333 10.68 -46.34 17.11
C LEU B 333 10.12 -47.47 17.96
N VAL B 334 10.06 -48.66 17.40
CA VAL B 334 9.61 -49.80 18.17
C VAL B 334 10.77 -50.77 18.30
N LYS B 335 10.73 -51.54 19.37
CA LYS B 335 11.71 -52.58 19.65
C LYS B 335 11.04 -53.96 19.56
N LEU B 336 11.71 -54.87 18.89
CA LEU B 336 11.26 -56.24 18.80
C LEU B 336 12.04 -57.09 19.79
N ASN B 337 11.34 -57.98 20.51
CA ASN B 337 11.98 -58.81 21.53
C ASN B 337 11.89 -60.28 21.16
N VAL B 338 12.88 -61.07 21.60
CA VAL B 338 12.89 -62.50 21.27
C VAL B 338 11.66 -63.19 21.85
N ASP B 339 11.34 -62.91 23.11
CA ASP B 339 10.22 -63.54 23.79
C ASP B 339 9.05 -62.58 23.84
N SER B 340 7.87 -63.04 23.40
CA SER B 340 6.70 -62.18 23.44
C SER B 340 6.24 -62.00 24.88
N ASN B 341 5.75 -60.81 25.21
CA ASN B 341 5.37 -60.53 26.59
C ASN B 341 4.09 -61.28 26.94
N GLU B 342 3.64 -61.09 28.19
CA GLU B 342 2.47 -61.81 28.70
C GLU B 342 1.27 -61.61 27.79
N GLN B 343 1.14 -60.44 27.17
CA GLN B 343 0.03 -60.13 26.28
C GLN B 343 0.15 -60.75 24.89
N GLY B 344 1.30 -61.38 24.56
CA GLY B 344 1.48 -62.01 23.26
C GLY B 344 2.11 -61.15 22.19
N SER B 345 2.73 -60.03 22.56
CA SER B 345 3.29 -59.10 21.60
C SER B 345 4.80 -59.09 21.73
N TYR B 346 5.49 -59.20 20.61
CA TYR B 346 6.93 -59.00 20.58
C TYR B 346 7.33 -57.54 20.45
N VAL B 347 6.36 -56.61 20.44
CA VAL B 347 6.61 -55.21 20.11
C VAL B 347 6.54 -54.34 21.37
N VAL B 348 7.52 -53.46 21.52
CA VAL B 348 7.60 -52.53 22.64
C VAL B 348 7.89 -51.14 22.10
N ALA B 349 7.16 -50.14 22.58
CA ALA B 349 7.38 -48.78 22.12
C ALA B 349 8.69 -48.23 22.69
N MET B 350 9.53 -47.63 21.84
CA MET B 350 10.67 -46.88 22.36
C MET B 350 10.40 -45.38 22.36
N GLU B 351 10.05 -44.83 21.20
CA GLU B 351 9.94 -43.39 21.04
C GLU B 351 8.81 -43.03 20.07
N THR B 352 8.15 -41.91 20.33
CA THR B 352 7.15 -41.41 19.41
C THR B 352 7.61 -40.09 18.83
N PHE B 353 7.02 -39.75 17.70
CA PHE B 353 7.30 -38.49 17.05
C PHE B 353 5.98 -37.79 16.73
N THR B 354 5.85 -36.53 17.17
CA THR B 354 4.63 -35.77 16.95
C THR B 354 4.34 -35.69 15.46
N ASN B 355 3.15 -36.11 15.07
CA ASN B 355 2.64 -35.90 13.72
C ASN B 355 1.27 -35.22 13.84
N LEU B 356 1.20 -33.97 13.39
CA LEU B 356 -0.04 -33.22 13.46
C LEU B 356 -1.05 -33.64 12.41
N GLY B 357 -0.62 -34.33 11.35
CA GLY B 357 -1.48 -34.65 10.23
C GLY B 357 -2.26 -35.94 10.38
N PRO B 358 -3.39 -36.00 9.67
CA PRO B 358 -4.00 -34.91 8.89
C PRO B 358 -4.79 -33.95 9.77
N ILE B 359 -4.68 -32.63 9.61
CA ILE B 359 -5.53 -31.67 10.32
C ILE B 359 -6.86 -31.55 9.59
N VAL B 360 -7.93 -32.12 10.15
CA VAL B 360 -9.19 -32.05 9.43
C VAL B 360 -10.04 -30.86 9.87
N ASP B 361 -9.78 -30.32 11.05
CA ASP B 361 -10.44 -29.10 11.51
C ASP B 361 -9.56 -28.46 12.56
N MET B 362 -9.79 -27.19 12.80
CA MET B 362 -8.97 -26.51 13.82
C MET B 362 -9.70 -25.25 14.25
N CYS B 363 -9.27 -24.68 15.38
CA CYS B 363 -9.85 -23.43 15.86
C CYS B 363 -8.88 -22.75 16.81
N VAL B 364 -8.85 -21.42 16.78
CA VAL B 364 -7.93 -20.64 17.61
C VAL B 364 -8.64 -20.22 18.89
N VAL B 365 -8.03 -20.56 20.04
CA VAL B 365 -8.59 -20.24 21.35
C VAL B 365 -7.53 -19.50 22.16
N ASP B 366 -7.96 -18.55 22.98
CA ASP B 366 -7.09 -17.94 23.99
C ASP B 366 -7.41 -18.55 25.37
N LEU B 367 -7.07 -19.83 25.54
CA LEU B 367 -7.32 -20.48 26.82
C LEU B 367 -6.56 -19.79 27.94
N GLU B 368 -5.29 -19.47 27.72
CA GLU B 368 -4.48 -18.83 28.75
C GLU B 368 -4.91 -17.38 29.00
N ARG B 369 -5.97 -16.91 28.32
CA ARG B 369 -6.55 -15.56 28.43
C ARG B 369 -5.50 -14.46 28.32
N GLN B 370 -4.30 -14.81 27.87
CA GLN B 370 -3.17 -13.90 27.79
C GLN B 370 -3.19 -13.05 26.53
N GLY B 371 -4.27 -13.10 25.74
CA GLY B 371 -4.20 -12.50 24.43
C GLY B 371 -3.14 -13.12 23.55
N GLN B 372 -2.75 -14.37 23.85
CA GLN B 372 -1.77 -15.09 23.04
C GLN B 372 -2.50 -15.83 21.92
N GLY B 373 -3.12 -16.96 22.27
CA GLY B 373 -3.83 -17.75 21.29
C GLY B 373 -3.18 -19.11 21.08
N GLN B 374 -4.00 -20.14 21.10
CA GLN B 374 -3.56 -21.51 20.88
C GLN B 374 -4.37 -22.14 19.76
N LEU B 375 -3.72 -22.99 18.97
CA LEU B 375 -4.37 -23.71 17.89
C LEU B 375 -4.80 -25.08 18.37
N VAL B 376 -6.07 -25.42 18.18
CA VAL B 376 -6.59 -26.71 18.59
C VAL B 376 -7.17 -27.44 17.39
N THR B 377 -6.57 -28.58 17.03
CA THR B 377 -6.89 -29.30 15.80
C THR B 377 -7.48 -30.68 16.07
N CYS B 378 -8.39 -31.10 15.20
CA CYS B 378 -8.76 -32.51 15.08
C CYS B 378 -7.75 -33.13 14.13
N SER B 379 -6.91 -34.04 14.60
CA SER B 379 -5.94 -34.63 13.69
C SER B 379 -5.86 -36.14 13.82
N GLY B 380 -5.39 -36.78 12.76
CA GLY B 380 -5.34 -38.22 12.73
C GLY B 380 -6.67 -38.84 12.34
N ALA B 381 -6.63 -40.15 12.10
CA ALA B 381 -7.85 -40.89 11.75
C ALA B 381 -7.85 -42.23 12.48
N PHE B 382 -9.04 -42.71 12.80
CA PHE B 382 -9.25 -44.05 13.39
C PHE B 382 -8.53 -44.06 14.73
N LYS B 383 -7.86 -45.16 15.11
CA LYS B 383 -7.21 -45.24 16.42
C LYS B 383 -6.11 -44.19 16.60
N GLU B 384 -5.63 -43.55 15.53
CA GLU B 384 -4.65 -42.47 15.66
C GLU B 384 -5.28 -41.12 16.00
N GLY B 385 -6.61 -41.04 16.08
CA GLY B 385 -7.26 -39.75 16.22
C GLY B 385 -6.90 -39.07 17.54
N SER B 386 -6.81 -37.75 17.49
CA SER B 386 -6.30 -36.94 18.59
C SER B 386 -6.76 -35.49 18.46
N LEU B 387 -6.79 -34.80 19.59
CA LEU B 387 -6.69 -33.35 19.58
C LEU B 387 -5.24 -32.97 19.81
N ARG B 388 -4.81 -31.86 19.23
CA ARG B 388 -3.51 -31.30 19.52
C ARG B 388 -3.66 -29.83 19.83
N ILE B 389 -3.14 -29.39 20.97
CA ILE B 389 -3.14 -27.98 21.37
C ILE B 389 -1.76 -27.42 21.08
N ILE B 390 -1.71 -26.41 20.23
CA ILE B 390 -0.44 -25.92 19.68
C ILE B 390 -0.22 -24.49 20.13
N ARG B 391 0.99 -24.20 20.63
CA ARG B 391 1.29 -22.95 21.33
C ARG B 391 2.66 -22.42 20.92
N ASN B 392 2.81 -21.11 21.10
CA ASN B 392 4.08 -20.47 20.86
C ASN B 392 4.81 -20.27 22.19
N LEU B 406 7.65 -24.01 19.43
CA LEU B 406 6.25 -24.46 19.28
C LEU B 406 5.89 -25.65 20.20
N HIS B 407 5.08 -25.38 21.21
CA HIS B 407 4.69 -26.37 22.21
C HIS B 407 3.43 -27.12 21.75
N ILE B 408 3.54 -28.46 21.62
CA ILE B 408 2.42 -29.29 21.19
C ILE B 408 2.04 -30.22 22.33
N ARG B 409 0.80 -30.12 22.77
CA ARG B 409 0.19 -31.06 23.70
C ARG B 409 -0.71 -32.03 22.93
N THR B 410 -0.83 -33.27 23.40
CA THR B 410 -1.58 -34.27 22.66
C THR B 410 -2.66 -34.92 23.51
N VAL B 411 -3.88 -35.07 22.99
CA VAL B 411 -4.99 -35.69 23.69
C VAL B 411 -5.52 -36.87 22.86
N PRO B 412 -5.07 -38.08 23.18
CA PRO B 412 -5.54 -39.26 22.43
C PRO B 412 -7.04 -39.50 22.53
N LEU B 413 -7.65 -39.80 21.38
CA LEU B 413 -9.07 -40.08 21.29
C LEU B 413 -9.39 -41.48 20.85
N TYR B 414 -8.49 -42.15 20.12
CA TYR B 414 -8.73 -43.51 19.60
C TYR B 414 -9.98 -43.55 18.70
N GLU B 415 -10.33 -42.43 18.08
CA GLU B 415 -11.38 -42.38 17.08
C GLU B 415 -11.24 -41.08 16.30
N SER B 416 -11.99 -40.95 15.20
CA SER B 416 -11.74 -39.88 14.25
C SER B 416 -12.48 -38.61 14.67
N PRO B 417 -11.79 -37.54 15.06
CA PRO B 417 -12.44 -36.24 15.21
C PRO B 417 -12.59 -35.59 13.84
N ARG B 418 -13.72 -34.89 13.65
CA ARG B 418 -14.09 -34.35 12.35
C ARG B 418 -14.26 -32.85 12.38
N LYS B 419 -14.91 -32.32 13.43
CA LYS B 419 -15.11 -30.89 13.60
C LYS B 419 -14.99 -30.50 15.07
N ILE B 420 -14.48 -29.30 15.31
CA ILE B 420 -14.26 -28.79 16.65
C ILE B 420 -14.71 -27.34 16.75
N CYS B 421 -15.20 -26.95 17.94
CA CYS B 421 -15.49 -25.55 18.20
C CYS B 421 -15.42 -25.31 19.70
N TYR B 422 -15.19 -24.04 20.08
CA TYR B 422 -14.99 -23.69 21.47
C TYR B 422 -16.19 -22.92 22.05
N GLN B 423 -16.59 -23.27 23.28
CA GLN B 423 -17.69 -22.62 24.01
C GLN B 423 -17.16 -22.02 25.31
N GLU B 424 -16.74 -20.75 25.24
CA GLU B 424 -16.06 -20.10 26.36
C GLU B 424 -16.91 -20.12 27.63
N VAL B 425 -18.21 -19.86 27.49
CA VAL B 425 -19.08 -19.85 28.66
C VAL B 425 -19.03 -21.20 29.36
N SER B 426 -19.05 -22.29 28.60
CA SER B 426 -19.00 -23.58 29.27
C SER B 426 -17.57 -23.99 29.57
N GLN B 427 -16.61 -23.19 29.14
CA GLN B 427 -15.20 -23.49 29.33
C GLN B 427 -14.86 -24.91 28.87
N CYS B 428 -15.39 -25.26 27.71
CA CYS B 428 -15.15 -26.60 27.20
C CYS B 428 -15.17 -26.57 25.68
N PHE B 429 -14.84 -27.72 25.09
CA PHE B 429 -14.87 -27.89 23.66
C PHE B 429 -16.04 -28.79 23.29
N GLY B 430 -16.52 -28.65 22.06
CA GLY B 430 -17.50 -29.58 21.54
C GLY B 430 -16.93 -30.18 20.27
N VAL B 431 -16.87 -31.50 20.18
CA VAL B 431 -16.20 -32.14 19.05
C VAL B 431 -17.13 -33.17 18.43
N LEU B 432 -17.32 -33.08 17.11
CA LEU B 432 -17.99 -34.14 16.38
C LEU B 432 -16.98 -35.24 16.08
N SER B 433 -17.36 -36.50 16.37
CA SER B 433 -16.43 -37.61 16.29
C SER B 433 -17.06 -38.81 15.60
N SER B 434 -16.20 -39.66 15.09
CA SER B 434 -16.59 -40.84 14.34
C SER B 434 -15.76 -42.03 14.79
N ARG B 435 -16.45 -43.11 15.14
CA ARG B 435 -15.81 -44.38 15.47
C ARG B 435 -16.42 -45.45 14.58
N ILE B 436 -15.63 -46.50 14.33
CA ILE B 436 -16.08 -47.63 13.50
C ILE B 436 -16.52 -48.76 14.41
N GLU B 437 -17.72 -49.26 14.15
CA GLU B 437 -18.26 -50.41 14.82
C GLU B 437 -18.70 -51.39 13.73
N VAL B 438 -18.80 -52.66 14.09
CA VAL B 438 -19.12 -53.72 13.14
C VAL B 438 -20.41 -54.38 13.60
N GLN B 439 -21.27 -54.71 12.64
CA GLN B 439 -22.56 -55.34 12.95
C GLN B 439 -22.35 -56.62 13.77
N ASP B 440 -23.09 -56.74 14.87
CA ASP B 440 -22.99 -57.92 15.71
C ASP B 440 -23.94 -59.00 15.18
N THR B 441 -23.89 -60.19 15.78
CA THR B 441 -24.82 -61.25 15.42
C THR B 441 -26.21 -61.02 15.99
N SER B 442 -26.35 -60.19 17.03
CA SER B 442 -27.65 -59.79 17.54
C SER B 442 -28.25 -58.75 16.62
N GLY B 443 -29.06 -57.85 17.18
CA GLY B 443 -29.57 -56.75 16.38
C GLY B 443 -28.49 -55.73 16.03
N GLY B 444 -27.65 -55.39 16.98
CA GLY B 444 -26.90 -54.14 16.94
C GLY B 444 -25.54 -54.20 16.28
N THR B 445 -24.64 -53.35 16.79
CA THR B 445 -23.26 -53.28 16.33
C THR B 445 -22.36 -53.10 17.53
N THR B 446 -21.25 -53.84 17.56
CA THR B 446 -20.33 -53.81 18.69
C THR B 446 -19.06 -53.08 18.27
N ALA B 447 -18.41 -52.46 19.26
CA ALA B 447 -17.27 -51.59 19.01
C ALA B 447 -16.05 -52.40 18.61
N LEU B 448 -15.12 -51.73 17.92
CA LEU B 448 -13.83 -52.32 17.59
C LEU B 448 -12.84 -52.21 18.75
N ARG B 449 -12.93 -51.16 19.57
CA ARG B 449 -12.03 -50.92 20.67
C ARG B 449 -12.60 -49.79 21.54
N PRO B 450 -12.17 -49.70 22.80
CA PRO B 450 -12.61 -48.58 23.63
C PRO B 450 -12.01 -47.27 23.14
N SER B 451 -12.84 -46.23 23.13
CA SER B 451 -12.52 -44.94 22.54
C SER B 451 -13.28 -43.82 23.28
N ALA B 452 -12.92 -42.57 22.94
CA ALA B 452 -13.50 -41.39 23.62
C ALA B 452 -15.02 -41.44 23.65
N SER B 453 -15.64 -41.87 22.53
CA SER B 453 -17.09 -41.98 22.44
C SER B 453 -17.67 -42.86 23.54
N THR B 454 -17.02 -43.99 23.82
CA THR B 454 -17.54 -45.04 24.66
C THR B 454 -17.13 -44.89 26.12
N GLN B 455 -16.20 -43.98 26.43
CA GLN B 455 -15.63 -43.85 27.77
C GLN B 455 -15.73 -42.42 28.27
N ALA B 456 -16.95 -41.89 28.30
CA ALA B 456 -17.18 -40.56 28.82
C ALA B 456 -17.60 -40.66 30.26
N LEU B 457 -17.73 -39.50 30.92
CA LEU B 457 -18.31 -39.52 32.27
C LEU B 457 -19.82 -39.74 32.20
N SER B 458 -20.51 -39.03 31.30
CA SER B 458 -21.92 -39.25 31.04
C SER B 458 -22.18 -39.37 29.53
N SER B 459 -23.30 -40.01 29.20
CA SER B 459 -23.59 -40.34 27.82
C SER B 459 -25.07 -40.15 27.50
N SER B 460 -25.36 -40.00 26.22
CA SER B 460 -26.73 -39.90 25.72
C SER B 460 -26.77 -40.39 24.28
N VAL B 461 -28.00 -40.76 23.85
CA VAL B 461 -28.31 -41.18 22.48
C VAL B 461 -29.53 -40.40 22.00
N SER B 462 -29.56 -40.07 20.70
CA SER B 462 -30.68 -39.27 20.19
C SER B 462 -31.98 -40.06 20.29
N SER B 463 -32.96 -39.45 20.96
CA SER B 463 -34.31 -39.96 21.10
C SER B 463 -35.24 -39.41 20.03
N SER B 464 -34.73 -39.05 18.86
CA SER B 464 -35.48 -38.18 17.94
C SER B 464 -36.72 -38.85 17.36
N LYS B 465 -36.55 -39.97 16.64
CA LYS B 465 -37.67 -40.66 16.01
C LYS B 465 -38.43 -39.76 15.02
N LEU B 466 -37.77 -38.70 14.54
CA LEU B 466 -38.30 -37.88 13.45
C LEU B 466 -38.34 -38.65 12.14
N PHE B 467 -37.56 -39.73 12.01
CA PHE B 467 -37.34 -40.48 10.76
C PHE B 467 -37.77 -41.94 10.92
N SER B 468 -39.06 -42.20 10.74
CA SER B 468 -39.66 -43.53 10.94
C SER B 468 -40.12 -44.12 9.60
N SER B 469 -39.23 -44.86 8.94
CA SER B 469 -39.50 -45.49 7.64
C SER B 469 -39.95 -44.49 6.59
N GLU B 475 -31.41 -52.33 3.16
CA GLU B 475 -30.67 -52.04 4.39
C GLU B 475 -29.76 -53.20 4.81
N THR B 476 -30.29 -54.10 5.65
CA THR B 476 -29.68 -55.35 6.10
C THR B 476 -28.15 -55.38 6.10
N SER B 477 -27.54 -54.70 7.08
CA SER B 477 -26.11 -54.88 7.37
C SER B 477 -25.77 -56.36 7.48
N PHE B 478 -24.53 -56.72 7.15
CA PHE B 478 -24.09 -58.09 7.27
C PHE B 478 -23.00 -58.20 8.35
N GLY B 479 -21.74 -58.03 7.98
CA GLY B 479 -20.68 -57.96 8.97
C GLY B 479 -19.70 -56.86 8.62
N GLU B 480 -20.18 -55.86 7.88
CA GLU B 480 -19.36 -54.79 7.36
C GLU B 480 -19.22 -53.66 8.39
N GLU B 481 -18.48 -52.63 8.00
CA GLU B 481 -18.23 -51.51 8.88
C GLU B 481 -19.38 -50.50 8.80
N VAL B 482 -19.67 -49.88 9.95
CA VAL B 482 -20.57 -48.74 10.02
C VAL B 482 -19.88 -47.63 10.82
N GLU B 483 -20.22 -46.39 10.50
CA GLU B 483 -19.69 -45.25 11.23
C GLU B 483 -20.73 -44.82 12.25
N VAL B 484 -20.32 -44.59 13.49
CA VAL B 484 -21.22 -44.03 14.50
C VAL B 484 -20.67 -42.67 14.90
N HIS B 485 -21.51 -41.64 14.79
CA HIS B 485 -21.11 -40.25 14.98
C HIS B 485 -21.55 -39.75 16.35
N ASN B 486 -20.68 -38.96 16.99
CA ASN B 486 -20.95 -38.42 18.31
C ASN B 486 -20.62 -36.94 18.39
N LEU B 487 -21.34 -36.24 19.27
CA LEU B 487 -20.91 -34.93 19.72
C LEU B 487 -20.28 -35.16 21.08
N LEU B 488 -19.01 -34.80 21.21
CA LEU B 488 -18.29 -34.95 22.46
C LEU B 488 -18.12 -33.58 23.10
N ILE B 489 -18.31 -33.53 24.41
CA ILE B 489 -17.99 -32.35 25.21
C ILE B 489 -16.67 -32.64 25.94
N ILE B 490 -15.63 -31.87 25.62
CA ILE B 490 -14.27 -32.07 26.10
C ILE B 490 -13.96 -30.90 27.03
N ASP B 491 -13.57 -31.20 28.27
CA ASP B 491 -13.23 -30.14 29.22
C ASP B 491 -11.97 -29.39 28.77
N GLN B 492 -12.01 -28.06 28.86
CA GLN B 492 -10.93 -27.26 28.27
C GLN B 492 -9.64 -27.29 29.09
N HIS B 493 -9.66 -27.80 30.31
CA HIS B 493 -8.49 -27.84 31.17
C HIS B 493 -7.89 -29.23 31.32
N THR B 494 -8.73 -30.24 31.54
CA THR B 494 -8.29 -31.63 31.62
C THR B 494 -8.39 -32.37 30.28
N PHE B 495 -9.22 -31.89 29.35
CA PHE B 495 -9.51 -32.62 28.11
C PHE B 495 -10.04 -34.02 28.43
N GLU B 496 -10.78 -34.13 29.53
CA GLU B 496 -11.55 -35.34 29.81
C GLU B 496 -12.89 -35.23 29.09
N VAL B 497 -13.27 -36.30 28.39
CA VAL B 497 -14.55 -36.35 27.69
C VAL B 497 -15.68 -36.30 28.70
N LEU B 498 -16.31 -35.13 28.87
CA LEU B 498 -17.34 -34.95 29.89
C LEU B 498 -18.65 -35.58 29.46
N HIS B 499 -18.97 -35.51 28.17
CA HIS B 499 -20.20 -36.09 27.71
C HIS B 499 -20.04 -36.53 26.27
N ALA B 500 -20.73 -37.61 25.93
CA ALA B 500 -20.79 -38.14 24.57
C ALA B 500 -22.25 -38.38 24.23
N HIS B 501 -22.74 -37.68 23.22
CA HIS B 501 -24.08 -37.87 22.70
C HIS B 501 -23.98 -38.57 21.36
N GLN B 502 -24.61 -39.75 21.25
CA GLN B 502 -24.63 -40.52 20.02
C GLN B 502 -25.84 -40.16 19.18
N PHE B 503 -25.61 -39.89 17.89
CA PHE B 503 -26.70 -39.46 17.01
C PHE B 503 -27.51 -40.67 16.52
N LEU B 504 -28.53 -40.37 15.73
CA LEU B 504 -29.44 -41.38 15.23
C LEU B 504 -28.72 -42.38 14.34
N GLN B 505 -29.22 -43.62 14.33
CA GLN B 505 -28.63 -44.60 13.44
C GLN B 505 -28.73 -44.10 12.00
N ASN B 506 -27.66 -44.29 11.25
CA ASN B 506 -27.53 -43.84 9.86
C ASN B 506 -27.55 -42.32 9.73
N GLU B 507 -27.46 -41.59 10.84
CA GLU B 507 -27.32 -40.15 10.78
C GLU B 507 -25.82 -39.79 10.76
N TYR B 508 -25.47 -38.83 9.90
CA TYR B 508 -24.09 -38.44 9.64
C TYR B 508 -23.89 -36.99 10.04
N ALA B 509 -23.16 -36.75 11.13
CA ALA B 509 -23.00 -35.38 11.62
C ALA B 509 -21.98 -34.64 10.78
N LEU B 510 -22.39 -33.50 10.22
CA LEU B 510 -21.60 -32.77 9.23
C LEU B 510 -21.07 -31.45 9.74
N SER B 511 -21.89 -30.65 10.41
CA SER B 511 -21.47 -29.30 10.74
C SER B 511 -21.73 -29.07 12.21
N LEU B 512 -20.96 -28.15 12.81
CA LEU B 512 -21.04 -27.87 14.23
C LEU B 512 -20.61 -26.42 14.49
N VAL B 513 -21.38 -25.73 15.33
CA VAL B 513 -21.14 -24.34 15.65
C VAL B 513 -21.58 -24.10 17.10
N SER B 514 -20.86 -23.20 17.78
CA SER B 514 -21.26 -22.72 19.12
C SER B 514 -21.54 -21.22 19.02
N CYS B 515 -22.67 -20.79 19.60
CA CYS B 515 -23.04 -19.38 19.50
C CYS B 515 -24.30 -19.09 20.30
N LYS B 516 -24.66 -17.81 20.37
CA LYS B 516 -25.93 -17.35 20.91
C LYS B 516 -26.87 -16.98 19.76
N LEU B 517 -28.16 -17.14 19.97
CA LEU B 517 -29.11 -16.85 18.90
C LEU B 517 -30.20 -15.88 19.35
N GLY B 518 -30.55 -14.95 18.46
CA GLY B 518 -31.72 -14.10 18.69
C GLY B 518 -31.58 -13.23 19.93
N LYS B 519 -32.61 -13.23 20.76
CA LYS B 519 -32.59 -12.53 22.02
C LYS B 519 -32.38 -13.49 23.20
N ASP B 520 -31.88 -14.69 22.91
CA ASP B 520 -31.65 -15.74 23.90
C ASP B 520 -30.25 -15.63 24.51
N PRO B 521 -30.11 -15.49 25.82
CA PRO B 521 -28.76 -15.37 26.41
C PRO B 521 -27.99 -16.66 26.53
N ASN B 522 -28.56 -17.82 26.19
CA ASN B 522 -27.84 -19.08 26.28
C ASN B 522 -26.89 -19.26 25.10
N THR B 523 -25.72 -19.82 25.36
CA THR B 523 -24.85 -20.28 24.28
C THR B 523 -25.14 -21.75 24.01
N TYR B 524 -25.35 -22.08 22.74
CA TYR B 524 -25.72 -23.43 22.37
C TYR B 524 -24.65 -24.03 21.48
N PHE B 525 -24.63 -25.36 21.44
CA PHE B 525 -23.96 -26.10 20.38
C PHE B 525 -25.04 -26.43 19.36
N ILE B 526 -24.80 -26.11 18.10
CA ILE B 526 -25.73 -26.46 17.04
C ILE B 526 -25.01 -27.45 16.11
N VAL B 527 -25.70 -28.54 15.77
CA VAL B 527 -25.15 -29.57 14.89
C VAL B 527 -26.09 -29.77 13.71
N GLY B 528 -25.53 -29.76 12.51
CA GLY B 528 -26.27 -30.06 11.28
C GLY B 528 -25.80 -31.40 10.72
N THR B 529 -26.77 -32.19 10.23
CA THR B 529 -26.52 -33.58 9.85
C THR B 529 -27.09 -33.94 8.48
N ALA B 530 -26.96 -35.21 8.09
CA ALA B 530 -27.59 -35.78 6.92
C ALA B 530 -27.97 -37.21 7.24
N MET B 531 -29.02 -37.70 6.64
CA MET B 531 -29.46 -39.07 6.84
C MET B 531 -28.96 -39.87 5.66
N VAL B 532 -27.92 -40.67 5.87
CA VAL B 532 -27.20 -41.33 4.77
C VAL B 532 -27.66 -42.77 4.70
N TYR B 533 -28.37 -43.12 3.64
CA TYR B 533 -28.67 -44.53 3.42
C TYR B 533 -27.94 -45.02 2.19
N PRO B 534 -27.44 -46.25 2.20
CA PRO B 534 -26.64 -46.73 1.07
C PRO B 534 -27.42 -46.93 -0.21
N GLU B 535 -28.75 -46.95 -0.15
CA GLU B 535 -29.50 -47.04 -1.39
C GLU B 535 -29.58 -45.67 -2.10
N GLU B 536 -29.69 -44.60 -1.32
CA GLU B 536 -29.92 -43.24 -1.79
C GLU B 536 -28.60 -42.52 -2.12
N ALA B 537 -28.45 -42.06 -3.37
CA ALA B 537 -27.23 -41.33 -3.75
C ALA B 537 -27.17 -39.95 -3.13
N GLU B 538 -28.19 -39.14 -3.32
CA GLU B 538 -28.09 -37.85 -2.67
C GLU B 538 -29.02 -37.82 -1.46
N PRO B 539 -28.64 -37.12 -0.40
CA PRO B 539 -29.43 -37.19 0.83
C PRO B 539 -30.67 -36.33 0.75
N LYS B 540 -31.82 -36.95 0.99
CA LYS B 540 -33.07 -36.23 0.95
C LYS B 540 -33.51 -35.76 2.32
N GLN B 541 -32.73 -36.03 3.37
CA GLN B 541 -33.15 -35.75 4.73
C GLN B 541 -31.97 -35.36 5.61
N GLY B 542 -32.20 -34.39 6.52
CA GLY B 542 -31.22 -33.98 7.50
C GLY B 542 -31.86 -33.37 8.73
N ARG B 543 -31.01 -33.03 9.70
CA ARG B 543 -31.43 -32.47 10.98
C ARG B 543 -30.51 -31.33 11.37
N ILE B 544 -31.11 -30.30 11.94
CA ILE B 544 -30.40 -29.25 12.64
C ILE B 544 -30.87 -29.36 14.08
N VAL B 545 -29.95 -29.75 14.97
CA VAL B 545 -30.30 -30.02 16.36
C VAL B 545 -29.60 -28.98 17.23
N VAL B 546 -30.32 -28.48 18.22
CA VAL B 546 -29.83 -27.44 19.11
C VAL B 546 -29.68 -28.03 20.50
N PHE B 547 -28.42 -28.11 20.96
CA PHE B 547 -28.00 -28.64 22.24
C PHE B 547 -27.59 -27.49 23.15
N GLN B 548 -27.73 -27.65 24.47
CA GLN B 548 -27.26 -26.60 25.36
C GLN B 548 -26.06 -27.02 26.20
N TYR B 549 -26.20 -28.02 27.08
CA TYR B 549 -25.11 -28.41 27.98
C TYR B 549 -24.88 -27.38 29.08
N SER B 550 -25.62 -27.46 30.21
CA SER B 550 -25.56 -26.40 31.21
C SER B 550 -25.12 -26.86 32.59
N ASP B 551 -25.66 -27.94 33.12
CA ASP B 551 -25.29 -28.45 34.44
C ASP B 551 -24.62 -29.80 34.25
N GLY B 552 -23.44 -29.78 33.63
CA GLY B 552 -22.68 -30.99 33.43
C GLY B 552 -23.36 -31.95 32.47
N LYS B 553 -24.65 -31.72 32.22
CA LYS B 553 -25.46 -32.56 31.35
C LYS B 553 -25.83 -31.79 30.09
N LEU B 554 -26.06 -32.54 29.02
CA LEU B 554 -26.29 -32.03 27.68
C LEU B 554 -27.73 -32.26 27.27
N GLN B 555 -28.49 -31.18 27.08
CA GLN B 555 -29.92 -31.28 26.82
C GLN B 555 -30.22 -30.80 25.40
N THR B 556 -31.15 -31.49 24.72
CA THR B 556 -31.60 -31.08 23.40
C THR B 556 -32.67 -29.98 23.50
N VAL B 557 -32.37 -28.84 22.90
CA VAL B 557 -33.27 -27.69 22.88
C VAL B 557 -33.89 -27.55 21.51
N ALA B 558 -34.83 -28.43 21.15
CA ALA B 558 -35.42 -28.41 19.82
C ALA B 558 -34.49 -28.86 18.69
N GLU B 559 -35.11 -29.33 17.61
CA GLU B 559 -34.48 -29.94 16.44
C GLU B 559 -35.37 -29.59 15.26
N LYS B 560 -34.77 -29.30 14.12
CA LYS B 560 -35.54 -28.95 12.92
C LYS B 560 -35.20 -29.95 11.83
N GLU B 561 -36.22 -30.60 11.29
CA GLU B 561 -36.02 -31.54 10.18
C GLU B 561 -35.90 -30.76 8.90
N VAL B 562 -34.99 -31.20 8.03
CA VAL B 562 -34.83 -30.53 6.75
C VAL B 562 -34.72 -31.58 5.67
N LYS B 563 -35.05 -31.19 4.45
CA LYS B 563 -35.11 -32.12 3.33
C LYS B 563 -33.77 -32.19 2.59
N GLY B 564 -32.67 -32.40 3.32
CA GLY B 564 -31.37 -32.51 2.69
C GLY B 564 -30.26 -32.47 3.71
N ALA B 565 -29.03 -32.59 3.22
CA ALA B 565 -27.83 -32.62 4.06
C ALA B 565 -27.44 -31.20 4.45
N VAL B 566 -27.16 -31.01 5.74
CA VAL B 566 -26.78 -29.68 6.25
C VAL B 566 -25.27 -29.62 6.21
N TYR B 567 -24.71 -29.35 5.04
CA TYR B 567 -23.27 -29.45 4.85
C TYR B 567 -22.51 -28.41 5.67
N SER B 568 -23.10 -27.25 5.94
CA SER B 568 -22.34 -26.10 6.45
C SER B 568 -23.25 -25.17 7.23
N MET B 569 -22.69 -24.54 8.28
CA MET B 569 -23.49 -23.68 9.17
C MET B 569 -22.64 -22.52 9.66
N VAL B 570 -23.25 -21.34 9.73
CA VAL B 570 -22.59 -20.15 10.23
C VAL B 570 -23.55 -19.40 11.14
N GLU B 571 -23.04 -18.87 12.24
CA GLU B 571 -23.81 -17.84 12.95
C GLU B 571 -23.80 -16.56 12.13
N PHE B 572 -24.97 -16.01 11.87
CA PHE B 572 -25.13 -14.86 10.98
C PHE B 572 -25.91 -13.74 11.69
N ASN B 573 -25.20 -12.87 12.41
CA ASN B 573 -25.83 -11.69 13.02
C ASN B 573 -27.02 -12.06 13.89
N GLY B 574 -26.77 -12.90 14.90
CA GLY B 574 -27.82 -13.39 15.79
C GLY B 574 -28.80 -14.37 15.19
N LYS B 575 -28.60 -14.77 13.93
CA LYS B 575 -29.38 -15.79 13.24
C LYS B 575 -28.45 -16.91 12.80
N LEU B 576 -29.04 -17.98 12.27
CA LEU B 576 -28.32 -19.20 11.91
C LEU B 576 -28.43 -19.43 10.40
N LEU B 577 -27.33 -19.19 9.67
CA LEU B 577 -27.26 -19.45 8.23
C LEU B 577 -26.82 -20.89 8.02
N ALA B 578 -27.41 -21.57 7.02
CA ALA B 578 -27.21 -23.01 6.82
C ALA B 578 -27.30 -23.37 5.34
N SER B 579 -26.53 -24.39 4.95
CA SER B 579 -26.62 -25.03 3.63
C SER B 579 -27.45 -26.30 3.69
N ILE B 580 -28.31 -26.48 2.70
CA ILE B 580 -29.04 -27.74 2.56
C ILE B 580 -28.97 -28.09 1.09
N ASN B 581 -28.15 -29.08 0.76
CA ASN B 581 -27.91 -29.43 -0.63
C ASN B 581 -27.53 -28.16 -1.39
N SER B 582 -28.38 -27.68 -2.27
CA SER B 582 -28.06 -26.49 -3.06
C SER B 582 -28.64 -25.21 -2.48
N THR B 583 -29.29 -25.29 -1.32
CA THR B 583 -30.03 -24.16 -0.77
C THR B 583 -29.25 -23.49 0.34
N VAL B 584 -29.22 -22.17 0.33
CA VAL B 584 -28.72 -21.38 1.44
C VAL B 584 -29.93 -20.74 2.13
N ARG B 585 -30.03 -20.93 3.43
CA ARG B 585 -31.24 -20.60 4.16
C ARG B 585 -30.87 -19.84 5.44
N LEU B 586 -31.57 -18.74 5.72
CA LEU B 586 -31.34 -18.02 6.95
C LEU B 586 -32.43 -18.38 7.94
N TYR B 587 -32.04 -18.80 9.17
CA TYR B 587 -32.96 -19.23 10.21
C TYR B 587 -33.03 -18.20 11.35
N GLU B 588 -34.21 -18.08 11.94
CA GLU B 588 -34.45 -17.15 13.04
C GLU B 588 -34.78 -17.92 14.31
N TRP B 589 -34.35 -17.41 15.46
CA TRP B 589 -34.56 -18.08 16.75
C TRP B 589 -35.73 -17.41 17.45
N THR B 590 -36.85 -18.13 17.59
CA THR B 590 -38.01 -17.47 18.16
C THR B 590 -37.91 -17.38 19.67
N THR B 591 -38.95 -16.79 20.26
CA THR B 591 -39.05 -16.77 21.70
C THR B 591 -39.43 -18.15 22.22
N GLU B 592 -40.21 -18.91 21.43
CA GLU B 592 -40.58 -20.28 21.74
C GLU B 592 -39.40 -21.28 21.51
N LYS B 593 -38.18 -20.76 21.32
CA LYS B 593 -36.93 -21.53 21.24
C LYS B 593 -36.93 -22.57 20.13
N GLU B 594 -37.15 -22.09 18.90
CA GLU B 594 -37.14 -22.99 17.76
C GLU B 594 -36.72 -22.22 16.51
N LEU B 595 -36.44 -22.97 15.45
CA LEU B 595 -35.94 -22.40 14.21
C LEU B 595 -37.09 -22.16 13.24
N ARG B 596 -37.13 -20.95 12.68
CA ARG B 596 -38.13 -20.53 11.71
C ARG B 596 -37.39 -19.94 10.52
N THR B 597 -37.74 -20.40 9.32
CA THR B 597 -37.07 -19.90 8.11
C THR B 597 -37.39 -18.42 7.90
N GLU B 598 -36.36 -17.63 7.62
CA GLU B 598 -36.55 -16.25 7.20
C GLU B 598 -36.55 -16.16 5.68
N CYS B 599 -35.47 -16.58 5.04
CA CYS B 599 -35.43 -16.52 3.58
C CYS B 599 -34.59 -17.67 3.03
N ASN B 600 -34.82 -17.96 1.77
CA ASN B 600 -34.09 -18.99 1.05
C ASN B 600 -33.46 -18.37 -0.18
N HIS B 601 -32.24 -18.77 -0.47
CA HIS B 601 -31.63 -18.45 -1.76
C HIS B 601 -31.22 -19.77 -2.40
N TYR B 602 -31.95 -20.16 -3.44
CA TYR B 602 -31.68 -21.42 -4.12
C TYR B 602 -30.55 -21.22 -5.13
N ASN B 603 -29.56 -22.11 -5.08
CA ASN B 603 -28.44 -22.08 -6.02
C ASN B 603 -28.47 -23.29 -6.94
N ASN B 604 -27.76 -23.17 -8.07
CA ASN B 604 -27.57 -24.34 -8.91
C ASN B 604 -26.36 -25.15 -8.44
N ILE B 605 -25.40 -24.52 -7.76
CA ILE B 605 -24.28 -25.27 -7.22
C ILE B 605 -24.70 -25.79 -5.86
N MET B 606 -24.05 -26.87 -5.44
CA MET B 606 -24.30 -27.48 -4.14
C MET B 606 -23.49 -26.69 -3.13
N ALA B 607 -24.17 -26.12 -2.12
CA ALA B 607 -23.55 -25.18 -1.18
C ALA B 607 -22.70 -25.87 -0.12
N LEU B 608 -21.50 -26.32 -0.52
CA LEU B 608 -20.60 -26.97 0.43
C LEU B 608 -19.94 -25.98 1.38
N TYR B 609 -19.27 -24.99 0.85
CA TYR B 609 -18.53 -24.05 1.67
C TYR B 609 -19.40 -22.85 1.97
N LEU B 610 -19.28 -22.33 3.19
CA LEU B 610 -20.14 -21.26 3.68
C LEU B 610 -19.31 -20.40 4.62
N LYS B 611 -18.96 -19.20 4.18
CA LYS B 611 -18.18 -18.28 4.99
C LYS B 611 -18.90 -16.94 4.99
N THR B 612 -18.66 -16.15 6.02
CA THR B 612 -19.43 -14.93 6.21
C THR B 612 -18.52 -13.80 6.66
N LYS B 613 -18.95 -12.57 6.38
CA LYS B 613 -18.20 -11.38 6.78
C LYS B 613 -19.17 -10.20 6.67
N GLY B 614 -19.65 -9.71 7.81
CA GLY B 614 -20.64 -8.63 7.77
C GLY B 614 -21.95 -9.07 7.13
N ASP B 615 -22.36 -8.42 6.05
CA ASP B 615 -23.57 -8.87 5.34
C ASP B 615 -23.27 -9.72 4.11
N PHE B 616 -21.99 -9.95 3.79
CA PHE B 616 -21.62 -10.78 2.66
C PHE B 616 -21.51 -12.26 3.05
N ILE B 617 -21.88 -13.12 2.11
CA ILE B 617 -21.87 -14.56 2.31
C ILE B 617 -21.16 -15.20 1.13
N LEU B 618 -20.14 -16.01 1.41
CA LEU B 618 -19.37 -16.70 0.38
C LEU B 618 -19.85 -18.14 0.33
N VAL B 619 -20.25 -18.58 -0.86
CA VAL B 619 -20.71 -19.94 -1.08
C VAL B 619 -19.76 -20.60 -2.06
N GLY B 620 -19.46 -21.88 -1.82
CA GLY B 620 -18.55 -22.59 -2.70
C GLY B 620 -18.89 -24.06 -2.77
N ASP B 621 -18.68 -24.65 -3.93
CA ASP B 621 -18.82 -26.09 -4.07
C ASP B 621 -17.45 -26.72 -4.35
N LEU B 622 -17.47 -28.05 -4.48
CA LEU B 622 -16.27 -28.87 -4.65
C LEU B 622 -15.55 -28.63 -5.96
N MET B 623 -16.18 -27.97 -6.92
CA MET B 623 -15.55 -27.73 -8.21
C MET B 623 -15.20 -26.27 -8.36
N ARG B 624 -14.87 -25.62 -7.26
CA ARG B 624 -14.31 -24.27 -7.29
C ARG B 624 -15.28 -23.25 -7.89
N SER B 625 -16.58 -23.55 -7.84
CA SER B 625 -17.58 -22.56 -8.18
C SER B 625 -17.68 -21.61 -6.99
N VAL B 626 -17.35 -20.35 -7.19
CA VAL B 626 -17.34 -19.39 -6.08
C VAL B 626 -18.43 -18.37 -6.31
N LEU B 627 -19.21 -18.12 -5.27
CA LEU B 627 -20.42 -17.32 -5.33
C LEU B 627 -20.41 -16.33 -4.16
N LEU B 628 -20.86 -15.13 -4.42
CA LEU B 628 -20.85 -14.09 -3.43
C LEU B 628 -22.26 -13.57 -3.21
N LEU B 629 -22.96 -14.09 -2.21
CA LEU B 629 -24.27 -13.54 -1.89
C LEU B 629 -24.15 -12.42 -0.86
N ALA B 630 -25.11 -11.51 -0.88
CA ALA B 630 -25.16 -10.43 0.10
C ALA B 630 -26.54 -10.46 0.72
N TYR B 631 -26.60 -10.36 2.04
CA TYR B 631 -27.88 -10.27 2.73
C TYR B 631 -28.38 -8.83 2.67
N LYS B 632 -29.63 -8.66 2.24
CA LYS B 632 -30.22 -7.34 2.17
C LYS B 632 -31.15 -7.09 3.35
N PRO B 633 -30.70 -6.35 4.37
CA PRO B 633 -31.56 -6.10 5.54
C PRO B 633 -32.86 -5.40 5.22
N MET B 634 -32.89 -4.53 4.22
CA MET B 634 -34.13 -3.82 3.98
C MET B 634 -35.17 -4.68 3.28
N GLU B 635 -34.75 -5.71 2.56
CA GLU B 635 -35.67 -6.58 1.86
C GLU B 635 -35.83 -7.95 2.49
N GLY B 636 -35.02 -8.28 3.48
CA GLY B 636 -35.14 -9.59 4.09
C GLY B 636 -34.84 -10.71 3.13
N ASN B 637 -33.90 -10.52 2.21
CA ASN B 637 -33.66 -11.48 1.16
C ASN B 637 -32.15 -11.57 0.91
N PHE B 638 -31.74 -12.48 0.04
CA PHE B 638 -30.37 -12.55 -0.45
C PHE B 638 -30.31 -12.05 -1.87
N GLU B 639 -29.15 -11.50 -2.23
CA GLU B 639 -28.92 -10.97 -3.58
C GLU B 639 -27.54 -11.41 -4.03
N GLU B 640 -27.44 -11.92 -5.26
CA GLU B 640 -26.15 -12.41 -5.73
C GLU B 640 -25.34 -11.25 -6.28
N ILE B 641 -24.14 -11.07 -5.75
CA ILE B 641 -23.31 -9.92 -6.08
C ILE B 641 -22.41 -10.22 -7.26
N ALA B 642 -21.73 -11.36 -7.21
CA ALA B 642 -20.75 -11.72 -8.20
C ALA B 642 -20.51 -13.22 -8.11
N ARG B 643 -19.85 -13.75 -9.14
CA ARG B 643 -19.65 -15.18 -9.30
C ARG B 643 -18.33 -15.42 -10.02
N ASP B 644 -17.75 -16.60 -9.77
CA ASP B 644 -16.59 -17.05 -10.56
C ASP B 644 -16.59 -18.57 -10.58
N PHE B 645 -16.90 -19.16 -11.73
CA PHE B 645 -16.84 -20.60 -11.90
C PHE B 645 -15.62 -20.98 -12.74
N ASN B 646 -14.93 -22.02 -12.31
CA ASN B 646 -13.69 -22.46 -12.94
C ASN B 646 -13.49 -23.92 -12.56
N PRO B 647 -13.95 -24.85 -13.40
CA PRO B 647 -13.96 -26.27 -13.04
C PRO B 647 -12.60 -26.76 -12.55
N ASN B 648 -12.55 -27.11 -11.27
CA ASN B 648 -11.36 -27.60 -10.61
C ASN B 648 -11.73 -27.96 -9.18
N TRP B 649 -11.06 -28.95 -8.59
CA TRP B 649 -11.38 -29.38 -7.23
C TRP B 649 -10.97 -28.33 -6.19
N MET B 650 -11.89 -28.00 -5.27
CA MET B 650 -11.66 -27.05 -4.19
C MET B 650 -11.76 -27.75 -2.84
N SER B 651 -10.90 -27.38 -1.89
CA SER B 651 -10.87 -28.12 -0.64
C SER B 651 -11.22 -27.28 0.57
N ALA B 652 -11.04 -25.97 0.49
CA ALA B 652 -11.32 -25.05 1.58
C ALA B 652 -11.33 -23.65 0.99
N VAL B 653 -11.93 -22.71 1.72
CA VAL B 653 -12.04 -21.36 1.23
C VAL B 653 -12.33 -20.44 2.40
N GLU B 654 -12.03 -19.15 2.23
CA GLU B 654 -12.09 -18.24 3.36
C GLU B 654 -12.20 -16.81 2.83
N ILE B 655 -12.74 -15.92 3.66
CA ILE B 655 -12.94 -14.52 3.31
C ILE B 655 -11.77 -13.71 3.85
N LEU B 656 -10.97 -13.14 2.96
CA LEU B 656 -9.85 -12.32 3.42
C LEU B 656 -10.31 -10.93 3.84
N ASP B 657 -11.16 -10.29 3.03
CA ASP B 657 -11.95 -9.13 3.46
C ASP B 657 -13.13 -8.97 2.50
N ASP B 658 -13.84 -7.85 2.61
CA ASP B 658 -15.07 -7.67 1.85
C ASP B 658 -14.87 -7.84 0.34
N ASP B 659 -13.63 -7.75 -0.15
CA ASP B 659 -13.35 -7.74 -1.58
C ASP B 659 -12.52 -8.92 -2.09
N ASN B 660 -11.88 -9.72 -1.23
CA ASN B 660 -10.93 -10.73 -1.67
C ASN B 660 -11.21 -12.05 -1.01
N PHE B 661 -11.17 -13.13 -1.79
CA PHE B 661 -11.50 -14.45 -1.29
C PHE B 661 -10.36 -15.41 -1.60
N LEU B 662 -9.93 -16.16 -0.59
CA LEU B 662 -8.81 -17.10 -0.70
C LEU B 662 -9.32 -18.53 -0.75
N GLY B 663 -8.77 -19.31 -1.68
CA GLY B 663 -9.18 -20.68 -1.84
C GLY B 663 -8.02 -21.64 -2.00
N ALA B 664 -8.33 -22.90 -1.70
CA ALA B 664 -7.37 -23.99 -1.79
C ALA B 664 -7.90 -24.95 -2.84
N GLU B 665 -7.21 -25.03 -3.97
CA GLU B 665 -7.63 -25.85 -5.08
C GLU B 665 -6.51 -26.78 -5.58
N ASN B 666 -6.90 -27.68 -6.49
CA ASN B 666 -5.99 -28.64 -7.07
C ASN B 666 -4.97 -27.97 -7.95
N ALA B 667 -3.74 -28.50 -7.97
CA ALA B 667 -3.15 -29.51 -7.08
C ALA B 667 -2.27 -28.83 -6.05
N PHE B 668 -2.71 -28.82 -4.80
CA PHE B 668 -1.98 -28.17 -3.73
C PHE B 668 -1.72 -26.71 -4.09
N ASN B 669 -2.72 -26.03 -4.59
CA ASN B 669 -2.56 -24.63 -4.95
C ASN B 669 -3.40 -23.73 -4.06
N LEU B 670 -2.97 -22.49 -3.93
CA LEU B 670 -3.84 -21.50 -3.32
C LEU B 670 -4.24 -20.51 -4.39
N PHE B 671 -5.44 -19.96 -4.26
CA PHE B 671 -5.88 -18.94 -5.21
C PHE B 671 -6.63 -17.88 -4.43
N VAL B 672 -6.54 -16.65 -4.96
CA VAL B 672 -7.30 -15.51 -4.46
C VAL B 672 -8.03 -14.90 -5.63
N CYS B 673 -9.36 -14.79 -5.50
CA CYS B 673 -10.22 -14.06 -6.41
CA CYS B 673 -10.19 -14.04 -6.41
C CYS B 673 -10.66 -12.76 -5.73
N GLN B 674 -11.00 -11.75 -6.53
CA GLN B 674 -11.39 -10.46 -5.95
C GLN B 674 -12.59 -9.86 -6.68
N LYS B 675 -13.32 -9.01 -5.94
CA LYS B 675 -14.39 -8.20 -6.53
C LYS B 675 -13.77 -7.09 -7.36
N ASP B 676 -14.19 -7.00 -8.64
CA ASP B 676 -13.58 -6.08 -9.60
C ASP B 676 -13.82 -4.61 -9.25
N SER B 677 -12.73 -3.87 -9.15
CA SER B 677 -12.71 -2.43 -8.96
C SER B 677 -12.83 -1.66 -10.26
N ALA B 678 -12.58 -2.31 -11.41
CA ALA B 678 -12.71 -1.68 -12.73
C ALA B 678 -14.05 -1.99 -13.38
N ALA B 679 -15.13 -1.92 -12.60
CA ALA B 679 -16.44 -2.37 -13.04
C ALA B 679 -17.30 -1.17 -13.37
N THR B 680 -17.52 -0.95 -14.65
CA THR B 680 -18.50 0.02 -15.12
C THR B 680 -19.78 -0.67 -15.54
N THR B 681 -19.66 -1.71 -16.37
CA THR B 681 -20.80 -2.53 -16.75
C THR B 681 -21.23 -3.44 -15.61
N ASP B 682 -22.54 -3.69 -15.53
CA ASP B 682 -23.05 -4.61 -14.54
C ASP B 682 -22.58 -6.03 -14.80
N GLU B 683 -22.23 -6.37 -16.05
CA GLU B 683 -21.60 -7.66 -16.31
C GLU B 683 -20.23 -7.76 -15.64
N GLU B 684 -19.43 -6.68 -15.71
CA GLU B 684 -18.10 -6.67 -15.10
C GLU B 684 -18.17 -6.79 -13.58
N ARG B 685 -19.13 -6.11 -12.95
CA ARG B 685 -19.24 -6.17 -11.50
C ARG B 685 -19.70 -7.54 -11.01
N GLN B 686 -20.22 -8.38 -11.90
CA GLN B 686 -20.78 -9.66 -11.51
C GLN B 686 -19.79 -10.78 -11.71
N HIS B 687 -18.57 -10.48 -12.18
CA HIS B 687 -17.53 -11.48 -12.33
C HIS B 687 -16.34 -11.16 -11.44
N LEU B 688 -15.89 -12.17 -10.67
CA LEU B 688 -14.78 -12.03 -9.74
C LEU B 688 -13.49 -12.41 -10.44
N GLN B 689 -12.50 -11.51 -10.39
CA GLN B 689 -11.25 -11.71 -11.11
C GLN B 689 -10.29 -12.53 -10.27
N GLU B 690 -9.50 -13.38 -10.93
CA GLU B 690 -8.42 -14.05 -10.21
C GLU B 690 -7.23 -13.08 -10.14
N VAL B 691 -6.73 -12.88 -8.93
CA VAL B 691 -5.66 -11.93 -8.68
C VAL B 691 -4.43 -12.60 -8.11
N GLY B 692 -4.54 -13.85 -7.68
CA GLY B 692 -3.41 -14.55 -7.13
C GLY B 692 -3.44 -16.04 -7.36
N LEU B 693 -2.30 -16.60 -7.74
CA LEU B 693 -2.11 -18.03 -7.92
C LEU B 693 -0.82 -18.41 -7.24
N PHE B 694 -0.79 -19.60 -6.65
CA PHE B 694 0.39 -20.03 -5.92
C PHE B 694 0.35 -21.53 -5.70
N HIS B 695 1.50 -22.17 -5.90
CA HIS B 695 1.65 -23.59 -5.58
C HIS B 695 2.13 -23.73 -4.14
N LEU B 696 1.23 -24.12 -3.24
CA LEU B 696 1.58 -24.20 -1.84
C LEU B 696 2.42 -25.43 -1.58
N GLY B 697 2.07 -26.55 -2.23
CA GLY B 697 2.66 -27.86 -1.98
C GLY B 697 1.92 -28.70 -0.95
N GLU B 698 0.84 -28.18 -0.40
CA GLU B 698 0.07 -28.84 0.63
C GLU B 698 -1.40 -28.79 0.26
N PHE B 699 -2.15 -29.74 0.82
CA PHE B 699 -3.58 -29.91 0.63
C PHE B 699 -4.28 -29.30 1.84
N VAL B 700 -4.88 -28.12 1.67
CA VAL B 700 -5.44 -27.41 2.82
C VAL B 700 -6.83 -27.94 3.14
N ASN B 701 -7.05 -28.32 4.39
CA ASN B 701 -8.35 -28.81 4.88
C ASN B 701 -9.19 -27.76 5.55
N VAL B 702 -8.58 -26.70 6.08
CA VAL B 702 -9.28 -25.68 6.86
C VAL B 702 -8.45 -24.40 6.94
N PHE B 703 -9.07 -23.27 6.61
CA PHE B 703 -8.56 -21.96 6.96
C PHE B 703 -9.20 -21.53 8.26
N CYS B 704 -8.55 -20.59 8.93
CA CYS B 704 -8.97 -20.17 10.26
C CYS B 704 -8.42 -18.77 10.54
N HIS B 705 -9.28 -17.78 10.80
CA HIS B 705 -8.76 -16.47 11.22
C HIS B 705 -8.22 -16.55 12.64
N GLY B 706 -7.02 -16.01 12.86
CA GLY B 706 -6.40 -16.07 14.16
C GLY B 706 -4.90 -15.96 14.05
N SER B 707 -4.27 -15.78 15.21
CA SER B 707 -2.82 -15.65 15.23
C SER B 707 -2.27 -16.26 16.51
N LEU B 708 -1.01 -16.71 16.45
CA LEU B 708 -0.40 -17.36 17.59
C LEU B 708 0.58 -16.47 18.32
N VAL B 709 0.59 -15.17 18.00
CA VAL B 709 1.54 -14.23 18.59
C VAL B 709 0.75 -13.17 19.37
N MET B 710 1.39 -12.06 19.73
CA MET B 710 0.71 -10.90 20.32
C MET B 710 -0.45 -10.41 19.44
N PRO B 719 2.27 -2.90 9.26
CA PRO B 719 3.29 -3.79 8.72
C PRO B 719 2.66 -4.73 7.72
N THR B 720 1.81 -5.63 8.24
CA THR B 720 0.91 -6.46 7.45
C THR B 720 -0.49 -6.41 8.06
N GLN B 721 -1.49 -6.79 7.27
CA GLN B 721 -2.89 -6.75 7.68
C GLN B 721 -3.51 -8.14 7.57
N GLY B 722 -4.07 -8.63 8.66
CA GLY B 722 -4.78 -9.90 8.68
C GLY B 722 -3.92 -11.10 9.06
N SER B 723 -4.59 -12.16 9.50
CA SER B 723 -3.90 -13.39 9.89
C SER B 723 -4.87 -14.56 9.72
N VAL B 724 -4.59 -15.40 8.73
CA VAL B 724 -5.34 -16.63 8.45
C VAL B 724 -4.39 -17.80 8.60
N LEU B 725 -4.71 -18.69 9.53
CA LEU B 725 -3.98 -19.93 9.66
C LEU B 725 -4.64 -20.98 8.80
N PHE B 726 -3.88 -21.97 8.37
CA PHE B 726 -4.51 -23.08 7.69
C PHE B 726 -3.80 -24.38 8.05
N GLY B 727 -4.57 -25.42 8.26
CA GLY B 727 -4.02 -26.74 8.46
C GLY B 727 -4.18 -27.61 7.22
N THR B 728 -3.22 -28.51 7.01
CA THR B 728 -3.16 -29.35 5.83
C THR B 728 -3.12 -30.83 6.22
N VAL B 729 -3.14 -31.68 5.19
CA VAL B 729 -3.18 -33.14 5.41
C VAL B 729 -1.88 -33.65 5.98
N ASN B 730 -0.76 -33.08 5.54
CA ASN B 730 0.51 -33.57 6.04
C ASN B 730 0.87 -32.95 7.34
N GLY B 731 -0.07 -32.27 7.98
CA GLY B 731 0.19 -31.70 9.28
C GLY B 731 0.93 -30.38 9.27
N MET B 732 1.15 -29.77 8.10
CA MET B 732 1.82 -28.48 8.06
C MET B 732 0.83 -27.38 8.43
N ILE B 733 1.30 -26.36 9.12
CA ILE B 733 0.45 -25.25 9.51
C ILE B 733 1.03 -23.98 8.88
N GLY B 734 0.21 -23.29 8.10
CA GLY B 734 0.70 -22.12 7.42
C GLY B 734 -0.09 -20.85 7.71
N LEU B 735 0.52 -19.73 7.38
CA LEU B 735 -0.10 -18.45 7.68
C LEU B 735 -0.14 -17.60 6.42
N VAL B 736 -1.28 -16.96 6.17
CA VAL B 736 -1.48 -16.06 5.04
C VAL B 736 -1.89 -14.71 5.56
N THR B 737 -1.16 -13.68 5.16
CA THR B 737 -1.44 -12.29 5.50
C THR B 737 -1.29 -11.47 4.23
N SER B 738 -1.81 -10.25 4.27
CA SER B 738 -1.82 -9.40 3.08
C SER B 738 -0.88 -8.22 3.25
N LEU B 739 -0.27 -7.78 2.15
CA LEU B 739 0.73 -6.70 2.15
C LEU B 739 0.25 -5.46 1.40
N SER B 740 1.00 -4.37 1.58
CA SER B 740 0.87 -3.16 0.76
C SER B 740 1.43 -3.41 -0.64
N GLU B 741 0.92 -2.66 -1.62
CA GLU B 741 1.52 -2.76 -2.93
C GLU B 741 2.99 -2.37 -2.89
N SER B 742 3.34 -1.42 -2.02
CA SER B 742 4.74 -1.03 -1.88
C SER B 742 5.59 -2.20 -1.39
N TRP B 743 5.10 -2.92 -0.38
CA TRP B 743 5.81 -4.05 0.20
C TRP B 743 5.81 -5.28 -0.72
N TYR B 744 4.70 -5.53 -1.43
CA TYR B 744 4.67 -6.67 -2.34
C TYR B 744 5.67 -6.49 -3.46
N ASN B 745 5.66 -5.32 -4.11
CA ASN B 745 6.61 -5.11 -5.19
C ASN B 745 8.04 -5.33 -4.73
N LEU B 746 8.39 -4.87 -3.51
CA LEU B 746 9.78 -4.93 -3.07
C LEU B 746 10.19 -6.37 -2.79
N LEU B 747 9.36 -7.09 -2.03
CA LEU B 747 9.66 -8.47 -1.73
C LEU B 747 9.64 -9.35 -2.98
N LEU B 748 8.94 -8.93 -4.05
CA LEU B 748 8.98 -9.73 -5.28
C LEU B 748 10.31 -9.55 -5.99
N ASP B 749 10.85 -8.32 -5.99
CA ASP B 749 12.22 -8.14 -6.48
C ASP B 749 13.17 -9.01 -5.66
N MET B 750 12.96 -9.06 -4.33
CA MET B 750 13.86 -9.85 -3.50
C MET B 750 13.79 -11.32 -3.85
N GLN B 751 12.60 -11.82 -4.14
CA GLN B 751 12.48 -13.23 -4.48
C GLN B 751 13.37 -13.56 -5.66
N ASN B 752 13.33 -12.74 -6.70
CA ASN B 752 14.20 -13.02 -7.83
C ASN B 752 15.67 -12.86 -7.45
N ARG B 753 15.95 -11.94 -6.52
CA ARG B 753 17.34 -11.73 -6.13
C ARG B 753 17.84 -12.81 -5.17
N LEU B 754 17.01 -13.25 -4.23
CA LEU B 754 17.43 -14.33 -3.34
C LEU B 754 17.56 -15.64 -4.10
N ASN B 755 16.75 -15.84 -5.14
CA ASN B 755 16.81 -17.07 -5.93
C ASN B 755 18.09 -17.19 -6.74
N LYS B 756 18.78 -16.08 -6.99
CA LYS B 756 20.06 -16.16 -7.68
C LYS B 756 21.20 -16.59 -6.75
N VAL B 757 21.02 -16.52 -5.43
CA VAL B 757 22.10 -16.82 -4.50
C VAL B 757 21.84 -18.05 -3.61
N ILE B 758 20.63 -18.60 -3.59
CA ILE B 758 20.30 -19.73 -2.71
C ILE B 758 20.42 -21.03 -3.49
N LYS B 759 21.26 -21.95 -3.00
CA LYS B 759 21.49 -23.20 -3.72
C LYS B 759 20.33 -24.16 -3.44
N SER B 760 19.63 -24.58 -4.50
CA SER B 760 18.46 -25.42 -4.36
C SER B 760 18.83 -26.88 -4.58
N VAL B 761 18.31 -27.75 -3.69
CA VAL B 761 18.79 -29.14 -3.57
C VAL B 761 18.81 -29.85 -4.92
N GLY B 762 17.66 -30.02 -5.56
CA GLY B 762 17.76 -30.76 -6.81
C GLY B 762 18.17 -29.90 -7.99
N LYS B 763 18.73 -28.73 -7.72
CA LYS B 763 18.93 -27.68 -8.73
C LYS B 763 17.58 -27.34 -9.39
N ILE B 764 16.55 -27.20 -8.55
CA ILE B 764 15.19 -26.96 -8.99
C ILE B 764 14.90 -25.47 -8.88
N GLU B 765 14.38 -24.87 -9.95
CA GLU B 765 14.03 -23.45 -9.95
C GLU B 765 12.82 -23.20 -9.04
N HIS B 766 12.94 -22.16 -8.21
CA HIS B 766 11.85 -21.79 -7.30
C HIS B 766 10.60 -21.41 -8.05
N SER B 767 10.77 -20.68 -9.17
CA SER B 767 9.65 -20.23 -9.99
C SER B 767 8.95 -21.38 -10.69
N PHE B 768 9.67 -22.47 -10.94
CA PHE B 768 9.00 -23.69 -11.40
C PHE B 768 8.17 -24.31 -10.27
N TRP B 769 8.73 -24.34 -9.06
CA TRP B 769 8.10 -25.03 -7.95
C TRP B 769 6.85 -24.30 -7.49
N ARG B 770 6.85 -22.97 -7.53
CA ARG B 770 5.67 -22.23 -7.09
C ARG B 770 4.68 -21.96 -8.23
N SER B 771 4.97 -22.44 -9.45
CA SER B 771 4.02 -22.30 -10.55
C SER B 771 2.75 -23.04 -10.22
N PHE B 772 1.62 -22.38 -10.45
CA PHE B 772 0.31 -23.00 -10.35
C PHE B 772 0.29 -24.24 -11.25
N HIS B 773 -0.24 -25.34 -10.71
CA HIS B 773 -0.06 -26.59 -11.43
C HIS B 773 -1.32 -27.41 -11.36
N THR B 774 -1.76 -27.86 -12.53
CA THR B 774 -2.75 -28.91 -12.72
C THR B 774 -2.05 -30.09 -13.37
N GLU B 775 -2.78 -31.19 -13.57
CA GLU B 775 -2.21 -32.26 -14.38
C GLU B 775 -2.10 -31.85 -15.84
N ARG B 776 -2.80 -30.78 -16.26
CA ARG B 776 -2.81 -30.30 -17.63
C ARG B 776 -2.22 -28.91 -17.83
N LYS B 777 -2.23 -28.05 -16.80
CA LYS B 777 -1.88 -26.64 -16.91
C LYS B 777 -0.75 -26.29 -15.95
N THR B 778 0.09 -25.34 -16.35
CA THR B 778 1.05 -24.70 -15.44
C THR B 778 1.15 -23.22 -15.81
N GLU B 779 0.81 -22.34 -14.86
CA GLU B 779 0.92 -20.91 -15.02
C GLU B 779 1.79 -20.35 -13.91
N PRO B 780 2.61 -19.33 -14.19
CA PRO B 780 3.47 -18.77 -13.15
C PRO B 780 2.67 -18.16 -12.00
N ALA B 781 3.21 -18.30 -10.80
CA ALA B 781 2.58 -17.77 -9.59
C ALA B 781 2.47 -16.25 -9.66
N THR B 782 1.57 -15.70 -8.84
CA THR B 782 1.28 -14.28 -8.95
C THR B 782 0.50 -13.79 -7.74
N GLY B 783 0.72 -12.55 -7.37
CA GLY B 783 0.04 -11.99 -6.21
C GLY B 783 0.38 -12.62 -4.88
N PHE B 784 1.32 -13.56 -4.83
CA PHE B 784 1.67 -14.29 -3.62
C PHE B 784 3.17 -14.28 -3.44
N ILE B 785 3.63 -14.02 -2.21
CA ILE B 785 5.05 -14.02 -1.92
C ILE B 785 5.35 -15.17 -1.00
N ASP B 786 6.39 -15.93 -1.36
CA ASP B 786 6.85 -17.09 -0.59
C ASP B 786 7.56 -16.59 0.66
N GLY B 787 6.85 -16.60 1.79
CA GLY B 787 7.42 -16.11 3.03
C GLY B 787 8.59 -16.94 3.52
N ASP B 788 8.60 -18.24 3.21
CA ASP B 788 9.72 -19.07 3.62
C ASP B 788 11.00 -18.69 2.88
N LEU B 789 10.88 -18.34 1.60
CA LEU B 789 12.02 -17.82 0.88
C LEU B 789 12.43 -16.45 1.39
N ILE B 790 11.46 -15.60 1.73
CA ILE B 790 11.80 -14.27 2.22
C ILE B 790 12.58 -14.35 3.53
N GLU B 791 12.12 -15.22 4.46
CA GLU B 791 12.76 -15.33 5.76
C GLU B 791 14.17 -15.93 5.68
N SER B 792 14.47 -16.69 4.63
CA SER B 792 15.83 -17.22 4.52
C SER B 792 16.84 -16.15 4.16
N PHE B 793 16.42 -14.93 3.90
CA PHE B 793 17.39 -13.85 3.71
C PHE B 793 18.26 -13.69 4.93
N LEU B 794 17.72 -13.96 6.13
CA LEU B 794 18.48 -13.74 7.35
C LEU B 794 19.54 -14.81 7.56
N ASP B 795 19.33 -16.00 7.01
CA ASP B 795 20.23 -17.11 7.23
C ASP B 795 21.48 -17.09 6.34
N ILE B 796 21.50 -16.28 5.26
CA ILE B 796 22.69 -16.18 4.41
C ILE B 796 23.70 -15.22 5.02
N SER B 797 24.92 -15.31 4.52
CA SER B 797 26.04 -14.47 4.90
C SER B 797 25.98 -13.09 4.24
N ARG B 798 26.65 -12.04 4.88
CA ARG B 798 26.65 -10.62 4.34
C ARG B 798 27.39 -10.46 2.97
N PRO B 799 28.38 -11.28 2.45
CA PRO B 799 28.71 -11.16 1.00
C PRO B 799 27.49 -11.46 0.13
N LYS B 800 26.85 -12.63 0.27
CA LYS B 800 25.62 -12.84 -0.48
C LYS B 800 24.54 -11.83 -0.09
N MET B 801 24.49 -11.41 1.18
CA MET B 801 23.49 -10.45 1.63
C MET B 801 23.64 -9.10 0.94
N GLN B 802 24.87 -8.59 0.90
CA GLN B 802 25.06 -7.32 0.21
C GLN B 802 24.96 -7.49 -1.29
N GLU B 803 25.05 -8.73 -1.78
CA GLU B 803 24.90 -8.98 -3.21
C GLU B 803 23.43 -8.88 -3.63
N VAL B 804 22.49 -9.27 -2.77
CA VAL B 804 21.10 -9.25 -3.18
C VAL B 804 20.53 -7.83 -3.11
N VAL B 805 21.07 -6.99 -2.23
CA VAL B 805 20.55 -5.63 -2.09
C VAL B 805 21.11 -4.66 -3.12
N ALA B 806 22.11 -5.08 -3.90
CA ALA B 806 22.80 -4.17 -4.80
C ALA B 806 21.86 -3.61 -5.85
N ASN B 807 21.74 -2.29 -5.88
CA ASN B 807 20.85 -1.57 -6.79
C ASN B 807 19.40 -2.03 -6.61
N LEU B 808 18.84 -1.57 -5.49
CA LEU B 808 17.48 -1.90 -5.10
C LEU B 808 16.85 -0.67 -4.47
N GLN B 809 15.85 -0.11 -5.14
CA GLN B 809 15.23 1.12 -4.72
C GLN B 809 13.98 0.77 -3.93
N TYR B 810 13.66 1.62 -2.97
CA TYR B 810 12.83 1.21 -1.85
C TYR B 810 11.92 2.36 -1.46
N ASP B 811 10.61 2.08 -1.36
CA ASP B 811 9.62 3.13 -1.12
C ASP B 811 9.42 3.33 0.38
N ASP B 812 10.33 4.10 0.97
CA ASP B 812 10.24 4.47 2.37
C ASP B 812 9.21 5.60 2.49
N GLY B 813 9.09 6.19 3.68
CA GLY B 813 8.18 7.31 3.85
C GLY B 813 8.49 8.45 2.90
N SER B 814 9.77 8.77 2.73
CA SER B 814 10.22 9.79 1.81
C SER B 814 9.85 9.45 0.36
N GLY B 815 9.24 10.41 -0.33
CA GLY B 815 8.78 10.17 -1.68
C GLY B 815 9.89 10.26 -2.71
N MET B 816 10.93 9.42 -2.59
CA MET B 816 12.07 9.48 -3.51
C MET B 816 12.67 8.14 -3.87
N LYS B 817 12.45 7.07 -3.10
CA LYS B 817 12.97 5.73 -3.41
C LYS B 817 14.49 5.70 -3.39
N ARG B 818 15.07 5.38 -2.23
CA ARG B 818 16.51 5.31 -2.04
C ARG B 818 17.00 3.87 -2.14
N GLU B 819 18.29 3.72 -2.49
CA GLU B 819 18.92 2.40 -2.46
C GLU B 819 18.78 1.80 -1.08
N ALA B 820 18.60 0.49 -1.03
CA ALA B 820 18.34 -0.19 0.23
C ALA B 820 19.64 -0.73 0.78
N THR B 821 19.89 -0.47 2.07
CA THR B 821 20.98 -1.15 2.75
C THR B 821 20.48 -2.52 3.21
N ALA B 822 21.40 -3.46 3.31
CA ALA B 822 21.03 -4.78 3.83
C ALA B 822 20.60 -4.67 5.27
N ASP B 823 21.22 -3.77 6.03
CA ASP B 823 20.78 -3.63 7.41
C ASP B 823 19.39 -3.02 7.47
N ASP B 824 19.00 -2.30 6.42
CA ASP B 824 17.59 -1.90 6.27
C ASP B 824 16.70 -3.13 6.06
N LEU B 825 17.18 -4.11 5.29
CA LEU B 825 16.37 -5.26 4.92
C LEU B 825 16.31 -6.32 6.03
N ILE B 826 17.32 -6.36 6.90
CA ILE B 826 17.22 -7.19 8.09
C ILE B 826 16.07 -6.71 8.93
N LYS B 827 15.80 -5.40 8.92
CA LYS B 827 14.74 -4.89 9.77
C LYS B 827 13.37 -5.21 9.20
N VAL B 828 13.22 -5.21 7.87
CA VAL B 828 11.91 -5.47 7.27
C VAL B 828 11.59 -6.96 7.36
N VAL B 829 12.58 -7.84 7.23
CA VAL B 829 12.32 -9.27 7.32
C VAL B 829 12.13 -9.68 8.77
N GLU B 830 12.93 -9.13 9.69
CA GLU B 830 12.76 -9.41 11.10
C GLU B 830 11.36 -9.05 11.57
N GLU B 831 10.74 -8.03 10.95
CA GLU B 831 9.37 -7.72 11.33
C GLU B 831 8.41 -8.76 10.77
N LEU B 832 8.74 -9.34 9.60
CA LEU B 832 7.85 -10.31 8.97
C LEU B 832 7.88 -11.65 9.69
N THR B 833 9.00 -11.98 10.33
CA THR B 833 9.04 -13.15 11.19
C THR B 833 8.19 -12.99 12.42
N ARG B 834 7.92 -11.75 12.83
CA ARG B 834 7.15 -11.51 14.05
C ARG B 834 5.65 -11.88 13.91
N ILE B 835 5.18 -12.27 12.72
CA ILE B 835 3.77 -12.62 12.53
C ILE B 835 3.45 -14.06 12.88
N HIS B 836 4.45 -14.87 13.20
CA HIS B 836 4.25 -16.27 13.56
C HIS B 836 5.33 -16.73 14.53
N TYR C 3 -36.91 -21.73 -55.07
CA TYR C 3 -35.73 -21.32 -55.81
C TYR C 3 -36.09 -21.03 -57.24
N LYS C 4 -37.28 -21.45 -57.65
CA LYS C 4 -37.68 -21.21 -59.03
C LYS C 4 -39.20 -21.15 -59.18
N HIS C 5 -39.80 -22.27 -59.55
CA HIS C 5 -41.23 -22.40 -59.76
C HIS C 5 -41.81 -23.30 -58.67
N LYS C 6 -42.18 -22.68 -57.54
CA LYS C 6 -42.75 -23.35 -56.39
C LYS C 6 -44.25 -23.59 -56.56
N CYS C 7 -44.72 -24.74 -56.11
CA CYS C 7 -46.15 -25.02 -56.13
C CYS C 7 -46.82 -24.35 -54.93
N LYS C 8 -47.95 -23.68 -55.20
CA LYS C 8 -48.61 -22.86 -54.19
C LYS C 8 -49.13 -23.68 -53.00
N TYR C 9 -49.25 -25.00 -53.13
CA TYR C 9 -49.94 -25.80 -52.13
C TYR C 9 -48.99 -26.53 -51.18
N CYS C 10 -48.13 -27.40 -51.74
CA CYS C 10 -47.22 -28.21 -50.94
C CYS C 10 -45.81 -27.67 -50.89
N SER C 11 -45.51 -26.61 -51.64
CA SER C 11 -44.24 -25.86 -51.72
C SER C 11 -43.14 -26.58 -52.50
N LYS C 12 -43.40 -27.77 -53.06
CA LYS C 12 -42.38 -28.47 -53.84
C LYS C 12 -41.99 -27.64 -55.06
N VAL C 13 -40.68 -27.48 -55.29
CA VAL C 13 -40.16 -26.66 -56.37
C VAL C 13 -39.96 -27.53 -57.61
N PHE C 14 -40.23 -26.98 -58.79
CA PHE C 14 -40.03 -27.68 -60.06
C PHE C 14 -39.09 -26.91 -60.97
N GLY C 15 -38.49 -27.62 -61.93
CA GLY C 15 -37.47 -27.01 -62.75
C GLY C 15 -38.04 -25.97 -63.71
N THR C 16 -39.12 -26.32 -64.38
CA THR C 16 -39.75 -25.45 -65.35
C THR C 16 -41.21 -25.20 -64.95
N ASP C 17 -41.82 -24.18 -65.56
CA ASP C 17 -43.23 -23.95 -65.29
C ASP C 17 -44.10 -25.01 -65.96
N SER C 18 -43.58 -25.69 -66.99
CA SER C 18 -44.31 -26.81 -67.60
C SER C 18 -44.51 -27.92 -66.59
N SER C 19 -43.41 -28.38 -65.97
CA SER C 19 -43.48 -29.46 -64.99
C SER C 19 -44.30 -29.08 -63.76
N LEU C 20 -44.46 -27.78 -63.48
CA LEU C 20 -45.21 -27.36 -62.30
C LEU C 20 -46.71 -27.63 -62.47
N GLN C 21 -47.29 -27.21 -63.59
CA GLN C 21 -48.73 -27.42 -63.79
C GLN C 21 -49.06 -28.84 -64.23
N ILE C 22 -48.07 -29.59 -64.72
CA ILE C 22 -48.25 -31.04 -64.80
C ILE C 22 -48.59 -31.58 -63.42
N HIS C 23 -47.91 -31.06 -62.39
CA HIS C 23 -48.14 -31.54 -61.04
C HIS C 23 -49.27 -30.80 -60.34
N LEU C 24 -49.45 -29.50 -60.61
CA LEU C 24 -50.44 -28.74 -59.83
C LEU C 24 -51.84 -29.32 -59.98
N ARG C 25 -52.08 -30.13 -61.01
CA ARG C 25 -53.35 -30.83 -61.14
C ARG C 25 -53.52 -31.95 -60.12
N SER C 26 -52.47 -32.29 -59.35
CA SER C 26 -52.56 -33.32 -58.33
C SER C 26 -53.21 -32.85 -57.03
N HIS C 27 -53.22 -31.54 -56.76
CA HIS C 27 -53.67 -31.01 -55.49
C HIS C 27 -55.17 -30.80 -55.41
N THR C 28 -55.93 -31.36 -56.35
CA THR C 28 -57.38 -31.25 -56.33
C THR C 28 -57.96 -31.90 -55.09
N GLY C 29 -58.45 -31.09 -54.16
CA GLY C 29 -59.12 -31.57 -52.96
C GLY C 29 -59.80 -30.42 -52.26
N GLU C 30 -60.64 -30.76 -51.28
CA GLU C 30 -61.39 -29.73 -50.57
C GLU C 30 -60.50 -28.87 -49.67
N ARG C 31 -59.27 -29.31 -49.36
CA ARG C 31 -58.36 -28.61 -48.46
C ARG C 31 -56.92 -28.76 -48.95
N PRO C 32 -56.55 -28.04 -50.01
CA PRO C 32 -55.36 -28.43 -50.79
C PRO C 32 -53.98 -27.92 -50.34
N PHE C 33 -53.91 -26.84 -49.57
CA PHE C 33 -52.63 -26.26 -49.16
C PHE C 33 -52.03 -27.06 -48.00
N VAL C 34 -50.74 -27.41 -48.10
CA VAL C 34 -50.08 -28.26 -47.09
C VAL C 34 -48.89 -27.51 -46.49
N CYS C 35 -48.84 -27.51 -45.16
CA CYS C 35 -47.72 -26.94 -44.43
C CYS C 35 -46.50 -27.79 -44.69
N SER C 36 -45.46 -27.18 -45.28
CA SER C 36 -44.25 -27.95 -45.56
C SER C 36 -43.51 -28.40 -44.28
N VAL C 37 -44.09 -28.22 -43.07
CA VAL C 37 -43.49 -28.62 -41.81
C VAL C 37 -44.34 -29.67 -41.08
N CYS C 38 -45.65 -29.42 -40.93
CA CYS C 38 -46.56 -30.33 -40.21
C CYS C 38 -47.10 -31.44 -41.09
N GLY C 39 -47.53 -31.10 -42.29
CA GLY C 39 -48.56 -31.84 -42.97
C GLY C 39 -49.97 -31.38 -42.64
N HIS C 40 -50.12 -30.40 -41.76
CA HIS C 40 -51.40 -29.74 -41.58
C HIS C 40 -51.89 -29.22 -42.94
N ARG C 41 -53.21 -29.30 -43.18
CA ARG C 41 -53.81 -28.87 -44.43
C ARG C 41 -54.80 -27.73 -44.19
N PHE C 42 -54.88 -26.82 -45.16
CA PHE C 42 -55.70 -25.63 -45.02
C PHE C 42 -56.47 -25.41 -46.31
N THR C 43 -57.50 -24.57 -46.24
CA THR C 43 -58.33 -24.34 -47.41
C THR C 43 -57.90 -23.14 -48.23
N THR C 44 -57.25 -22.13 -47.65
CA THR C 44 -56.85 -20.96 -48.42
C THR C 44 -55.35 -20.77 -48.29
N LYS C 45 -54.80 -19.97 -49.21
CA LYS C 45 -53.37 -19.69 -49.15
C LYS C 45 -53.01 -18.89 -47.91
N GLY C 46 -53.85 -17.92 -47.55
CA GLY C 46 -53.55 -17.12 -46.38
C GLY C 46 -53.56 -17.93 -45.09
N ASN C 47 -54.55 -18.83 -44.95
CA ASN C 47 -54.61 -19.71 -43.78
C ASN C 47 -53.28 -20.42 -43.58
N LEU C 48 -52.76 -21.01 -44.65
CA LEU C 48 -51.46 -21.67 -44.54
C LEU C 48 -50.35 -20.67 -44.20
N LYS C 49 -50.40 -19.47 -44.80
CA LYS C 49 -49.37 -18.47 -44.51
C LYS C 49 -49.30 -18.14 -43.02
N VAL C 50 -50.46 -17.87 -42.40
CA VAL C 50 -50.48 -17.52 -40.98
C VAL C 50 -49.94 -18.68 -40.15
N HIS C 51 -50.44 -19.88 -40.41
CA HIS C 51 -50.02 -21.03 -39.63
C HIS C 51 -48.55 -21.32 -39.86
N PHE C 52 -48.08 -21.18 -41.11
CA PHE C 52 -46.69 -21.45 -41.41
C PHE C 52 -45.77 -20.52 -40.64
N HIS C 53 -46.17 -19.28 -40.46
CA HIS C 53 -45.31 -18.32 -39.78
C HIS C 53 -45.39 -18.40 -38.27
N ARG C 54 -46.20 -19.30 -37.71
CA ARG C 54 -46.22 -19.53 -36.27
C ARG C 54 -45.25 -20.63 -35.85
N HIS C 55 -44.73 -21.39 -36.80
CA HIS C 55 -43.65 -22.33 -36.55
C HIS C 55 -42.43 -21.52 -36.17
N LEU D 3 23.41 9.25 14.05
CA LEU D 3 22.32 10.22 14.09
C LEU D 3 21.10 9.59 14.74
N HIS D 4 20.82 9.98 15.99
CA HIS D 4 19.64 9.51 16.71
C HIS D 4 18.37 10.12 16.11
N ASP D 5 17.23 9.79 16.70
CA ASP D 5 15.99 10.42 16.25
C ASP D 5 15.80 11.73 17.00
N ASP D 6 14.85 12.53 16.54
CA ASP D 6 14.62 13.86 17.11
C ASP D 6 13.52 13.78 18.16
N ASP D 7 13.74 14.48 19.28
CA ASP D 7 12.90 14.47 20.48
C ASP D 7 12.86 13.12 21.19
N SER D 8 13.49 12.09 20.63
CA SER D 8 13.55 10.80 21.29
C SER D 8 14.43 10.89 22.52
N CYS D 9 14.32 9.89 23.39
CA CYS D 9 15.15 9.82 24.58
C CYS D 9 16.04 8.60 24.53
N GLN D 10 17.27 8.80 24.99
CA GLN D 10 18.26 7.74 25.03
C GLN D 10 18.96 7.80 26.39
N VAL D 11 19.49 6.66 26.81
CA VAL D 11 20.40 6.58 27.94
C VAL D 11 21.80 6.46 27.37
N ILE D 12 22.65 7.41 27.71
CA ILE D 12 23.96 7.55 27.09
C ILE D 12 24.98 7.72 28.21
N PRO D 13 26.11 7.00 28.18
CA PRO D 13 27.13 7.18 29.22
C PRO D 13 27.82 8.54 29.18
N VAL D 14 28.32 8.95 30.34
CA VAL D 14 29.07 10.19 30.49
C VAL D 14 30.39 9.87 31.19
N LEU D 15 31.49 10.24 30.56
CA LEU D 15 32.77 10.05 31.21
C LEU D 15 32.92 11.09 32.32
N PRO D 16 33.17 10.68 33.55
CA PRO D 16 33.20 11.64 34.65
C PRO D 16 34.42 12.57 34.64
N GLN D 17 35.48 12.21 33.90
CA GLN D 17 36.65 13.08 33.82
C GLN D 17 36.37 14.31 32.97
N VAL D 18 35.54 14.16 31.94
CA VAL D 18 35.25 15.28 31.05
C VAL D 18 34.47 16.33 31.82
N MET D 19 34.94 17.56 31.78
CA MET D 19 34.21 18.71 32.32
C MET D 19 34.34 19.82 31.26
N MET D 20 33.60 19.68 30.16
CA MET D 20 33.72 20.59 29.03
C MET D 20 32.36 20.79 28.40
N ILE D 21 32.05 22.05 28.09
CA ILE D 21 30.88 22.35 27.29
C ILE D 21 31.21 22.08 25.83
N LEU D 22 30.68 20.98 25.30
CA LEU D 22 30.91 20.57 23.92
C LEU D 22 29.83 21.15 23.03
N ILE D 23 30.25 21.77 21.94
CA ILE D 23 29.33 22.29 20.94
C ILE D 23 29.29 21.28 19.79
N PRO D 24 28.12 21.04 19.16
CA PRO D 24 28.07 20.15 17.99
C PRO D 24 29.09 20.54 16.93
N GLY D 25 29.74 19.52 16.36
CA GLY D 25 30.75 19.73 15.35
C GLY D 25 32.16 19.90 15.87
N GLN D 26 32.31 20.31 17.13
CA GLN D 26 33.61 20.56 17.74
C GLN D 26 34.21 19.24 18.23
N THR D 27 35.54 19.19 18.25
CA THR D 27 36.26 17.96 18.57
C THR D 27 36.70 17.95 20.02
N LEU D 28 36.68 16.77 20.62
CA LEU D 28 36.98 16.59 22.03
C LEU D 28 38.19 15.67 22.18
N PRO D 29 39.34 16.17 22.58
CA PRO D 29 40.49 15.29 22.82
C PRO D 29 40.44 14.68 24.22
N LEU D 30 40.99 13.47 24.35
CA LEU D 30 40.94 12.74 25.60
C LEU D 30 42.26 12.01 25.85
N GLN D 31 42.60 11.85 27.13
CA GLN D 31 43.64 10.93 27.58
C GLN D 31 43.08 10.16 28.76
N LEU D 32 43.09 8.82 28.70
CA LEU D 32 42.47 8.03 29.74
C LEU D 32 43.44 6.98 30.25
N PHE D 33 43.78 7.01 31.55
CA PHE D 33 44.59 5.93 32.10
C PHE D 33 43.74 4.96 32.90
N HIS D 34 42.56 5.39 33.38
CA HIS D 34 41.76 4.60 34.31
C HIS D 34 41.07 3.46 33.57
N PRO D 35 41.09 2.25 34.14
CA PRO D 35 40.60 1.08 33.39
C PRO D 35 39.12 1.12 33.12
N GLN D 36 38.31 1.60 34.08
CA GLN D 36 36.87 1.69 33.83
C GLN D 36 36.58 2.57 32.61
N GLU D 37 37.23 3.73 32.52
CA GLU D 37 37.00 4.58 31.34
C GLU D 37 37.60 3.98 30.08
N VAL D 38 38.81 3.42 30.17
CA VAL D 38 39.41 2.82 28.99
C VAL D 38 38.53 1.71 28.46
N SER D 39 38.13 0.79 29.35
CA SER D 39 37.25 -0.28 28.90
C SER D 39 35.89 0.28 28.49
N MET D 40 35.50 1.42 29.03
CA MET D 40 34.22 1.98 28.64
C MET D 40 34.25 2.51 27.21
N VAL D 41 35.36 3.16 26.82
CA VAL D 41 35.45 3.66 25.44
C VAL D 41 35.60 2.52 24.46
N ARG D 42 36.27 1.43 24.85
CA ARG D 42 36.41 0.30 23.94
C ARG D 42 35.05 -0.31 23.61
N ASN D 43 34.16 -0.36 24.60
CA ASN D 43 32.83 -0.89 24.31
C ASN D 43 31.98 0.09 23.54
N LEU D 44 32.30 1.39 23.60
CA LEU D 44 31.61 2.34 22.73
C LEU D 44 32.01 2.15 21.28
N ILE D 45 33.31 2.00 21.02
CA ILE D 45 33.79 1.77 19.65
C ILE D 45 33.19 0.52 19.02
N GLN D 46 32.68 -0.40 19.83
CA GLN D 46 32.01 -1.59 19.28
C GLN D 46 30.57 -1.30 18.89
N LYS D 47 29.84 -0.61 19.77
CA LYS D 47 28.41 -0.36 19.55
C LYS D 47 28.16 0.83 18.65
N ASP D 48 27.96 2.00 19.24
CA ASP D 48 27.54 3.19 18.51
C ASP D 48 28.61 4.25 18.44
N ARG D 49 29.58 4.24 19.35
CA ARG D 49 30.65 5.20 19.55
C ARG D 49 30.19 6.50 20.19
N THR D 50 28.90 6.66 20.54
CA THR D 50 28.40 7.93 21.07
C THR D 50 28.23 7.88 22.60
N PHE D 51 28.73 8.93 23.26
CA PHE D 51 28.53 9.18 24.69
C PHE D 51 28.07 10.61 24.92
N ALA D 52 27.69 10.90 26.16
CA ALA D 52 27.13 12.19 26.52
C ALA D 52 28.17 13.04 27.23
N VAL D 53 28.19 14.32 26.89
CA VAL D 53 29.10 15.31 27.45
C VAL D 53 28.23 16.36 28.12
N LEU D 54 28.24 16.39 29.44
CA LEU D 54 27.39 17.31 30.18
C LEU D 54 28.02 18.69 30.21
N ALA D 55 27.16 19.71 30.09
CA ALA D 55 27.57 21.11 30.14
C ALA D 55 27.24 21.61 31.53
N TYR D 56 28.24 21.67 32.40
CA TYR D 56 27.97 21.93 33.80
C TYR D 56 27.76 23.42 34.05
N SER D 57 26.63 23.76 34.66
CA SER D 57 26.31 25.09 35.13
C SER D 57 26.71 25.25 36.60
N GLN D 60 29.77 24.54 39.28
CA GLN D 60 29.73 23.28 38.56
C GLN D 60 28.99 22.21 39.35
N GLU D 61 29.64 21.72 40.41
CA GLU D 61 29.17 20.57 41.19
C GLU D 61 28.76 19.44 40.26
N ARG D 62 27.46 19.17 40.20
CA ARG D 62 26.89 18.29 39.18
C ARG D 62 25.69 18.95 38.54
N GLU D 63 25.66 20.29 38.54
CA GLU D 63 24.50 21.02 38.01
C GLU D 63 24.64 21.02 36.50
N ALA D 64 23.92 20.09 35.85
CA ALA D 64 23.88 20.00 34.40
C ALA D 64 22.43 20.05 33.92
N GLN D 65 22.18 20.86 32.89
CA GLN D 65 20.83 21.00 32.35
C GLN D 65 20.75 20.74 30.85
N PHE D 66 21.86 20.78 30.13
CA PHE D 66 21.95 20.41 28.72
C PHE D 66 23.30 19.75 28.48
N GLY D 67 23.52 19.31 27.25
CA GLY D 67 24.79 18.73 26.89
C GLY D 67 24.80 18.39 25.43
N THR D 68 25.74 17.54 25.05
CA THR D 68 25.92 17.15 23.66
C THR D 68 26.33 15.69 23.59
N THR D 69 25.65 14.91 22.75
CA THR D 69 26.18 13.60 22.44
C THR D 69 27.50 13.78 21.69
N ALA D 70 28.44 12.87 21.93
CA ALA D 70 29.74 12.91 21.29
C ALA D 70 30.07 11.56 20.67
N GLU D 71 30.73 11.59 19.51
CA GLU D 71 31.06 10.41 18.70
C GLU D 71 32.58 10.26 18.60
N ILE D 72 33.08 9.10 19.06
CA ILE D 72 34.52 8.81 18.97
C ILE D 72 34.87 8.53 17.52
N TYR D 73 35.88 9.22 17.00
CA TYR D 73 36.33 8.92 15.65
C TYR D 73 37.80 8.59 15.53
N ALA D 74 38.55 8.68 16.62
CA ALA D 74 39.98 8.40 16.59
C ALA D 74 40.42 7.71 17.88
N TYR D 75 41.42 6.83 17.75
CA TYR D 75 41.78 5.96 18.87
C TYR D 75 43.24 5.51 18.73
N ARG D 76 44.02 5.72 19.77
CA ARG D 76 45.45 5.42 19.76
C ARG D 76 45.84 4.89 21.12
N GLU D 77 46.61 3.81 21.13
CA GLU D 77 47.10 3.16 22.34
C GLU D 77 48.58 3.43 22.49
N GLU D 78 48.96 3.81 23.69
CA GLU D 78 50.34 3.85 24.09
C GLU D 78 50.39 3.04 25.38
N GLN D 79 51.22 2.00 25.40
CA GLN D 79 51.39 1.21 26.62
C GLN D 79 52.74 1.56 27.22
N ASP D 80 53.00 2.85 27.44
CA ASP D 80 54.32 3.30 27.85
C ASP D 80 54.46 3.39 29.37
N PHE D 81 55.64 2.99 29.85
CA PHE D 81 56.00 2.99 31.28
C PHE D 81 55.17 1.99 32.09
N GLY D 82 54.71 0.91 31.47
CA GLY D 82 53.91 -0.10 32.13
C GLY D 82 52.45 0.26 32.37
N ILE D 83 51.94 1.31 31.73
CA ILE D 83 50.55 1.73 31.93
C ILE D 83 49.91 1.91 30.56
N GLU D 84 48.73 1.30 30.36
CA GLU D 84 47.99 1.46 29.11
C GLU D 84 47.33 2.82 29.15
N ILE D 85 47.84 3.76 28.36
CA ILE D 85 47.26 5.08 28.19
C ILE D 85 46.55 5.10 26.85
N VAL D 86 45.29 5.46 26.85
CA VAL D 86 44.47 5.48 25.65
C VAL D 86 44.12 6.93 25.33
N LYS D 87 44.52 7.39 24.15
CA LYS D 87 44.15 8.69 23.64
C LYS D 87 42.99 8.53 22.65
N VAL D 88 41.92 9.30 22.84
CA VAL D 88 40.76 9.23 21.96
C VAL D 88 40.32 10.63 21.54
N LYS D 89 39.94 10.78 20.27
CA LYS D 89 39.31 12.00 19.77
C LYS D 89 37.82 11.75 19.51
N ALA D 90 36.97 12.66 20.00
CA ALA D 90 35.53 12.61 19.79
C ALA D 90 35.05 13.89 19.12
N ILE D 91 33.90 13.81 18.46
CA ILE D 91 33.29 14.99 17.87
C ILE D 91 31.84 15.08 18.33
N GLY D 92 31.41 16.28 18.73
CA GLY D 92 30.04 16.45 19.24
C GLY D 92 28.99 16.43 18.12
N ARG D 93 27.81 15.88 18.44
CA ARG D 93 26.80 15.60 17.43
C ARG D 93 25.48 16.32 17.66
N GLN D 94 24.68 15.82 18.58
CA GLN D 94 23.34 16.34 18.84
C GLN D 94 23.25 16.96 20.23
N ARG D 95 22.49 18.05 20.33
CA ARG D 95 22.19 18.66 21.60
C ARG D 95 21.04 17.95 22.29
N PHE D 96 21.01 18.03 23.62
CA PHE D 96 19.95 17.38 24.38
C PHE D 96 19.70 18.10 25.70
N LYS D 97 18.51 17.87 26.26
CA LYS D 97 18.14 18.31 27.60
C LYS D 97 18.18 17.09 28.51
N VAL D 98 18.79 17.25 29.68
CA VAL D 98 19.04 16.10 30.54
C VAL D 98 17.76 15.77 31.32
N LEU D 99 17.44 14.49 31.41
CA LEU D 99 16.23 14.05 32.09
C LEU D 99 16.51 13.38 33.43
N GLU D 100 17.46 12.45 33.47
CA GLU D 100 17.90 11.85 34.72
C GLU D 100 19.33 11.38 34.50
N LEU D 101 20.15 11.52 35.54
CA LEU D 101 21.55 11.11 35.50
C LEU D 101 21.75 10.09 36.61
N ARG D 102 21.63 8.82 36.25
CA ARG D 102 21.73 7.71 37.18
C ARG D 102 23.17 7.19 37.19
N THR D 103 23.89 7.40 38.30
CA THR D 103 25.28 6.93 38.43
C THR D 103 25.33 5.51 38.98
N GLN D 104 25.94 4.58 38.24
CA GLN D 104 25.89 3.17 38.62
C GLN D 104 27.29 2.55 38.72
N SER D 105 27.31 1.36 39.34
CA SER D 105 28.47 0.51 39.69
C SER D 105 29.89 1.03 39.43
N ASP D 106 30.45 0.71 38.25
CA ASP D 106 31.86 1.03 37.96
C ASP D 106 32.13 2.53 38.02
N GLY D 107 31.17 3.34 37.58
CA GLY D 107 31.32 4.78 37.54
C GLY D 107 30.74 5.24 36.23
N ILE D 108 29.87 4.39 35.67
CA ILE D 108 29.36 4.60 34.32
C ILE D 108 28.72 5.98 34.18
N GLN D 109 27.93 6.40 35.17
CA GLN D 109 27.21 7.67 35.08
C GLN D 109 26.40 7.71 33.78
N GLN D 110 25.20 7.12 33.81
CA GLN D 110 24.33 7.13 32.65
C GLN D 110 23.38 8.32 32.66
N ALA D 111 22.98 8.75 31.47
CA ALA D 111 22.20 9.97 31.30
C ALA D 111 20.96 9.69 30.46
N LYS D 112 19.79 10.00 31.01
CA LYS D 112 18.53 10.02 30.26
C LYS D 112 18.39 11.40 29.63
N VAL D 113 18.48 11.46 28.31
CA VAL D 113 18.47 12.74 27.62
C VAL D 113 17.35 12.76 26.59
N GLN D 114 16.79 13.95 26.36
CA GLN D 114 15.83 14.18 25.30
C GLN D 114 16.55 14.91 24.17
N ILE D 115 16.64 14.28 23.00
CA ILE D 115 17.43 14.85 21.92
C ILE D 115 16.74 16.08 21.36
N LEU D 116 17.41 17.20 21.45
CA LEU D 116 16.83 18.47 21.01
C LEU D 116 16.89 18.60 19.50
N PRO D 117 15.83 19.09 18.86
CA PRO D 117 15.83 19.25 17.42
C PRO D 117 16.60 20.50 17.04
N GLU D 118 16.88 20.63 15.75
CA GLU D 118 17.48 21.84 15.21
C GLU D 118 16.40 22.62 14.48
N CYS D 119 16.08 23.81 14.99
CA CYS D 119 15.01 24.62 14.41
C CYS D 119 15.47 25.27 13.12
N VAL D 120 14.94 24.82 12.00
CA VAL D 120 15.20 25.43 10.71
C VAL D 120 13.99 26.27 10.31
N LEU D 121 14.24 27.53 9.90
CA LEU D 121 13.22 28.46 9.52
C LEU D 121 13.34 28.77 8.05
N PRO D 122 12.22 29.02 7.33
CA PRO D 122 12.32 29.44 5.93
C PRO D 122 12.78 30.89 5.85
N SER D 123 13.01 31.40 4.65
CA SER D 123 13.35 32.81 4.52
C SER D 123 12.21 33.67 5.02
N THR D 124 12.57 34.86 5.50
CA THR D 124 11.56 35.72 6.09
C THR D 124 10.59 36.26 5.03
N MET D 125 10.91 36.10 3.74
CA MET D 125 10.06 36.54 2.63
C MET D 125 9.26 35.42 1.96
N SER D 126 9.52 34.15 2.29
CA SER D 126 8.77 33.06 1.67
C SER D 126 7.28 33.19 1.91
N ALA D 127 6.89 33.91 2.97
CA ALA D 127 5.48 34.11 3.28
C ALA D 127 4.86 35.14 2.34
N VAL D 128 5.59 36.23 2.05
CA VAL D 128 5.02 37.37 1.36
C VAL D 128 5.38 37.45 -0.12
N GLN D 129 6.48 36.85 -0.54
CA GLN D 129 6.97 36.99 -1.91
C GLN D 129 5.83 36.77 -2.89
N LEU D 130 5.71 37.71 -3.84
CA LEU D 130 4.67 37.65 -4.88
C LEU D 130 5.02 36.57 -5.90
N GLU D 131 4.01 35.77 -6.28
CA GLU D 131 4.28 34.63 -7.14
C GLU D 131 4.90 35.06 -8.48
N SER D 132 4.58 36.26 -8.97
CA SER D 132 5.13 36.74 -10.23
C SER D 132 6.63 37.00 -10.16
N LEU D 133 7.19 37.12 -8.95
CA LEU D 133 8.58 37.44 -8.72
C LEU D 133 9.38 36.28 -8.15
N ASN D 134 8.77 35.10 -8.06
CA ASN D 134 9.54 33.90 -7.75
C ASN D 134 10.60 33.66 -8.80
N LYS D 135 10.30 34.02 -10.05
CA LYS D 135 11.18 33.77 -11.19
C LYS D 135 12.54 34.40 -11.01
N CYS D 136 12.63 35.38 -10.12
CA CYS D 136 13.81 36.21 -9.96
C CYS D 136 14.46 35.98 -8.62
N GLN D 137 14.04 34.94 -7.92
CA GLN D 137 14.51 34.68 -6.57
C GLN D 137 15.83 33.93 -6.56
N ILE D 138 16.29 33.48 -7.73
CA ILE D 138 17.62 32.89 -7.88
C ILE D 138 18.51 33.95 -8.52
N PHE D 139 19.63 34.25 -7.86
CA PHE D 139 20.61 35.29 -8.16
C PHE D 139 21.87 34.70 -8.78
N PRO D 140 22.47 35.38 -9.80
CA PRO D 140 23.86 35.04 -10.20
C PRO D 140 24.90 35.48 -9.17
N SER D 141 25.50 34.55 -8.43
CA SER D 141 26.20 34.86 -7.18
C SER D 141 27.59 35.47 -7.42
N LYS D 142 28.27 35.77 -6.32
CA LYS D 142 29.57 36.45 -6.33
C LYS D 142 30.60 35.72 -7.17
N SER D 151 32.38 42.67 -2.92
CA SER D 151 31.90 44.00 -3.27
C SER D 151 30.72 44.41 -2.36
N TYR D 152 30.53 45.72 -2.18
CA TYR D 152 29.39 46.22 -1.40
C TYR D 152 28.30 46.79 -2.29
N LYS D 153 28.55 46.91 -3.59
CA LYS D 153 27.48 47.13 -4.56
C LYS D 153 26.79 45.83 -4.94
N TRP D 154 27.49 44.69 -4.80
CA TRP D 154 26.84 43.40 -4.92
C TRP D 154 25.90 43.14 -3.75
N TRP D 155 26.39 43.35 -2.52
CA TRP D 155 25.54 43.12 -1.36
C TRP D 155 24.39 44.13 -1.28
N GLN D 156 24.58 45.34 -1.83
CA GLN D 156 23.45 46.24 -1.90
C GLN D 156 22.42 45.74 -2.91
N LYS D 157 22.90 45.15 -4.02
CA LYS D 157 21.99 44.56 -5.00
C LYS D 157 21.29 43.34 -4.42
N TYR D 158 22.03 42.47 -3.71
CA TYR D 158 21.43 41.29 -3.09
C TYR D 158 20.23 41.69 -2.22
N GLN D 159 20.35 42.79 -1.48
CA GLN D 159 19.29 43.21 -0.57
C GLN D 159 18.07 43.77 -1.31
N LYS D 160 18.27 44.61 -2.34
CA LYS D 160 17.14 45.20 -3.05
C LYS D 160 16.33 44.16 -3.79
N ARG D 161 16.96 43.04 -4.19
CA ARG D 161 16.30 41.98 -4.92
C ARG D 161 15.77 40.86 -4.01
N LYS D 162 16.52 40.48 -2.96
CA LYS D 162 16.04 39.40 -2.08
C LYS D 162 14.83 39.84 -1.25
N PHE D 163 14.81 41.10 -0.80
CA PHE D 163 13.74 41.60 0.07
C PHE D 163 12.85 42.60 -0.63
N HIS D 164 12.65 42.45 -1.94
CA HIS D 164 11.79 43.41 -2.61
C HIS D 164 10.43 43.45 -1.96
N CYS D 165 9.90 42.30 -1.55
CA CYS D 165 8.54 42.28 -1.04
C CYS D 165 8.41 42.80 0.39
N ALA D 166 9.48 43.33 0.98
CA ALA D 166 9.30 44.00 2.25
C ALA D 166 8.33 45.15 2.11
N ASN D 167 8.19 45.69 0.90
CA ASN D 167 7.27 46.78 0.61
C ASN D 167 5.82 46.37 0.81
N LEU D 168 5.56 45.07 0.95
CA LEU D 168 4.25 44.53 1.26
C LEU D 168 4.03 44.38 2.75
N THR D 169 5.07 44.54 3.56
CA THR D 169 4.96 44.51 5.00
C THR D 169 5.26 45.87 5.58
N SER D 170 5.24 45.96 6.91
CA SER D 170 5.44 47.22 7.59
C SER D 170 6.87 47.40 8.10
N TRP D 171 7.85 46.79 7.44
CA TRP D 171 9.28 46.92 7.78
C TRP D 171 10.12 47.03 6.52
N PRO D 172 11.23 47.74 6.57
CA PRO D 172 12.08 47.94 5.40
C PRO D 172 13.00 46.75 5.07
N ARG D 173 13.69 46.86 3.94
CA ARG D 173 14.57 45.78 3.53
C ARG D 173 15.77 45.67 4.47
N TRP D 174 16.25 46.79 4.99
CA TRP D 174 17.43 46.74 5.81
C TRP D 174 17.15 46.08 7.16
N LEU D 175 15.91 46.13 7.65
CA LEU D 175 15.64 45.37 8.88
C LEU D 175 15.69 43.86 8.64
N TYR D 176 15.15 43.39 7.51
CA TYR D 176 15.17 41.95 7.26
C TYR D 176 16.59 41.47 7.06
N SER D 177 17.47 42.33 6.56
CA SER D 177 18.83 41.86 6.40
C SER D 177 19.41 41.41 7.73
N LEU D 178 19.02 42.10 8.83
CA LEU D 178 19.52 41.78 10.16
C LEU D 178 19.04 40.42 10.66
N TYR D 179 18.05 39.83 9.99
CA TYR D 179 17.67 38.45 10.28
C TYR D 179 17.88 37.52 9.10
N ASP D 180 18.63 37.93 8.08
CA ASP D 180 18.95 37.07 6.95
C ASP D 180 20.23 36.28 7.22
N ALA D 181 20.14 34.95 7.24
CA ALA D 181 21.32 34.13 7.56
C ALA D 181 22.49 34.42 6.61
N GLU D 182 22.21 34.48 5.29
CA GLU D 182 23.28 34.70 4.32
C GLU D 182 24.04 36.00 4.60
N THR D 183 23.31 37.07 4.95
CA THR D 183 23.95 38.35 5.28
C THR D 183 24.75 38.25 6.58
N LEU D 184 24.18 37.59 7.59
CA LEU D 184 24.79 37.54 8.91
C LEU D 184 26.14 36.84 8.86
N MET D 185 26.27 35.77 8.09
CA MET D 185 27.56 35.09 8.00
C MET D 185 28.60 35.97 7.31
N ASP D 186 28.20 36.72 6.30
CA ASP D 186 29.19 37.55 5.66
C ASP D 186 29.75 38.58 6.63
N ARG D 187 28.92 39.06 7.54
CA ARG D 187 29.44 40.02 8.51
C ARG D 187 30.37 39.35 9.51
N ILE D 188 29.99 38.16 10.00
CA ILE D 188 30.86 37.42 10.91
C ILE D 188 32.16 37.05 10.22
N LYS D 189 32.06 36.46 9.03
CA LYS D 189 33.26 36.00 8.35
C LYS D 189 34.12 37.18 7.89
N LYS D 190 33.58 38.40 7.86
CA LYS D 190 34.43 39.56 7.68
C LYS D 190 35.41 39.68 8.83
N GLN D 191 34.92 39.50 10.07
CA GLN D 191 35.72 39.69 11.28
C GLN D 191 36.56 38.49 11.64
N LEU D 192 36.18 37.29 11.22
CA LEU D 192 37.05 36.13 11.41
C LEU D 192 38.30 36.24 10.55
N ARG D 193 38.18 36.84 9.36
CA ARG D 193 39.36 37.10 8.55
C ARG D 193 40.30 38.08 9.24
N GLU D 194 39.80 38.87 10.20
CA GLU D 194 40.67 39.77 10.95
C GLU D 194 41.57 39.01 11.90
N TRP D 195 41.14 37.84 12.32
CA TRP D 195 41.89 37.02 13.25
C TRP D 195 42.73 35.95 12.59
N ASP D 196 42.53 35.69 11.30
CA ASP D 196 43.20 34.57 10.64
C ASP D 196 43.60 34.96 9.22
N GLU D 197 44.91 35.09 8.98
CA GLU D 197 45.34 35.41 7.63
C GLU D 197 45.34 34.19 6.74
N ASN D 198 45.51 33.01 7.31
CA ASN D 198 45.48 31.76 6.54
C ASN D 198 44.06 31.26 6.27
N LEU D 199 43.04 32.09 6.43
CA LEU D 199 41.66 31.64 6.33
C LEU D 199 41.07 32.09 5.00
N LYS D 200 40.87 31.14 4.10
CA LYS D 200 40.26 31.35 2.79
C LYS D 200 38.74 31.23 2.89
N ASP D 201 38.06 31.78 1.87
CA ASP D 201 36.60 31.86 1.91
C ASP D 201 35.94 30.48 1.98
N ASP D 202 36.62 29.44 1.50
CA ASP D 202 36.03 28.11 1.47
C ASP D 202 36.20 27.33 2.75
N SER D 203 37.02 27.83 3.68
CA SER D 203 37.38 27.08 4.88
C SER D 203 36.26 27.00 5.92
N LEU D 204 35.15 27.73 5.72
CA LEU D 204 34.01 27.76 6.61
C LEU D 204 32.81 27.09 5.94
N PRO D 205 31.97 26.41 6.71
CA PRO D 205 30.80 25.77 6.10
C PRO D 205 29.84 26.79 5.49
N SER D 206 28.99 26.28 4.59
CA SER D 206 27.95 27.09 3.98
C SER D 206 26.59 26.92 4.61
N ASN D 207 26.32 25.79 5.25
CA ASN D 207 25.07 25.63 5.98
C ASN D 207 25.02 26.58 7.18
N PRO D 208 23.92 27.30 7.39
CA PRO D 208 23.85 28.21 8.57
C PRO D 208 23.91 27.50 9.90
N ILE D 209 23.43 26.25 9.94
CA ILE D 209 23.49 25.47 11.17
C ILE D 209 24.94 25.20 11.54
N ASP D 210 25.68 24.57 10.62
CA ASP D 210 27.07 24.20 10.89
C ASP D 210 27.96 25.43 11.06
N PHE D 211 27.70 26.48 10.27
CA PHE D 211 28.49 27.69 10.32
C PHE D 211 28.32 28.41 11.65
N SER D 212 27.10 28.41 12.19
CA SER D 212 26.92 29.01 13.51
C SER D 212 27.65 28.22 14.59
N TYR D 213 27.58 26.89 14.53
CA TYR D 213 28.20 26.07 15.57
C TYR D 213 29.72 26.15 15.50
N ARG D 214 30.30 26.26 14.30
CA ARG D 214 31.75 26.44 14.22
C ARG D 214 32.20 27.75 14.90
N VAL D 215 31.43 28.83 14.71
CA VAL D 215 31.80 30.08 15.35
C VAL D 215 31.62 29.97 16.85
N ALA D 216 30.61 29.24 17.31
CA ALA D 216 30.44 29.06 18.75
C ALA D 216 31.70 28.47 19.38
N ALA D 217 32.34 27.53 18.67
CA ALA D 217 33.56 26.91 19.19
C ALA D 217 34.80 27.78 19.02
N CYS D 218 34.79 28.77 18.13
CA CYS D 218 35.99 29.58 17.89
C CYS D 218 36.08 30.83 18.74
N LEU D 219 34.99 31.38 19.21
CA LEU D 219 35.08 32.60 19.99
C LEU D 219 35.64 32.29 21.37
N PRO D 220 36.58 33.11 21.86
CA PRO D 220 37.03 32.97 23.25
C PRO D 220 35.96 33.45 24.21
N ILE D 221 35.05 32.57 24.59
CA ILE D 221 33.98 32.95 25.47
C ILE D 221 34.05 32.06 26.70
N ASP D 222 33.52 32.57 27.80
CA ASP D 222 33.46 31.76 29.01
C ASP D 222 32.31 30.77 28.93
N ASP D 223 32.18 29.94 29.96
CA ASP D 223 31.19 28.86 29.92
C ASP D 223 29.76 29.38 29.92
N VAL D 224 29.49 30.49 30.62
CA VAL D 224 28.11 30.94 30.67
C VAL D 224 27.63 31.33 29.29
N LEU D 225 28.48 32.04 28.53
CA LEU D 225 28.12 32.42 27.17
C LEU D 225 28.00 31.21 26.27
N ARG D 226 28.92 30.28 26.44
CA ARG D 226 28.89 29.06 25.65
C ARG D 226 27.60 28.30 25.90
N ILE D 227 27.17 28.22 27.15
CA ILE D 227 25.92 27.56 27.45
C ILE D 227 24.75 28.33 26.85
N GLN D 228 24.81 29.67 26.88
CA GLN D 228 23.73 30.46 26.34
C GLN D 228 23.54 30.21 24.85
N LEU D 229 24.66 30.07 24.12
CA LEU D 229 24.56 29.81 22.70
C LEU D 229 24.01 28.42 22.45
N LEU D 230 24.37 27.45 23.29
CA LEU D 230 23.86 26.09 23.12
C LEU D 230 22.36 26.02 23.35
N LYS D 231 21.83 26.88 24.24
CA LYS D 231 20.38 26.89 24.47
C LYS D 231 19.62 27.46 23.28
N ILE D 232 20.27 28.26 22.44
CA ILE D 232 19.62 28.85 21.26
C ILE D 232 19.45 27.78 20.18
N GLY D 233 18.23 27.61 19.69
CA GLY D 233 17.98 26.58 18.70
C GLY D 233 18.00 27.02 17.24
N SER D 234 17.33 28.13 16.93
CA SER D 234 17.37 28.63 15.57
C SER D 234 18.78 29.11 15.25
N ALA D 235 19.26 28.78 14.05
CA ALA D 235 20.58 29.27 13.65
C ALA D 235 20.61 30.78 13.51
N ILE D 236 19.54 31.38 12.97
CA ILE D 236 19.51 32.84 12.81
C ILE D 236 19.82 33.51 14.13
N GLN D 237 19.18 33.04 15.21
CA GLN D 237 19.38 33.65 16.53
C GLN D 237 20.80 33.44 17.02
N ARG D 238 21.35 32.25 16.79
CA ARG D 238 22.72 31.96 17.17
C ARG D 238 23.68 32.91 16.45
N LEU D 239 23.52 33.04 15.13
CA LEU D 239 24.38 33.94 14.34
C LEU D 239 24.28 35.37 14.83
N ARG D 240 23.05 35.85 15.04
CA ARG D 240 22.88 37.21 15.55
C ARG D 240 23.59 37.37 16.90
N CYS D 241 23.43 36.39 17.79
CA CYS D 241 24.08 36.51 19.08
C CYS D 241 25.59 36.46 18.95
N GLU D 242 26.12 35.61 18.06
CA GLU D 242 27.57 35.53 17.89
C GLU D 242 28.12 36.84 17.36
N LEU D 243 27.48 37.42 16.33
CA LEU D 243 27.90 38.74 15.86
C LEU D 243 27.81 39.78 16.95
N ASP D 244 26.88 39.63 17.89
CA ASP D 244 26.75 40.60 18.97
C ASP D 244 27.93 40.51 19.97
N ILE D 245 28.34 39.28 20.35
CA ILE D 245 29.53 39.14 21.19
C ILE D 245 30.72 39.76 20.51
N MET D 246 30.98 39.37 19.25
CA MET D 246 32.17 39.87 18.57
C MET D 246 32.19 41.37 18.51
N ASN D 247 31.02 42.01 18.38
CA ASN D 247 31.06 43.45 18.23
C ASN D 247 31.21 44.11 19.59
N LYS D 248 30.46 43.65 20.59
CA LYS D 248 30.40 44.34 21.89
C LYS D 248 31.53 43.94 22.85
N CYS D 249 31.81 42.64 23.00
CA CYS D 249 32.80 42.15 23.96
C CYS D 249 34.21 42.25 23.39
N THR D 250 34.64 43.48 23.16
CA THR D 250 35.96 43.71 22.58
C THR D 250 37.10 43.35 23.55
N SER D 251 36.85 43.43 24.86
CA SER D 251 37.87 43.25 25.89
C SER D 251 37.77 41.87 26.54
N LEU D 252 38.93 41.32 26.92
CA LEU D 252 39.00 40.04 27.61
C LEU D 252 39.64 40.25 28.98
N CYS D 253 38.91 39.92 30.04
CA CYS D 253 39.33 40.19 31.41
C CYS D 253 39.57 38.91 32.19
N CYS D 254 40.23 39.06 33.32
CA CYS D 254 40.43 37.91 34.20
C CYS D 254 39.08 37.46 34.74
N LYS D 255 38.73 36.19 34.48
CA LYS D 255 37.42 35.70 34.90
C LYS D 255 37.30 35.66 36.43
N GLN D 256 38.42 35.57 37.14
CA GLN D 256 38.39 35.55 38.60
C GLN D 256 38.17 36.95 39.17
N CYS D 257 39.15 37.86 39.02
CA CYS D 257 38.98 39.20 39.58
C CYS D 257 37.99 40.06 38.77
N GLN D 258 37.73 39.72 37.50
CA GLN D 258 36.68 40.22 36.61
C GLN D 258 36.85 41.67 36.19
N GLU D 259 37.83 42.40 36.75
CA GLU D 259 37.98 43.81 36.44
C GLU D 259 39.33 44.16 35.83
N THR D 260 40.24 43.20 35.72
CA THR D 260 41.57 43.45 35.19
C THR D 260 41.63 42.92 33.74
N GLU D 261 41.86 43.83 32.80
CA GLU D 261 41.90 43.55 31.37
C GLU D 261 43.24 42.92 30.95
N ILE D 262 43.18 41.70 30.43
CA ILE D 262 44.40 41.02 29.97
C ILE D 262 44.71 41.35 28.52
N THR D 263 43.71 41.27 27.64
CA THR D 263 43.93 41.55 26.23
C THR D 263 42.58 41.92 25.61
N THR D 264 42.63 42.39 24.37
CA THR D 264 41.46 42.80 23.61
C THR D 264 41.40 42.05 22.29
N LYS D 265 40.31 42.27 21.54
CA LYS D 265 40.15 41.52 20.30
C LYS D 265 41.18 41.93 19.25
N ASN D 266 41.69 43.17 19.34
CA ASN D 266 42.64 43.67 18.34
C ASN D 266 43.93 42.89 18.35
N GLU D 267 44.16 42.07 19.37
CA GLU D 267 45.40 41.33 19.50
C GLU D 267 45.27 39.88 19.04
N ILE D 268 44.06 39.42 18.71
CA ILE D 268 43.87 38.03 18.35
C ILE D 268 44.43 37.77 16.97
N PHE D 269 45.17 36.67 16.83
CA PHE D 269 45.79 36.24 15.58
C PHE D 269 45.95 34.73 15.58
N SER D 270 46.31 34.17 14.43
CA SER D 270 46.42 32.72 14.25
C SER D 270 47.89 32.29 14.11
N LEU D 271 48.32 31.33 14.94
CA LEU D 271 49.71 30.93 14.85
C LEU D 271 49.94 29.85 13.80
N SER D 272 49.10 28.83 13.78
CA SER D 272 49.17 27.80 12.76
C SER D 272 47.87 27.78 11.97
N LEU D 273 47.77 26.83 11.05
CA LEU D 273 46.61 26.70 10.19
C LEU D 273 45.32 26.47 10.99
N CYS D 274 45.43 25.98 12.21
CA CYS D 274 44.29 25.56 13.01
C CYS D 274 43.48 26.71 13.63
N GLY D 275 43.79 27.97 13.33
CA GLY D 275 42.98 29.08 13.78
C GLY D 275 43.53 29.85 14.97
N PRO D 276 42.77 30.81 15.50
CA PRO D 276 43.27 31.59 16.65
C PRO D 276 43.02 30.93 17.99
N MET D 277 42.30 29.82 18.07
CA MET D 277 42.09 29.18 19.37
C MET D 277 41.84 27.69 19.14
N ALA D 278 42.82 26.83 19.43
CA ALA D 278 42.66 25.40 19.23
C ALA D 278 42.83 24.62 20.54
N ALA D 279 42.30 23.40 20.58
CA ALA D 279 42.35 22.56 21.76
C ALA D 279 43.64 21.76 21.79
N TYR D 280 44.51 22.10 22.73
CA TYR D 280 45.72 21.36 22.98
C TYR D 280 45.56 20.51 24.23
N VAL D 281 46.44 19.52 24.35
CA VAL D 281 46.44 18.63 25.50
C VAL D 281 47.82 18.68 26.11
N ASN D 282 47.86 18.85 27.43
CA ASN D 282 49.11 18.94 28.16
C ASN D 282 49.59 17.53 28.54
N PRO D 283 50.85 17.39 29.00
CA PRO D 283 51.42 16.05 29.20
C PRO D 283 50.60 15.11 30.08
N HIS D 284 49.74 15.65 30.96
CA HIS D 284 48.94 14.84 31.85
C HIS D 284 47.47 14.81 31.42
N GLY D 285 47.17 15.17 30.18
CA GLY D 285 45.83 14.95 29.68
C GLY D 285 44.88 16.09 29.91
N TYR D 286 45.37 17.27 30.26
CA TYR D 286 44.50 18.40 30.47
C TYR D 286 44.33 19.11 29.13
N VAL D 287 43.09 19.38 28.78
CA VAL D 287 42.80 20.08 27.55
C VAL D 287 42.80 21.57 27.86
N HIS D 288 43.43 22.35 26.97
CA HIS D 288 43.46 23.81 27.06
C HIS D 288 43.09 24.36 25.70
N GLU D 289 41.96 25.05 25.63
CA GLU D 289 41.64 25.82 24.44
C GLU D 289 42.42 27.13 24.56
N THR D 290 43.46 27.31 23.73
CA THR D 290 44.43 28.38 23.94
C THR D 290 44.35 29.44 22.83
N LEU D 291 44.03 30.69 23.23
CA LEU D 291 43.92 31.80 22.30
C LEU D 291 45.27 32.47 22.17
N THR D 292 45.75 32.62 20.95
CA THR D 292 47.05 33.24 20.73
C THR D 292 46.87 34.72 20.47
N VAL D 293 47.56 35.55 21.27
CA VAL D 293 47.47 36.99 21.11
C VAL D 293 48.88 37.58 21.12
N TYR D 294 48.99 38.77 20.53
CA TYR D 294 50.27 39.46 20.46
C TYR D 294 50.61 40.06 21.82
N LYS D 295 49.85 41.05 22.23
CA LYS D 295 50.11 41.74 23.48
C LYS D 295 49.13 41.24 24.54
N ALA D 296 49.56 41.25 25.80
CA ALA D 296 48.73 40.91 26.95
C ALA D 296 49.20 41.75 28.12
N CYS D 297 48.28 42.02 29.06
CA CYS D 297 48.59 42.93 30.15
C CYS D 297 48.37 42.26 31.49
N ASN D 298 48.90 42.89 32.53
CA ASN D 298 48.62 42.50 33.91
C ASN D 298 48.99 41.05 34.17
N LEU D 299 50.17 40.64 33.70
CA LEU D 299 50.57 39.25 33.85
C LEU D 299 51.91 39.16 34.55
N ASN D 300 52.00 38.20 35.48
CA ASN D 300 53.26 37.82 36.10
C ASN D 300 53.77 36.55 35.43
N LEU D 301 55.04 36.54 35.07
CA LEU D 301 55.67 35.30 34.63
C LEU D 301 56.24 34.55 35.84
N ILE D 302 56.17 33.22 35.78
CA ILE D 302 56.66 32.36 36.85
C ILE D 302 57.64 31.37 36.25
N GLY D 303 58.89 31.45 36.70
CA GLY D 303 59.94 30.59 36.20
C GLY D 303 60.57 31.16 34.95
N ARG D 304 61.40 30.33 34.33
CA ARG D 304 62.07 30.67 33.08
C ARG D 304 61.60 29.72 31.99
N PRO D 305 61.74 30.11 30.72
CA PRO D 305 61.16 29.31 29.64
C PRO D 305 61.59 27.85 29.63
N SER D 306 60.64 26.98 29.28
CA SER D 306 60.91 25.57 29.02
C SER D 306 60.37 25.20 27.65
N THR D 307 60.91 24.12 27.08
CA THR D 307 60.46 23.64 25.78
C THR D 307 59.74 22.30 25.88
N GLU D 308 59.58 21.75 27.10
CA GLU D 308 58.95 20.46 27.29
C GLU D 308 57.52 20.49 26.78
N HIS D 309 57.16 19.49 25.98
CA HIS D 309 55.80 19.31 25.50
C HIS D 309 55.16 20.60 24.95
N SER D 310 55.96 21.42 24.27
CA SER D 310 55.50 22.72 23.75
C SER D 310 54.58 22.55 22.55
N TRP D 311 53.37 23.08 22.66
CA TRP D 311 52.39 22.94 21.58
C TRP D 311 52.82 23.65 20.30
N PHE D 312 53.68 24.66 20.39
CA PHE D 312 54.16 25.39 19.21
C PHE D 312 55.66 25.16 19.01
N PRO D 313 56.04 24.23 18.11
CA PRO D 313 57.47 23.92 17.94
C PRO D 313 58.28 25.15 17.55
N GLY D 314 59.47 25.25 18.14
CA GLY D 314 60.26 26.45 18.04
C GLY D 314 60.03 27.44 19.16
N TYR D 315 59.04 27.20 20.01
CA TYR D 315 58.70 28.16 21.06
C TYR D 315 58.83 27.55 22.45
N ALA D 316 59.28 28.38 23.39
CA ALA D 316 59.41 27.99 24.78
C ALA D 316 58.37 28.71 25.63
N TRP D 317 57.66 27.93 26.42
CA TRP D 317 56.54 28.45 27.18
C TRP D 317 56.94 28.84 28.59
N THR D 318 56.12 29.70 29.18
CA THR D 318 56.34 30.21 30.53
C THR D 318 55.00 30.52 31.16
N VAL D 319 54.76 29.98 32.36
CA VAL D 319 53.47 30.23 33.01
C VAL D 319 53.30 31.71 33.26
N ALA D 320 52.12 32.21 32.94
CA ALA D 320 51.76 33.60 33.16
C ALA D 320 50.55 33.63 34.08
N GLN D 321 50.50 34.61 34.98
CA GLN D 321 49.43 34.67 35.96
C GLN D 321 48.92 36.10 36.14
N CYS D 322 47.70 36.20 36.67
CA CYS D 322 47.10 37.51 36.92
C CYS D 322 47.92 38.22 38.00
N LYS D 323 48.24 39.50 37.76
CA LYS D 323 48.96 40.28 38.76
C LYS D 323 48.16 40.40 40.05
N ILE D 324 46.83 40.31 39.95
CA ILE D 324 45.95 40.66 41.07
C ILE D 324 45.56 39.43 41.89
N CYS D 325 44.85 38.48 41.26
CA CYS D 325 44.36 37.26 41.91
C CYS D 325 45.31 36.05 41.79
N ALA D 326 46.42 36.17 41.06
CA ALA D 326 47.39 35.09 40.88
C ALA D 326 46.77 33.82 40.26
N SER D 327 45.69 33.98 39.50
CA SER D 327 45.10 32.83 38.82
C SER D 327 45.93 32.46 37.59
N HIS D 328 45.78 31.23 37.14
CA HIS D 328 46.48 30.81 35.93
C HIS D 328 45.77 31.38 34.72
N ILE D 329 46.45 32.18 33.91
CA ILE D 329 45.83 32.79 32.76
C ILE D 329 46.32 32.16 31.46
N GLY D 330 47.55 31.70 31.41
CA GLY D 330 48.05 31.08 30.19
C GLY D 330 49.56 30.96 30.23
N TRP D 331 50.16 31.12 29.06
CA TRP D 331 51.59 30.97 28.91
C TRP D 331 52.08 32.00 27.91
N LYS D 332 53.29 32.49 28.12
CA LYS D 332 54.00 33.33 27.18
C LYS D 332 54.94 32.42 26.40
N PHE D 333 54.99 32.59 25.08
CA PHE D 333 55.85 31.77 24.26
C PHE D 333 56.96 32.63 23.68
N THR D 334 58.16 32.07 23.58
CA THR D 334 59.30 32.83 23.09
C THR D 334 60.06 32.02 22.05
N ALA D 335 60.60 32.73 21.07
CA ALA D 335 61.35 32.08 20.01
C ALA D 335 62.70 31.57 20.51
N THR D 336 62.96 30.28 20.26
CA THR D 336 64.28 29.69 20.52
C THR D 336 65.23 29.78 19.34
N LYS D 337 64.71 29.90 18.12
CA LYS D 337 65.50 30.26 16.96
C LYS D 337 65.37 31.77 16.75
N LYS D 338 65.94 32.28 15.67
CA LYS D 338 65.93 33.70 15.43
C LYS D 338 65.20 34.08 14.15
N ASP D 339 65.27 33.24 13.12
CA ASP D 339 64.58 33.43 11.85
C ASP D 339 63.06 33.41 12.03
N MET D 340 62.58 33.17 13.26
CA MET D 340 61.15 33.00 13.51
C MET D 340 60.44 34.32 13.77
N SER D 341 59.21 34.43 13.28
CA SER D 341 58.30 35.51 13.64
C SER D 341 56.90 34.95 13.81
N PRO D 342 56.16 35.36 14.85
CA PRO D 342 56.51 36.36 15.87
C PRO D 342 57.60 35.85 16.81
N GLN D 343 58.51 36.72 17.26
CA GLN D 343 59.49 36.27 18.23
C GLN D 343 58.87 35.98 19.59
N LYS D 344 57.66 36.48 19.85
CA LYS D 344 56.96 36.22 21.10
C LYS D 344 55.46 36.37 20.89
N PHE D 345 54.68 35.65 21.68
CA PHE D 345 53.23 35.82 21.73
C PHE D 345 52.73 35.18 23.02
N TRP D 346 51.43 35.30 23.27
CA TRP D 346 50.82 34.76 24.47
C TRP D 346 49.74 33.76 24.10
N GLY D 347 49.78 32.60 24.75
CA GLY D 347 48.66 31.68 24.68
C GLY D 347 47.80 31.77 25.92
N LEU D 348 46.59 32.33 25.79
CA LEU D 348 45.68 32.49 26.91
C LEU D 348 44.71 31.33 26.93
N THR D 349 44.54 30.71 28.09
CA THR D 349 43.61 29.59 28.22
C THR D 349 42.18 30.12 28.41
N ARG D 350 41.24 29.53 27.67
CA ARG D 350 39.89 30.09 27.53
C ARG D 350 39.12 30.06 28.85
N SER D 351 39.30 29.01 29.65
CA SER D 351 38.63 28.93 30.96
C SER D 351 39.07 30.05 31.89
N ALA D 352 40.16 30.75 31.57
CA ALA D 352 40.66 31.82 32.41
C ALA D 352 40.06 33.15 32.05
N LEU D 353 39.44 33.25 30.88
CA LEU D 353 39.04 34.55 30.37
C LEU D 353 37.55 34.84 30.54
N LEU D 354 37.22 36.12 30.38
CA LEU D 354 35.84 36.59 30.53
C LEU D 354 35.61 37.77 29.60
N PRO D 355 35.02 37.54 28.42
CA PRO D 355 34.76 38.63 27.48
C PRO D 355 33.91 39.71 28.13
N THR D 356 34.27 40.97 27.86
CA THR D 356 33.64 42.10 28.52
C THR D 356 33.38 43.24 27.54
N ILE D 357 32.45 44.10 27.94
CA ILE D 357 32.02 45.26 27.15
C ILE D 357 32.44 46.53 27.90
N PRO D 358 33.48 47.23 27.44
CA PRO D 358 33.85 48.51 28.07
C PRO D 358 32.72 49.57 27.98
N SER E 2 -7.91 31.44 27.35
CA SER E 2 -8.69 32.39 26.58
C SER E 2 -9.21 31.73 25.30
N TYR E 3 -10.41 32.19 24.86
CA TYR E 3 -11.13 31.63 23.73
C TYR E 3 -11.56 32.76 22.81
N ASN E 4 -11.27 32.61 21.52
CA ASN E 4 -11.44 33.69 20.58
C ASN E 4 -12.16 33.21 19.34
N TYR E 5 -12.81 34.17 18.70
CA TYR E 5 -13.68 33.96 17.55
C TYR E 5 -13.18 34.91 16.48
N VAL E 6 -12.84 34.38 15.31
CA VAL E 6 -12.27 35.17 14.23
C VAL E 6 -13.15 34.99 13.00
N VAL E 7 -13.63 36.11 12.45
CA VAL E 7 -14.56 36.10 11.32
C VAL E 7 -14.06 37.13 10.33
N THR E 8 -14.35 36.88 9.03
CA THR E 8 -13.96 37.81 7.98
C THR E 8 -14.96 38.94 7.82
N ALA E 9 -14.47 40.18 7.94
CA ALA E 9 -15.28 41.36 7.73
C ALA E 9 -15.19 41.84 6.31
N GLN E 10 -14.09 41.57 5.62
CA GLN E 10 -13.96 41.92 4.20
C GLN E 10 -13.04 40.89 3.53
N LYS E 11 -13.55 40.21 2.51
CA LYS E 11 -12.83 39.13 1.85
C LYS E 11 -11.57 39.63 1.14
N PRO E 12 -10.58 38.77 0.94
CA PRO E 12 -9.36 39.17 0.23
C PRO E 12 -9.67 39.79 -1.13
N THR E 13 -9.09 40.98 -1.38
CA THR E 13 -9.34 41.74 -2.62
C THR E 13 -8.21 41.64 -3.63
N ALA E 14 -6.99 41.30 -3.24
CA ALA E 14 -5.92 41.25 -4.22
C ALA E 14 -6.07 40.02 -5.11
N VAL E 15 -5.62 40.13 -6.37
CA VAL E 15 -5.72 39.06 -7.36
C VAL E 15 -4.37 38.39 -7.52
N ASN E 16 -4.33 37.06 -7.36
CA ASN E 16 -3.07 36.35 -7.61
C ASN E 16 -3.14 35.35 -8.76
N GLY E 17 -4.22 35.32 -9.53
CA GLY E 17 -4.28 34.41 -10.65
C GLY E 17 -5.46 34.70 -11.56
N CYS E 18 -5.33 34.32 -12.84
CA CYS E 18 -6.44 34.50 -13.77
C CYS E 18 -6.17 33.68 -15.03
N VAL E 19 -7.12 32.83 -15.38
CA VAL E 19 -7.05 32.11 -16.64
C VAL E 19 -8.36 32.31 -17.37
N THR E 20 -8.32 32.19 -18.70
CA THR E 20 -9.51 32.15 -19.52
C THR E 20 -9.62 30.77 -20.13
N GLY E 21 -10.82 30.44 -20.60
CA GLY E 21 -11.09 29.10 -21.14
C GLY E 21 -12.60 28.82 -21.21
N HIS E 22 -12.92 27.54 -21.32
CA HIS E 22 -14.30 27.12 -21.53
C HIS E 22 -14.73 26.18 -20.41
N PHE E 23 -14.96 26.76 -19.24
CA PHE E 23 -15.24 26.00 -18.04
C PHE E 23 -16.73 25.77 -17.84
N THR E 24 -17.55 26.73 -18.25
CA THR E 24 -18.98 26.64 -17.95
C THR E 24 -19.73 25.82 -18.99
N SER E 25 -19.75 26.29 -20.23
CA SER E 25 -20.14 25.46 -21.38
C SER E 25 -18.99 25.47 -22.36
N ALA E 26 -18.96 24.46 -23.22
CA ALA E 26 -17.95 24.46 -24.27
C ALA E 26 -18.03 25.73 -25.11
N GLU E 27 -19.20 26.38 -25.14
CA GLU E 27 -19.43 27.54 -26.01
C GLU E 27 -19.10 28.88 -25.36
N ASP E 28 -19.29 29.04 -24.05
CA ASP E 28 -19.01 30.33 -23.43
C ASP E 28 -17.51 30.55 -23.30
N LEU E 29 -17.11 31.84 -23.19
CA LEU E 29 -15.75 32.21 -22.85
C LEU E 29 -15.71 32.73 -21.42
N ASN E 30 -15.00 32.02 -20.54
CA ASN E 30 -14.97 32.30 -19.11
C ASN E 30 -13.70 33.07 -18.72
N LEU E 31 -13.82 33.88 -17.67
CA LEU E 31 -12.68 34.46 -16.97
C LEU E 31 -12.70 33.91 -15.56
N LEU E 32 -11.61 33.25 -15.17
CA LEU E 32 -11.49 32.67 -13.85
C LEU E 32 -10.49 33.47 -13.03
N ILE E 33 -10.92 33.96 -11.87
CA ILE E 33 -10.10 34.85 -11.06
C ILE E 33 -9.79 34.17 -9.75
N ALA E 34 -8.51 34.11 -9.37
CA ALA E 34 -8.09 33.56 -8.08
C ALA E 34 -7.74 34.69 -7.12
N LYS E 35 -8.48 34.77 -6.02
CA LYS E 35 -8.26 35.80 -5.00
C LYS E 35 -7.92 35.12 -3.67
N ASN E 36 -6.70 34.56 -3.58
CA ASN E 36 -6.18 33.81 -2.43
C ASN E 36 -6.99 32.55 -2.12
N THR E 37 -8.06 32.69 -1.35
CA THR E 37 -8.97 31.59 -1.02
C THR E 37 -10.29 31.64 -1.75
N ARG E 38 -10.55 32.68 -2.53
CA ARG E 38 -11.77 32.77 -3.31
C ARG E 38 -11.45 32.49 -4.77
N LEU E 39 -12.44 31.97 -5.46
CA LEU E 39 -12.38 31.76 -6.90
C LEU E 39 -13.60 32.46 -7.44
N GLU E 40 -13.43 33.21 -8.53
CA GLU E 40 -14.54 33.91 -9.17
C GLU E 40 -14.66 33.44 -10.60
N ILE E 41 -15.89 33.26 -11.05
CA ILE E 41 -16.16 32.88 -12.42
C ILE E 41 -17.08 33.93 -13.04
N TYR E 42 -16.67 34.46 -14.19
CA TYR E 42 -17.50 35.34 -14.99
C TYR E 42 -17.55 34.78 -16.41
N VAL E 43 -18.52 35.22 -17.20
CA VAL E 43 -18.49 34.94 -18.64
C VAL E 43 -18.20 36.24 -19.37
N VAL E 44 -17.33 36.14 -20.37
CA VAL E 44 -16.90 37.29 -21.16
C VAL E 44 -17.93 37.52 -22.25
N THR E 45 -18.49 38.73 -22.32
CA THR E 45 -19.62 39.10 -23.18
C THR E 45 -19.19 40.10 -24.26
N ALA E 46 -20.12 40.97 -24.67
CA ALA E 46 -19.82 42.17 -25.45
C ALA E 46 -19.88 43.44 -24.63
N GLU E 47 -20.75 43.49 -23.62
CA GLU E 47 -20.82 44.65 -22.73
C GLU E 47 -19.71 44.63 -21.68
N GLY E 48 -19.35 43.46 -21.16
CA GLY E 48 -18.27 43.38 -20.19
C GLY E 48 -18.04 42.00 -19.61
N LEU E 49 -18.34 41.82 -18.33
CA LEU E 49 -18.21 40.52 -17.67
C LEU E 49 -19.48 40.29 -16.86
N ARG E 50 -20.10 39.13 -17.02
CA ARG E 50 -21.18 38.94 -16.08
C ARG E 50 -20.83 37.86 -15.08
N PRO E 51 -20.95 38.16 -13.79
CA PRO E 51 -20.63 37.18 -12.75
C PRO E 51 -21.54 35.96 -12.85
N VAL E 52 -20.99 34.82 -12.46
CA VAL E 52 -21.69 33.55 -12.53
C VAL E 52 -21.74 32.88 -11.16
N LYS E 53 -20.58 32.72 -10.51
CA LYS E 53 -20.49 31.99 -9.26
C LYS E 53 -19.17 32.30 -8.57
N GLU E 54 -19.24 32.53 -7.26
CA GLU E 54 -18.08 32.76 -6.42
C GLU E 54 -18.04 31.62 -5.41
N VAL E 55 -16.86 31.09 -5.14
CA VAL E 55 -16.72 29.97 -4.23
C VAL E 55 -15.54 30.24 -3.32
N GLY E 56 -15.44 29.44 -2.28
CA GLY E 56 -14.29 29.48 -1.39
C GLY E 56 -13.70 28.10 -1.23
N MET E 57 -12.38 28.05 -1.12
CA MET E 57 -11.64 26.84 -0.83
C MET E 57 -11.09 26.94 0.57
N TYR E 58 -10.82 25.77 1.15
CA TYR E 58 -10.13 25.62 2.42
C TYR E 58 -8.63 25.54 2.16
N GLY E 59 -8.13 26.53 1.42
CA GLY E 59 -6.74 26.51 0.96
C GLY E 59 -6.40 27.81 0.27
N LYS E 60 -5.11 28.00 0.06
CA LYS E 60 -4.62 29.13 -0.71
C LYS E 60 -4.37 28.61 -2.12
N ILE E 61 -5.09 29.17 -3.09
CA ILE E 61 -4.93 28.73 -4.47
C ILE E 61 -3.52 29.07 -4.94
N ALA E 62 -2.69 28.05 -5.21
CA ALA E 62 -1.31 28.27 -5.63
C ALA E 62 -1.05 27.97 -7.10
N VAL E 63 -1.85 27.10 -7.74
CA VAL E 63 -1.79 26.82 -9.16
C VAL E 63 -3.22 26.75 -9.66
N MET E 64 -3.51 27.47 -10.76
CA MET E 64 -4.87 27.49 -11.32
C MET E 64 -4.76 27.43 -12.84
N GLU E 65 -5.09 26.28 -13.43
CA GLU E 65 -5.05 26.15 -14.88
C GLU E 65 -6.17 25.24 -15.36
N LEU E 66 -6.67 25.55 -16.55
CA LEU E 66 -7.77 24.85 -17.21
C LEU E 66 -7.25 23.90 -18.29
N PHE E 67 -7.96 22.80 -18.49
CA PHE E 67 -7.55 21.85 -19.51
C PHE E 67 -8.76 21.04 -19.97
N ARG E 68 -8.60 20.35 -21.12
CA ARG E 68 -9.66 19.55 -21.70
C ARG E 68 -9.08 18.26 -22.23
N PRO E 69 -9.09 17.18 -21.45
CA PRO E 69 -8.66 15.88 -21.98
C PRO E 69 -9.67 15.31 -22.96
N LYS E 70 -9.18 14.50 -23.89
CA LYS E 70 -9.98 14.01 -25.00
C LYS E 70 -11.22 13.28 -24.48
N GLY E 71 -12.37 13.60 -25.08
CA GLY E 71 -13.63 13.03 -24.70
C GLY E 71 -14.37 13.72 -23.57
N GLU E 72 -14.03 14.97 -23.26
CA GLU E 72 -14.75 15.74 -22.26
C GLU E 72 -15.56 16.85 -22.93
N SER E 73 -16.80 17.04 -22.46
CA SER E 73 -17.69 18.07 -23.00
C SER E 73 -17.04 19.45 -22.92
N LYS E 74 -16.63 19.86 -21.71
CA LYS E 74 -16.12 21.20 -21.40
C LYS E 74 -14.79 21.07 -20.69
N ASP E 75 -14.15 22.21 -20.45
CA ASP E 75 -12.86 22.23 -19.76
C ASP E 75 -13.02 21.93 -18.28
N LEU E 76 -11.98 21.34 -17.70
CA LEU E 76 -11.88 21.14 -16.27
C LEU E 76 -10.84 22.10 -15.69
N LEU E 77 -10.84 22.20 -14.37
CA LEU E 77 -10.00 23.14 -13.64
C LEU E 77 -9.11 22.35 -12.71
N PHE E 78 -7.79 22.55 -12.80
CA PHE E 78 -6.89 22.00 -11.78
C PHE E 78 -6.47 23.11 -10.80
N ILE E 79 -6.59 22.83 -9.51
CA ILE E 79 -6.17 23.76 -8.48
C ILE E 79 -5.34 22.98 -7.47
N LEU E 80 -4.22 23.56 -7.08
CA LEU E 80 -3.36 23.04 -6.02
C LEU E 80 -3.25 24.10 -4.94
N THR E 81 -3.39 23.72 -3.68
CA THR E 81 -3.28 24.73 -2.64
C THR E 81 -1.87 24.79 -2.07
N ALA E 82 -1.63 25.83 -1.29
CA ALA E 82 -0.30 26.00 -0.73
C ALA E 82 0.05 24.90 0.25
N LYS E 83 -0.97 24.27 0.89
CA LYS E 83 -0.76 23.05 1.67
C LYS E 83 -0.79 21.78 0.82
N TYR E 84 -0.65 21.94 -0.50
CA TYR E 84 -0.48 20.83 -1.45
C TYR E 84 -1.72 19.95 -1.55
N ASN E 85 -2.92 20.52 -1.41
CA ASN E 85 -4.13 19.79 -1.79
C ASN E 85 -4.31 19.96 -3.28
N ALA E 86 -4.27 18.85 -4.03
CA ALA E 86 -4.54 18.83 -5.46
C ALA E 86 -6.00 18.48 -5.70
N CYS E 87 -6.61 19.11 -6.71
CA CYS E 87 -8.00 18.82 -7.03
C CYS E 87 -8.28 19.16 -8.49
N ILE E 88 -9.20 18.40 -9.07
CA ILE E 88 -9.70 18.63 -10.42
C ILE E 88 -11.17 18.99 -10.28
N LEU E 89 -11.58 20.11 -10.86
CA LEU E 89 -12.94 20.56 -10.70
C LEU E 89 -13.66 20.61 -12.04
N GLU E 90 -14.99 20.49 -11.96
CA GLU E 90 -15.89 20.55 -13.09
C GLU E 90 -17.09 21.43 -12.74
N TYR E 91 -17.61 22.12 -13.73
CA TYR E 91 -18.77 22.98 -13.54
C TYR E 91 -20.09 22.22 -13.79
N LYS E 92 -21.04 22.38 -12.87
CA LYS E 92 -22.32 21.68 -12.98
C LYS E 92 -23.46 22.61 -12.57
N GLN E 93 -24.22 23.09 -13.55
CA GLN E 93 -25.42 23.91 -13.33
C GLN E 93 -26.68 23.14 -13.73
N SER E 94 -27.58 22.92 -12.76
CA SER E 94 -28.87 22.24 -12.97
C SER E 94 -29.99 23.27 -12.88
N GLY E 95 -30.32 23.91 -14.00
CA GLY E 95 -31.31 24.97 -14.04
C GLY E 95 -30.77 26.27 -13.47
N GLU E 96 -30.94 26.47 -12.17
CA GLU E 96 -30.30 27.58 -11.48
C GLU E 96 -29.39 27.07 -10.38
N SER E 97 -29.37 25.75 -10.13
CA SER E 97 -28.56 25.14 -9.09
C SER E 97 -27.14 24.92 -9.63
N ILE E 98 -26.23 25.81 -9.25
CA ILE E 98 -24.84 25.79 -9.68
C ILE E 98 -23.97 25.13 -8.63
N ASP E 99 -23.20 24.14 -9.02
CA ASP E 99 -22.36 23.40 -8.08
C ASP E 99 -21.05 23.01 -8.74
N ILE E 100 -19.95 23.17 -8.00
CA ILE E 100 -18.58 22.90 -8.47
C ILE E 100 -18.17 21.52 -7.99
N ILE E 101 -18.26 20.51 -8.87
CA ILE E 101 -18.06 19.13 -8.45
C ILE E 101 -16.59 18.77 -8.52
N THR E 102 -16.16 17.86 -7.64
CA THR E 102 -14.75 17.50 -7.52
C THR E 102 -14.50 16.15 -8.17
N ARG E 103 -13.91 16.20 -9.36
CA ARG E 103 -13.67 14.99 -10.14
C ARG E 103 -12.49 14.19 -9.60
N ALA E 104 -11.53 14.86 -8.97
CA ALA E 104 -10.40 14.13 -8.40
C ALA E 104 -9.83 15.01 -7.33
N HIS E 105 -9.17 14.39 -6.35
CA HIS E 105 -8.52 15.15 -5.29
C HIS E 105 -7.58 14.23 -4.50
N GLY E 106 -6.55 14.84 -3.92
CA GLY E 106 -5.53 14.15 -3.15
C GLY E 106 -4.42 15.08 -2.72
N ASN E 107 -3.62 14.69 -1.72
CA ASN E 107 -2.54 15.54 -1.23
C ASN E 107 -1.20 15.12 -1.81
N VAL E 108 -0.48 16.07 -2.41
CA VAL E 108 0.74 15.78 -3.17
C VAL E 108 2.00 16.12 -2.37
N GLN E 109 1.89 16.28 -1.05
CA GLN E 109 3.05 16.69 -0.27
C GLN E 109 4.05 15.54 -0.15
N ASP E 110 5.33 15.88 -0.09
CA ASP E 110 6.39 14.92 0.19
C ASP E 110 7.03 15.22 1.55
N ARG E 111 7.14 14.18 2.40
CA ARG E 111 7.78 14.35 3.71
C ARG E 111 9.20 14.86 3.54
N ILE E 112 9.98 14.20 2.69
CA ILE E 112 11.26 14.72 2.27
C ILE E 112 11.00 15.91 1.35
N GLY E 113 11.94 16.83 1.28
CA GLY E 113 11.91 17.80 0.20
C GLY E 113 11.97 19.23 0.65
N ARG E 114 12.95 19.95 0.11
CA ARG E 114 13.11 21.38 0.41
C ARG E 114 12.30 22.15 -0.61
N PRO E 115 11.31 22.93 -0.19
CA PRO E 115 10.54 23.74 -1.14
C PRO E 115 11.47 24.62 -1.98
N SER E 116 11.20 24.67 -3.28
CA SER E 116 12.10 25.34 -4.20
C SER E 116 12.11 26.84 -3.97
N GLU E 117 13.22 27.48 -4.36
CA GLU E 117 13.37 28.93 -4.19
C GLU E 117 12.41 29.69 -5.09
N THR E 118 12.22 29.23 -6.32
CA THR E 118 11.34 29.89 -7.27
C THR E 118 9.89 29.44 -7.14
N GLY E 119 9.56 28.72 -6.07
CA GLY E 119 8.17 28.43 -5.75
C GLY E 119 7.54 27.24 -6.45
N ILE E 120 6.27 27.04 -6.11
CA ILE E 120 5.48 25.94 -6.67
C ILE E 120 5.14 26.25 -8.12
N ILE E 121 5.54 25.36 -9.01
CA ILE E 121 5.20 25.43 -10.44
C ILE E 121 4.25 24.28 -10.75
N GLY E 122 3.27 24.52 -11.61
CA GLY E 122 2.35 23.48 -12.02
C GLY E 122 1.99 23.57 -13.49
N ILE E 123 2.42 22.59 -14.26
CA ILE E 123 2.24 22.64 -15.70
C ILE E 123 1.50 21.38 -16.13
N ILE E 124 0.85 21.46 -17.29
CA ILE E 124 0.11 20.35 -17.90
C ILE E 124 0.52 20.25 -19.37
N ASP E 125 0.63 19.03 -19.90
CA ASP E 125 1.08 18.95 -21.29
C ASP E 125 -0.01 19.39 -22.25
N PRO E 126 0.35 19.78 -23.47
CA PRO E 126 -0.69 20.24 -24.41
C PRO E 126 -1.71 19.17 -24.74
N GLU E 127 -1.33 17.90 -24.65
CA GLU E 127 -2.22 16.79 -24.96
C GLU E 127 -2.94 16.23 -23.73
N CYS E 128 -2.90 16.92 -22.59
CA CYS E 128 -3.63 16.54 -21.37
C CYS E 128 -3.32 15.10 -20.94
N ARG E 129 -2.03 14.76 -20.91
CA ARG E 129 -1.62 13.42 -20.56
C ARG E 129 -1.11 13.29 -19.12
N MET E 130 -0.75 14.39 -18.46
CA MET E 130 -0.25 14.33 -17.10
C MET E 130 -0.18 15.74 -16.53
N ILE E 131 -0.22 15.82 -15.21
CA ILE E 131 0.02 17.07 -14.50
C ILE E 131 1.42 16.99 -13.97
N GLY E 132 2.30 17.88 -14.43
CA GLY E 132 3.64 17.99 -13.88
C GLY E 132 3.68 19.06 -12.80
N LEU E 133 4.34 18.76 -11.68
CA LEU E 133 4.42 19.63 -10.51
C LEU E 133 5.88 19.86 -10.12
N ARG E 134 6.24 21.11 -9.85
CA ARG E 134 7.56 21.42 -9.30
C ARG E 134 7.37 21.97 -7.89
N LEU E 135 7.40 21.08 -6.90
CA LEU E 135 7.24 21.44 -5.50
C LEU E 135 8.55 21.57 -4.76
N TYR E 136 9.50 20.65 -4.98
CA TYR E 136 10.73 20.58 -4.22
C TYR E 136 11.94 20.48 -5.14
N ASP E 137 13.07 21.02 -4.65
CA ASP E 137 14.32 20.97 -5.39
C ASP E 137 14.73 19.53 -5.66
N GLY E 138 15.27 19.31 -6.86
CA GLY E 138 15.76 17.99 -7.20
C GLY E 138 14.69 16.98 -7.52
N LEU E 139 13.41 17.31 -7.34
CA LEU E 139 12.33 16.42 -7.69
C LEU E 139 11.37 17.07 -8.68
N PHE E 140 10.56 16.22 -9.33
CA PHE E 140 9.54 16.65 -10.29
C PHE E 140 8.40 15.62 -10.22
N LYS E 141 7.23 16.05 -9.76
CA LYS E 141 6.09 15.16 -9.54
C LYS E 141 5.23 15.03 -10.80
N VAL E 142 4.82 13.79 -11.09
CA VAL E 142 4.06 13.50 -12.29
C VAL E 142 2.76 12.85 -11.85
N ILE E 143 1.64 13.57 -12.03
CA ILE E 143 0.32 12.97 -11.82
C ILE E 143 -0.21 12.56 -13.19
N PRO E 144 -0.17 11.27 -13.51
CA PRO E 144 -0.70 10.83 -14.80
C PRO E 144 -2.21 11.03 -14.84
N LEU E 145 -2.71 11.52 -15.98
CA LEU E 145 -4.10 11.94 -16.14
C LEU E 145 -4.90 10.80 -16.76
N ASP E 146 -5.42 9.91 -15.90
CA ASP E 146 -6.39 8.90 -16.29
C ASP E 146 -7.72 9.15 -15.62
N ARG E 147 -8.80 8.79 -16.34
CA ARG E 147 -10.12 8.82 -15.74
C ARG E 147 -10.23 7.82 -14.60
N ASP E 148 -9.26 6.92 -14.48
CA ASP E 148 -9.20 5.94 -13.40
C ASP E 148 -8.20 6.32 -12.30
N ASN E 149 -7.84 7.60 -12.19
CA ASN E 149 -6.96 8.07 -11.13
C ASN E 149 -7.70 9.12 -10.30
N LYS E 150 -8.73 8.68 -9.57
CA LYS E 150 -9.52 9.64 -8.81
C LYS E 150 -8.81 10.15 -7.56
N GLU E 151 -7.73 9.49 -7.13
CA GLU E 151 -7.02 9.87 -5.92
C GLU E 151 -5.76 10.69 -6.21
N LEU E 152 -5.47 10.95 -7.48
CA LEU E 152 -4.32 11.73 -7.93
C LEU E 152 -3.01 11.13 -7.42
N LYS E 153 -2.87 9.81 -7.56
CA LYS E 153 -1.61 9.18 -7.22
C LYS E 153 -0.57 9.64 -8.24
N ALA E 154 0.66 9.84 -7.76
CA ALA E 154 1.72 10.43 -8.58
C ALA E 154 3.04 9.72 -8.31
N PHE E 155 4.10 10.18 -8.97
CA PHE E 155 5.43 9.67 -8.74
C PHE E 155 6.44 10.77 -8.99
N ASN E 156 7.70 10.50 -8.66
CA ASN E 156 8.76 11.50 -8.75
C ASN E 156 9.82 11.09 -9.77
N ILE E 157 10.43 12.10 -10.40
CA ILE E 157 11.64 11.89 -11.21
C ILE E 157 12.76 12.74 -10.63
N ARG E 158 13.94 12.13 -10.46
CA ARG E 158 15.10 12.83 -9.90
C ARG E 158 15.59 13.86 -10.92
N LEU E 159 15.66 15.11 -10.49
CA LEU E 159 16.15 16.22 -11.31
C LEU E 159 17.59 16.49 -10.93
N GLU E 160 18.53 16.14 -11.80
CA GLU E 160 19.92 16.48 -11.56
C GLU E 160 20.09 17.97 -11.35
N GLU E 161 19.28 18.78 -12.01
CA GLU E 161 19.39 20.23 -11.91
C GLU E 161 18.62 20.67 -10.67
N LEU E 162 19.35 21.09 -9.63
CA LEU E 162 18.67 21.36 -8.37
C LEU E 162 17.91 22.68 -8.40
N HIS E 163 18.61 23.73 -8.85
CA HIS E 163 18.10 25.09 -8.96
C HIS E 163 17.51 25.41 -10.33
N VAL E 164 16.21 25.11 -10.48
CA VAL E 164 15.45 25.30 -11.71
C VAL E 164 14.65 26.59 -11.59
N ILE E 165 14.66 27.41 -12.62
CA ILE E 165 13.99 28.70 -12.51
C ILE E 165 12.54 28.62 -12.94
N ASP E 166 12.31 28.17 -14.18
CA ASP E 166 10.98 28.08 -14.76
C ASP E 166 10.92 26.86 -15.65
N VAL E 167 9.71 26.33 -15.84
CA VAL E 167 9.52 25.15 -16.66
C VAL E 167 8.12 25.17 -17.28
N LYS E 168 8.03 24.72 -18.54
CA LYS E 168 6.79 24.58 -19.30
C LYS E 168 6.89 23.32 -20.16
N PHE E 169 5.74 22.74 -20.47
CA PHE E 169 5.66 21.65 -21.45
C PHE E 169 5.70 22.22 -22.87
N LEU E 170 6.45 21.56 -23.73
CA LEU E 170 6.52 22.10 -25.08
C LEU E 170 5.34 21.65 -25.91
N TYR E 171 5.11 22.38 -26.99
CA TYR E 171 4.11 22.02 -27.99
C TYR E 171 4.76 21.24 -29.13
N GLY E 172 3.91 20.59 -29.93
CA GLY E 172 4.35 19.92 -31.15
C GLY E 172 5.49 18.94 -30.98
N CYS E 173 5.46 18.14 -29.92
CA CYS E 173 6.53 17.19 -29.63
C CYS E 173 6.02 15.77 -29.79
N GLN E 174 6.94 14.87 -30.20
CA GLN E 174 6.55 13.48 -30.39
C GLN E 174 6.24 12.79 -29.07
N ALA E 175 6.77 13.28 -27.96
CA ALA E 175 6.50 12.76 -26.64
C ALA E 175 6.44 13.93 -25.67
N PRO E 176 5.71 13.80 -24.55
CA PRO E 176 5.63 14.91 -23.57
C PRO E 176 6.99 15.40 -23.11
N THR E 177 7.31 16.66 -23.41
CA THR E 177 8.62 17.20 -23.13
C THR E 177 8.51 18.43 -22.24
N ILE E 178 9.37 18.53 -21.24
CA ILE E 178 9.43 19.75 -20.44
C ILE E 178 10.67 20.52 -20.89
N CYS E 179 10.55 21.84 -20.85
CA CYS E 179 11.62 22.75 -21.20
C CYS E 179 11.79 23.70 -20.04
N PHE E 180 13.00 23.80 -19.52
CA PHE E 180 13.23 24.56 -18.30
C PHE E 180 14.57 25.28 -18.35
N VAL E 181 14.64 26.34 -17.55
CA VAL E 181 15.86 27.10 -17.34
C VAL E 181 16.35 26.83 -15.92
N TYR E 182 17.63 26.48 -15.79
CA TYR E 182 18.26 26.23 -14.51
C TYR E 182 19.57 27.01 -14.44
N GLN E 183 20.07 27.15 -13.21
CA GLN E 183 21.32 27.83 -12.93
C GLN E 183 22.26 26.88 -12.20
N ASP E 184 23.46 26.72 -12.74
CA ASP E 184 24.53 25.94 -12.12
C ASP E 184 25.76 26.86 -12.09
N PRO E 185 26.91 26.41 -11.55
CA PRO E 185 28.09 27.30 -11.50
C PRO E 185 28.51 28.00 -12.79
N GLN E 186 28.40 27.38 -13.96
CA GLN E 186 28.97 28.00 -15.16
C GLN E 186 27.94 28.83 -15.94
N GLY E 187 26.96 29.40 -15.24
CA GLY E 187 25.92 30.23 -15.83
C GLY E 187 24.55 29.59 -15.76
N ARG E 188 23.63 30.15 -16.54
CA ARG E 188 22.24 29.77 -16.57
C ARG E 188 21.93 29.15 -17.92
N HIS E 189 21.21 28.02 -17.92
CA HIS E 189 21.02 27.25 -19.15
C HIS E 189 19.57 26.84 -19.31
N VAL E 190 19.23 26.46 -20.55
CA VAL E 190 17.92 25.89 -20.85
C VAL E 190 18.13 24.50 -21.42
N LYS E 191 17.31 23.57 -20.94
CA LYS E 191 17.46 22.15 -21.18
C LYS E 191 16.07 21.58 -21.36
N THR E 192 16.00 20.45 -22.03
CA THR E 192 14.74 19.77 -22.27
C THR E 192 14.86 18.31 -21.87
N TYR E 193 13.76 17.77 -21.37
CA TYR E 193 13.67 16.38 -20.96
C TYR E 193 12.38 15.80 -21.48
N GLU E 194 12.45 14.60 -22.06
CA GLU E 194 11.26 13.82 -22.38
C GLU E 194 10.79 13.10 -21.13
N VAL E 195 9.48 13.13 -20.90
CA VAL E 195 8.91 12.54 -19.71
C VAL E 195 8.25 11.24 -20.15
N SER E 196 8.71 10.12 -19.61
CA SER E 196 8.18 8.82 -19.97
C SER E 196 7.23 8.33 -18.89
N LEU E 197 5.94 8.31 -19.21
CA LEU E 197 5.00 7.73 -18.27
C LEU E 197 5.11 6.21 -18.26
N ARG E 198 5.75 5.62 -19.27
CA ARG E 198 5.97 4.18 -19.25
C ARG E 198 7.04 3.82 -18.25
N GLU E 199 8.26 4.34 -18.45
CA GLU E 199 9.40 4.02 -17.61
C GLU E 199 9.47 4.89 -16.36
N LYS E 200 8.65 5.94 -16.25
CA LYS E 200 8.61 6.80 -15.07
C LYS E 200 10.00 7.36 -14.75
N GLU E 201 10.56 8.04 -15.73
CA GLU E 201 11.88 8.68 -15.62
C GLU E 201 12.02 9.65 -16.80
N PHE E 202 13.17 10.30 -16.87
CA PHE E 202 13.46 11.24 -17.97
C PHE E 202 14.26 10.55 -19.06
N ASN E 203 13.95 10.90 -20.30
CA ASN E 203 14.72 10.50 -21.47
C ASN E 203 15.36 11.75 -22.08
N LYS E 204 16.25 11.53 -23.05
CA LYS E 204 16.99 12.65 -23.63
C LYS E 204 16.04 13.63 -24.29
N GLY E 205 16.39 14.93 -24.21
CA GLY E 205 15.55 15.97 -24.74
C GLY E 205 15.96 16.42 -26.12
N PRO E 206 15.00 16.95 -26.89
CA PRO E 206 15.26 17.31 -28.30
C PRO E 206 16.39 18.31 -28.49
N TRP E 207 16.65 19.19 -27.53
CA TRP E 207 17.73 20.17 -27.69
C TRP E 207 18.16 20.63 -26.30
N LYS E 208 19.35 21.24 -26.24
CA LYS E 208 19.90 21.74 -24.99
C LYS E 208 20.77 22.95 -25.31
N GLN E 209 20.45 24.11 -24.75
CA GLN E 209 21.16 25.33 -25.09
C GLN E 209 22.21 25.65 -24.02
N GLU E 210 23.47 25.64 -24.46
CA GLU E 210 24.62 25.71 -23.55
C GLU E 210 24.46 26.85 -22.55
N ASN E 211 24.40 28.08 -23.05
CA ASN E 211 24.28 29.25 -22.18
C ASN E 211 23.11 30.10 -22.67
N VAL E 212 22.51 30.80 -21.72
CA VAL E 212 21.37 31.69 -21.93
C VAL E 212 21.62 32.94 -21.10
N GLU E 213 20.69 33.91 -21.16
CA GLU E 213 20.90 35.18 -20.48
C GLU E 213 21.20 34.99 -19.01
N ALA E 214 22.00 35.91 -18.45
CA ALA E 214 22.34 35.85 -17.03
C ALA E 214 21.10 35.79 -16.16
N GLU E 215 20.10 36.63 -16.44
CA GLU E 215 18.92 36.68 -15.60
C GLU E 215 17.65 36.27 -16.33
N ALA E 216 17.79 35.31 -17.25
CA ALA E 216 16.64 34.72 -17.91
C ALA E 216 15.70 34.09 -16.90
N SER E 217 14.47 34.59 -16.83
CA SER E 217 13.55 34.19 -15.77
C SER E 217 12.24 33.56 -16.24
N MET E 218 11.86 33.72 -17.51
CA MET E 218 10.57 33.27 -18.02
C MET E 218 10.75 32.32 -19.20
N VAL E 219 9.97 31.25 -19.20
CA VAL E 219 9.89 30.35 -20.36
C VAL E 219 8.44 30.36 -20.86
N ILE E 220 8.26 30.80 -22.09
CA ILE E 220 6.98 30.73 -22.80
C ILE E 220 7.14 29.65 -23.84
N ALA E 221 6.24 28.67 -23.83
CA ALA E 221 6.23 27.60 -24.83
C ALA E 221 5.35 28.04 -26.01
N VAL E 222 5.94 28.09 -27.19
CA VAL E 222 5.25 28.64 -28.36
C VAL E 222 4.38 27.57 -28.99
N PRO E 223 3.09 27.86 -29.29
CA PRO E 223 2.15 26.82 -29.69
C PRO E 223 2.40 26.21 -31.06
N GLU E 224 1.50 25.31 -31.43
CA GLU E 224 1.76 24.34 -32.50
C GLU E 224 2.14 24.93 -33.87
N PRO E 225 1.69 26.11 -34.28
CA PRO E 225 2.19 26.63 -35.58
C PRO E 225 3.71 26.73 -35.69
N PHE E 226 4.43 26.97 -34.58
CA PHE E 226 5.88 27.20 -34.56
C PHE E 226 6.63 26.11 -33.82
N GLY E 227 6.35 25.96 -32.53
CA GLY E 227 7.09 25.11 -31.61
C GLY E 227 8.09 25.90 -30.78
N GLY E 228 8.87 25.17 -29.99
CA GLY E 228 9.94 25.83 -29.28
C GLY E 228 9.49 26.62 -28.06
N ALA E 229 10.37 27.55 -27.66
CA ALA E 229 10.15 28.34 -26.47
C ALA E 229 10.75 29.74 -26.63
N ILE E 230 10.07 30.72 -26.05
CA ILE E 230 10.58 32.07 -25.97
C ILE E 230 11.06 32.26 -24.56
N ILE E 231 12.31 32.66 -24.42
CA ILE E 231 12.94 32.88 -23.12
C ILE E 231 13.14 34.38 -22.93
N ILE E 232 12.71 34.89 -21.77
CA ILE E 232 12.71 36.32 -21.50
C ILE E 232 13.57 36.63 -20.29
N GLY E 233 14.37 37.70 -20.38
CA GLY E 233 15.22 38.11 -19.28
C GLY E 233 15.26 39.61 -19.07
N GLN E 234 16.37 40.11 -18.51
CA GLN E 234 16.47 41.53 -18.21
C GLN E 234 16.72 42.37 -19.44
N GLU E 235 17.53 41.87 -20.36
CA GLU E 235 17.93 42.64 -21.53
C GLU E 235 17.63 41.94 -22.84
N SER E 236 17.24 40.66 -22.82
CA SER E 236 17.06 39.89 -24.03
C SER E 236 15.77 39.10 -24.00
N ILE E 237 15.24 38.83 -25.20
CA ILE E 237 14.16 37.90 -25.46
C ILE E 237 14.67 36.97 -26.56
N THR E 238 14.81 35.67 -26.25
CA THR E 238 15.31 34.72 -27.25
C THR E 238 14.29 33.65 -27.55
N TYR E 239 14.29 33.18 -28.80
CA TYR E 239 13.48 32.04 -29.23
C TYR E 239 14.37 30.88 -29.61
N HIS E 240 14.06 29.70 -29.06
CA HIS E 240 14.81 28.47 -29.31
C HIS E 240 13.85 27.39 -29.78
N ASN E 241 14.23 26.69 -30.84
CA ASN E 241 13.64 25.39 -31.15
C ASN E 241 14.65 24.63 -31.97
N GLY E 242 15.25 23.61 -31.37
CA GLY E 242 16.20 22.77 -32.09
C GLY E 242 17.39 23.60 -32.50
N ASP E 243 17.68 23.59 -33.80
CA ASP E 243 18.78 24.38 -34.36
C ASP E 243 18.35 25.77 -34.80
N LYS E 244 17.08 26.13 -34.63
CA LYS E 244 16.61 27.49 -34.88
C LYS E 244 16.81 28.33 -33.62
N TYR E 245 17.20 29.59 -33.82
CA TYR E 245 17.52 30.49 -32.71
C TYR E 245 17.37 31.94 -33.17
N LEU E 246 16.61 32.73 -32.40
CA LEU E 246 16.54 34.18 -32.55
C LEU E 246 16.76 34.85 -31.20
N ALA E 247 17.15 36.12 -31.25
CA ALA E 247 17.42 36.88 -30.03
C ALA E 247 17.30 38.37 -30.33
N ILE E 248 16.58 39.08 -29.47
CA ILE E 248 16.49 40.52 -29.57
C ILE E 248 16.85 41.08 -28.21
N ALA E 249 17.40 42.29 -28.21
CA ALA E 249 17.69 43.03 -26.98
C ALA E 249 17.05 44.42 -27.10
N PRO E 250 15.73 44.50 -26.99
CA PRO E 250 15.05 45.78 -27.22
C PRO E 250 15.33 46.77 -26.11
N PRO E 251 15.86 47.95 -26.45
CA PRO E 251 16.15 48.96 -25.41
C PRO E 251 14.90 49.37 -24.64
N ILE E 252 13.72 49.10 -25.19
CA ILE E 252 12.48 49.53 -24.55
C ILE E 252 12.20 48.76 -23.27
N ILE E 253 12.76 47.57 -23.12
CA ILE E 253 12.50 46.73 -21.95
C ILE E 253 13.64 46.79 -20.92
N LYS E 254 14.62 47.67 -21.12
CA LYS E 254 15.77 47.68 -20.20
C LYS E 254 15.45 48.34 -18.85
N GLN E 255 14.41 49.16 -18.76
CA GLN E 255 14.17 49.94 -17.55
C GLN E 255 13.42 49.19 -16.45
N SER E 256 12.85 48.02 -16.72
CA SER E 256 12.18 47.22 -15.70
C SER E 256 12.00 45.79 -16.18
N THR E 257 11.67 44.91 -15.22
CA THR E 257 11.71 43.47 -15.42
C THR E 257 10.34 42.90 -15.78
N ILE E 258 10.31 42.08 -16.83
CA ILE E 258 9.09 41.41 -17.28
C ILE E 258 8.74 40.29 -16.30
N VAL E 259 7.53 40.34 -15.74
CA VAL E 259 7.15 39.39 -14.71
C VAL E 259 5.84 38.67 -14.98
N CYS E 260 5.18 38.94 -16.11
CA CYS E 260 4.02 38.12 -16.44
C CYS E 260 3.76 38.22 -17.94
N HIS E 261 3.14 37.18 -18.49
CA HIS E 261 2.89 37.14 -19.93
C HIS E 261 1.55 36.48 -20.20
N ASN E 262 1.07 36.68 -21.41
CA ASN E 262 -0.14 35.99 -21.80
C ASN E 262 -0.23 35.87 -23.32
N ARG E 263 -0.52 34.67 -23.80
CA ARG E 263 -0.76 34.48 -25.22
C ARG E 263 -2.09 35.11 -25.59
N VAL E 264 -2.10 35.85 -26.70
CA VAL E 264 -3.29 36.57 -27.16
C VAL E 264 -4.13 35.71 -28.07
N ASP E 265 -3.52 35.11 -29.09
CA ASP E 265 -4.19 34.28 -30.07
C ASP E 265 -3.68 32.85 -30.01
N PRO E 266 -4.51 31.86 -30.37
CA PRO E 266 -4.15 30.46 -30.11
C PRO E 266 -2.94 29.94 -30.89
N ASN E 267 -2.60 30.56 -32.04
CA ASN E 267 -1.45 30.19 -32.84
C ASN E 267 -0.12 30.74 -32.29
N GLY E 268 -0.19 31.62 -31.27
CA GLY E 268 0.98 32.09 -30.55
C GLY E 268 1.78 33.21 -31.17
N SER E 269 1.16 34.05 -32.00
CA SER E 269 1.95 35.07 -32.67
C SER E 269 1.95 36.40 -31.93
N ARG E 270 1.04 36.62 -30.99
CA ARG E 270 1.06 37.83 -30.18
C ARG E 270 1.02 37.44 -28.71
N TYR E 271 1.90 38.03 -27.90
CA TYR E 271 1.93 37.85 -26.46
C TYR E 271 1.86 39.21 -25.78
N LEU E 272 1.24 39.26 -24.60
CA LEU E 272 1.30 40.45 -23.74
C LEU E 272 2.37 40.27 -22.68
N LEU E 273 3.17 41.31 -22.44
CA LEU E 273 4.24 41.26 -21.47
C LEU E 273 4.01 42.33 -20.43
N GLY E 274 3.99 41.93 -19.16
CA GLY E 274 3.79 42.85 -18.05
C GLY E 274 5.08 42.97 -17.27
N ASP E 275 5.37 44.19 -16.79
CA ASP E 275 6.58 44.43 -16.01
C ASP E 275 6.22 44.93 -14.60
N MET E 276 7.26 45.17 -13.82
CA MET E 276 7.11 45.51 -12.41
C MET E 276 6.64 46.93 -12.16
N GLU E 277 6.73 47.80 -13.14
CA GLU E 277 6.35 49.19 -12.97
C GLU E 277 5.00 49.52 -13.59
N GLY E 278 4.34 48.55 -14.23
CA GLY E 278 3.05 48.78 -14.82
C GLY E 278 3.06 49.01 -16.32
N ARG E 279 4.20 48.87 -16.96
CA ARG E 279 4.22 48.92 -18.41
C ARG E 279 3.56 47.68 -19.00
N LEU E 280 3.00 47.85 -20.18
CA LEU E 280 2.33 46.77 -20.89
C LEU E 280 2.89 46.74 -22.29
N PHE E 281 3.45 45.59 -22.66
CA PHE E 281 4.07 45.39 -23.96
C PHE E 281 3.31 44.36 -24.77
N MET E 282 3.47 44.45 -26.08
CA MET E 282 3.03 43.43 -27.03
C MET E 282 4.26 42.75 -27.59
N LEU E 283 4.39 41.46 -27.34
CA LEU E 283 5.45 40.69 -27.94
C LEU E 283 4.90 40.13 -29.25
N LEU E 284 5.53 40.50 -30.37
CA LEU E 284 5.05 40.05 -31.67
C LEU E 284 6.09 39.13 -32.29
N LEU E 285 5.63 37.97 -32.79
CA LEU E 285 6.48 37.00 -33.48
C LEU E 285 6.19 37.13 -34.97
N GLU E 286 7.16 37.65 -35.72
CA GLU E 286 6.96 37.91 -37.14
C GLU E 286 7.09 36.61 -37.94
N LYS E 287 5.98 36.13 -38.50
CA LYS E 287 5.94 34.91 -39.30
C LYS E 287 6.15 35.21 -40.80
N GLU E 288 6.82 34.30 -41.49
CA GLU E 288 7.06 34.42 -42.93
C GLU E 288 6.54 33.16 -43.62
N GLU E 289 5.45 33.31 -44.39
CA GLU E 289 4.84 32.17 -45.07
C GLU E 289 5.69 31.75 -46.28
N GLN E 290 6.18 30.51 -46.26
CA GLN E 290 7.06 30.00 -47.31
C GLN E 290 6.27 29.28 -48.43
N MET E 291 6.90 29.16 -49.61
CA MET E 291 6.24 28.51 -50.75
C MET E 291 6.21 26.99 -50.66
N ASP E 292 5.85 26.41 -49.52
CA ASP E 292 5.70 24.95 -49.49
C ASP E 292 4.79 24.48 -48.36
N GLY E 293 3.87 25.34 -47.93
CA GLY E 293 3.03 25.06 -46.78
C GLY E 293 3.64 25.42 -45.44
N THR E 294 4.97 25.53 -45.36
CA THR E 294 5.58 25.78 -44.06
C THR E 294 5.46 27.27 -43.71
N VAL E 295 5.61 27.58 -42.42
CA VAL E 295 5.80 28.95 -41.97
C VAL E 295 7.05 28.98 -41.09
N THR E 296 7.84 30.03 -41.24
CA THR E 296 9.06 30.21 -40.51
C THR E 296 8.97 31.46 -39.64
N LEU E 297 9.78 31.48 -38.58
CA LEU E 297 9.89 32.62 -37.68
C LEU E 297 10.99 33.54 -38.17
N LYS E 298 10.64 34.76 -38.56
CA LYS E 298 11.63 35.64 -39.16
C LYS E 298 12.37 36.42 -38.09
N ASP E 299 11.64 37.06 -37.19
CA ASP E 299 12.28 37.91 -36.18
C ASP E 299 11.30 38.18 -35.06
N LEU E 300 11.82 38.75 -33.98
CA LEU E 300 11.00 39.18 -32.86
C LEU E 300 11.02 40.71 -32.76
N ARG E 301 9.92 41.25 -32.28
CA ARG E 301 9.71 42.68 -32.18
C ARG E 301 8.89 42.95 -30.92
N VAL E 302 9.22 44.02 -30.21
CA VAL E 302 8.49 44.37 -29.00
C VAL E 302 8.04 45.81 -29.11
N GLU E 303 6.77 46.06 -28.78
CA GLU E 303 6.18 47.39 -28.84
C GLU E 303 5.51 47.71 -27.52
N LEU E 304 5.74 48.91 -27.01
CA LEU E 304 5.13 49.31 -25.75
C LEU E 304 3.72 49.80 -26.04
N LEU E 305 2.76 49.20 -25.36
CA LEU E 305 1.35 49.53 -25.52
C LEU E 305 0.93 50.71 -24.65
N GLY E 306 1.41 50.76 -23.42
CA GLY E 306 0.99 51.78 -22.50
C GLY E 306 1.21 51.30 -21.09
N GLU E 307 0.51 51.93 -20.17
CA GLU E 307 0.68 51.72 -18.73
C GLU E 307 -0.55 51.05 -18.17
N THR E 308 -0.39 50.31 -17.09
CA THR E 308 -1.53 49.66 -16.45
C THR E 308 -1.33 49.72 -14.95
N SER E 309 -2.18 49.02 -14.20
CA SER E 309 -1.81 48.78 -12.83
C SER E 309 -0.60 47.89 -12.82
N ILE E 310 0.12 47.89 -11.72
CA ILE E 310 1.25 46.98 -11.60
C ILE E 310 0.69 45.57 -11.65
N ALA E 311 1.07 44.83 -12.69
CA ALA E 311 0.36 43.62 -13.08
C ALA E 311 0.99 42.39 -12.44
N GLU E 312 0.19 41.63 -11.68
CA GLU E 312 0.63 40.30 -11.28
C GLU E 312 0.31 39.29 -12.36
N CYS E 313 -0.82 39.46 -13.03
CA CYS E 313 -1.16 38.60 -14.15
C CYS E 313 -1.99 39.37 -15.16
N LEU E 314 -1.75 39.05 -16.43
CA LEU E 314 -2.52 39.58 -17.54
C LEU E 314 -3.36 38.47 -18.12
N THR E 315 -4.42 38.86 -18.81
CA THR E 315 -5.18 37.86 -19.54
C THR E 315 -5.94 38.58 -20.64
N TYR E 316 -5.74 38.15 -21.88
CA TYR E 316 -6.44 38.73 -23.01
C TYR E 316 -7.81 38.07 -23.09
N LEU E 317 -8.85 38.89 -23.05
CA LEU E 317 -10.18 38.34 -23.14
C LEU E 317 -10.59 38.23 -24.60
N ASP E 318 -11.09 39.33 -25.17
CA ASP E 318 -11.63 39.32 -26.52
C ASP E 318 -11.88 40.77 -26.92
N ASN E 319 -11.92 41.00 -28.22
CA ASN E 319 -12.27 42.31 -28.76
C ASN E 319 -11.41 43.42 -28.16
N GLY E 320 -10.12 43.12 -28.00
CA GLY E 320 -9.17 44.09 -27.52
C GLY E 320 -9.23 44.38 -26.04
N VAL E 321 -9.86 43.53 -25.25
CA VAL E 321 -9.99 43.75 -23.81
C VAL E 321 -9.07 42.81 -23.06
N VAL E 322 -8.22 43.38 -22.20
CA VAL E 322 -7.32 42.63 -21.34
C VAL E 322 -7.82 42.81 -19.90
N PHE E 323 -7.70 41.75 -19.11
CA PHE E 323 -7.88 41.84 -17.66
C PHE E 323 -6.50 41.93 -17.04
N VAL E 324 -6.29 42.96 -16.22
CA VAL E 324 -5.05 43.16 -15.52
C VAL E 324 -5.31 42.81 -14.06
N GLY E 325 -4.71 41.71 -13.59
CA GLY E 325 -4.81 41.29 -12.21
C GLY E 325 -3.72 41.91 -11.37
N SER E 326 -4.08 42.61 -10.30
CA SER E 326 -3.16 43.45 -9.55
C SER E 326 -3.10 43.02 -8.08
N ARG E 327 -1.87 42.88 -7.58
CA ARG E 327 -1.67 42.65 -6.15
C ARG E 327 -1.46 43.97 -5.43
N LEU E 328 -0.75 44.92 -6.03
CA LEU E 328 -0.40 46.12 -5.32
C LEU E 328 -1.38 47.27 -5.54
N GLY E 329 -2.24 47.18 -6.54
CA GLY E 329 -3.16 48.26 -6.72
C GLY E 329 -4.48 47.71 -7.15
N ASP E 330 -5.32 48.53 -7.77
CA ASP E 330 -6.58 48.02 -8.28
C ASP E 330 -6.35 47.21 -9.56
N SER E 331 -7.01 46.05 -9.67
CA SER E 331 -7.12 45.34 -10.94
C SER E 331 -8.04 46.09 -11.89
N GLN E 332 -7.82 45.87 -13.18
CA GLN E 332 -8.59 46.61 -14.16
C GLN E 332 -8.98 45.72 -15.34
N LEU E 333 -9.98 46.21 -16.07
CA LEU E 333 -10.22 45.85 -17.47
C LEU E 333 -9.74 47.01 -18.33
N VAL E 334 -8.82 46.73 -19.24
CA VAL E 334 -8.34 47.75 -20.18
C VAL E 334 -8.79 47.36 -21.57
N LYS E 335 -8.93 48.38 -22.43
CA LYS E 335 -9.26 48.23 -23.85
C LYS E 335 -8.08 48.68 -24.69
N LEU E 336 -7.71 47.88 -25.69
CA LEU E 336 -6.63 48.22 -26.62
C LEU E 336 -7.18 48.76 -27.94
N ASN E 337 -6.58 49.82 -28.44
CA ASN E 337 -7.08 50.46 -29.66
C ASN E 337 -6.06 50.32 -30.77
N VAL E 338 -6.55 50.27 -32.01
CA VAL E 338 -5.63 50.16 -33.15
C VAL E 338 -4.78 51.42 -33.27
N ASP E 339 -5.43 52.59 -33.22
CA ASP E 339 -4.73 53.86 -33.40
C ASP E 339 -4.44 54.42 -32.01
N SER E 340 -3.18 54.81 -31.79
CA SER E 340 -2.74 55.35 -30.51
C SER E 340 -3.24 56.79 -30.28
N ASN E 341 -3.62 57.08 -29.03
CA ASN E 341 -4.16 58.39 -28.68
C ASN E 341 -3.06 59.46 -28.65
N GLU E 342 -3.47 60.71 -28.39
CA GLU E 342 -2.55 61.84 -28.38
C GLU E 342 -1.40 61.64 -27.40
N GLN E 343 -1.67 60.99 -26.26
CA GLN E 343 -0.65 60.74 -25.24
C GLN E 343 0.28 59.59 -25.59
N GLY E 344 0.01 58.85 -26.67
CA GLY E 344 0.90 57.79 -27.11
C GLY E 344 0.59 56.40 -26.59
N SER E 345 -0.60 56.19 -26.02
CA SER E 345 -0.97 54.90 -25.44
C SER E 345 -2.05 54.25 -26.27
N TYR E 346 -1.84 52.99 -26.59
CA TYR E 346 -2.95 52.24 -27.14
C TYR E 346 -3.86 51.69 -26.03
N VAL E 347 -3.55 51.98 -24.76
CA VAL E 347 -4.25 51.40 -23.61
C VAL E 347 -5.16 52.45 -22.99
N VAL E 348 -6.42 52.09 -22.77
CA VAL E 348 -7.42 52.94 -22.13
C VAL E 348 -8.19 52.11 -21.11
N ALA E 349 -8.39 52.65 -19.91
CA ALA E 349 -9.08 51.92 -18.85
C ALA E 349 -10.57 51.78 -19.17
N MET E 350 -11.11 50.56 -18.99
CA MET E 350 -12.55 50.31 -19.09
C MET E 350 -13.21 50.33 -17.73
N GLU E 351 -12.70 49.52 -16.81
CA GLU E 351 -13.28 49.36 -15.48
C GLU E 351 -12.15 49.05 -14.50
N THR E 352 -12.29 49.56 -13.29
CA THR E 352 -11.38 49.27 -12.18
C THR E 352 -12.14 48.54 -11.09
N PHE E 353 -11.37 47.80 -10.27
CA PHE E 353 -11.91 47.04 -9.15
C PHE E 353 -11.09 47.38 -7.91
N THR E 354 -11.77 47.80 -6.84
CA THR E 354 -11.08 48.17 -5.62
C THR E 354 -10.23 47.00 -5.13
N ASN E 355 -8.96 47.27 -4.83
CA ASN E 355 -8.10 46.33 -4.14
C ASN E 355 -7.52 47.05 -2.93
N LEU E 356 -7.95 46.60 -1.75
CA LEU E 356 -7.51 47.20 -0.50
C LEU E 356 -6.09 46.82 -0.15
N GLY E 357 -5.56 45.76 -0.77
CA GLY E 357 -4.27 45.23 -0.45
C GLY E 357 -3.09 45.88 -1.19
N PRO E 358 -1.92 45.82 -0.55
CA PRO E 358 -1.68 45.33 0.82
C PRO E 358 -2.04 46.36 1.88
N ILE E 359 -2.70 45.99 2.98
CA ILE E 359 -2.94 46.90 4.11
C ILE E 359 -1.68 46.96 4.96
N VAL E 360 -0.96 48.07 4.87
CA VAL E 360 0.30 48.21 5.58
C VAL E 360 0.09 48.85 6.96
N ASP E 361 -0.96 49.65 7.12
CA ASP E 361 -1.33 50.24 8.40
C ASP E 361 -2.79 50.66 8.30
N MET E 362 -3.44 50.83 9.46
CA MET E 362 -4.82 51.30 9.48
C MET E 362 -5.12 51.90 10.84
N CYS E 363 -6.21 52.65 10.91
CA CYS E 363 -6.66 53.24 12.17
C CYS E 363 -8.17 53.43 12.10
N VAL E 364 -8.84 53.26 13.23
CA VAL E 364 -10.29 53.40 13.27
C VAL E 364 -10.62 54.82 13.70
N VAL E 365 -11.46 55.49 12.93
CA VAL E 365 -11.84 56.85 13.26
C VAL E 365 -13.35 56.85 13.40
N ASP E 366 -13.85 57.51 14.44
CA ASP E 366 -15.29 57.76 14.54
C ASP E 366 -15.60 59.19 14.12
N LEU E 367 -15.17 59.55 12.92
CA LEU E 367 -15.58 60.85 12.40
C LEU E 367 -17.08 60.78 12.08
N GLU E 368 -17.73 61.94 12.15
CA GLU E 368 -19.18 62.13 12.16
C GLU E 368 -19.74 61.78 13.53
N ARG E 369 -18.87 61.46 14.51
CA ARG E 369 -19.22 61.20 15.92
C ARG E 369 -20.42 60.27 16.07
N GLN E 370 -20.73 59.51 15.02
CA GLN E 370 -21.95 58.72 14.98
C GLN E 370 -21.82 57.46 15.80
N GLY E 371 -20.73 57.32 16.56
CA GLY E 371 -20.48 56.07 17.23
C GLY E 371 -20.44 54.90 16.27
N GLN E 372 -20.22 55.18 14.98
CA GLN E 372 -20.09 54.10 14.01
C GLN E 372 -18.61 53.75 13.92
N GLY E 373 -17.87 54.56 13.17
CA GLY E 373 -16.46 54.32 13.02
C GLY E 373 -16.13 53.87 11.63
N GLN E 374 -15.11 54.48 11.02
CA GLN E 374 -14.66 54.10 9.70
C GLN E 374 -13.22 53.65 9.79
N LEU E 375 -12.87 52.66 8.98
CA LEU E 375 -11.50 52.19 8.93
C LEU E 375 -10.78 52.96 7.84
N VAL E 376 -9.62 53.52 8.19
CA VAL E 376 -8.82 54.27 7.24
C VAL E 376 -7.46 53.59 7.14
N THR E 377 -7.14 53.06 5.96
CA THR E 377 -5.99 52.18 5.75
C THR E 377 -4.96 52.78 4.82
N CYS E 378 -3.69 52.48 5.09
CA CYS E 378 -2.62 52.66 4.12
C CYS E 378 -2.59 51.42 3.26
N SER E 379 -2.88 51.54 1.98
CA SER E 379 -2.83 50.36 1.12
C SER E 379 -2.14 50.64 -0.21
N GLY E 380 -1.60 49.58 -0.77
CA GLY E 380 -0.88 49.65 -2.02
C GLY E 380 0.59 50.01 -1.86
N ALA E 381 1.31 49.88 -2.97
CA ALA E 381 2.73 50.18 -3.04
C ALA E 381 3.02 51.03 -4.27
N PHE E 382 3.96 51.97 -4.15
CA PHE E 382 4.44 52.77 -5.30
C PHE E 382 3.25 53.55 -5.89
N LYS E 383 3.14 53.63 -7.24
CA LYS E 383 2.08 54.41 -7.90
C LYS E 383 0.67 53.90 -7.61
N GLU E 384 0.52 52.69 -7.09
CA GLU E 384 -0.77 52.15 -6.67
C GLU E 384 -1.17 52.59 -5.26
N GLY E 385 -0.30 53.34 -4.57
CA GLY E 385 -0.51 53.62 -3.15
C GLY E 385 -1.70 54.53 -2.88
N SER E 386 -2.42 54.22 -1.80
CA SER E 386 -3.72 54.83 -1.59
C SER E 386 -4.10 54.76 -0.13
N LEU E 387 -4.96 55.70 0.26
CA LEU E 387 -5.82 55.52 1.41
C LEU E 387 -7.18 54.99 0.96
N ARG E 388 -7.79 54.18 1.81
CA ARG E 388 -9.14 53.72 1.61
C ARG E 388 -9.92 53.99 2.89
N ILE E 389 -11.08 54.63 2.77
CA ILE E 389 -11.96 54.83 3.91
C ILE E 389 -13.10 53.84 3.82
N ILE E 390 -13.21 52.95 4.82
CA ILE E 390 -14.10 51.81 4.78
C ILE E 390 -15.12 51.96 5.88
N ARG E 391 -16.40 51.77 5.54
CA ARG E 391 -17.55 52.06 6.40
C ARG E 391 -18.64 51.01 6.20
N ASN E 392 -19.52 50.88 7.18
CA ASN E 392 -20.63 49.96 7.06
C ASN E 392 -21.88 50.64 6.57
N LYS E 405 -22.26 45.70 0.72
CA LYS E 405 -22.66 46.32 1.98
C LYS E 405 -21.42 46.81 2.77
N LEU E 406 -20.37 47.18 2.03
CA LEU E 406 -19.18 47.85 2.57
C LEU E 406 -18.84 49.02 1.65
N HIS E 407 -18.98 50.24 2.16
CA HIS E 407 -18.75 51.43 1.33
C HIS E 407 -17.28 51.82 1.41
N ILE E 408 -16.60 51.81 0.26
CA ILE E 408 -15.18 52.09 0.19
C ILE E 408 -14.93 53.34 -0.65
N ARG E 409 -14.35 54.37 -0.02
CA ARG E 409 -13.84 55.56 -0.69
C ARG E 409 -12.36 55.36 -0.98
N THR E 410 -11.89 55.89 -2.09
CA THR E 410 -10.51 55.71 -2.47
C THR E 410 -9.83 57.05 -2.67
N VAL E 411 -8.65 57.20 -2.09
CA VAL E 411 -7.87 58.43 -2.21
C VAL E 411 -6.52 58.10 -2.82
N PRO E 412 -6.37 58.18 -4.15
CA PRO E 412 -5.07 57.89 -4.76
C PRO E 412 -3.99 58.86 -4.30
N LEU E 413 -2.82 58.29 -4.02
CA LEU E 413 -1.64 59.01 -3.54
C LEU E 413 -0.48 58.99 -4.53
N TYR E 414 -0.37 57.99 -5.40
CA TYR E 414 0.73 57.85 -6.35
C TYR E 414 2.10 57.73 -5.65
N GLU E 415 2.10 57.24 -4.41
CA GLU E 415 3.29 56.89 -3.67
C GLU E 415 2.85 56.01 -2.51
N SER E 416 3.81 55.42 -1.79
CA SER E 416 3.51 54.38 -0.81
C SER E 416 3.17 54.98 0.54
N PRO E 417 1.95 54.84 1.04
CA PRO E 417 1.70 55.22 2.43
C PRO E 417 2.21 54.12 3.33
N ARG E 418 2.75 54.50 4.48
CA ARG E 418 3.38 53.54 5.36
C ARG E 418 2.77 53.49 6.75
N LYS E 419 2.47 54.63 7.36
CA LYS E 419 1.85 54.67 8.68
C LYS E 419 0.81 55.77 8.69
N ILE E 420 -0.27 55.57 9.45
CA ILE E 420 -1.34 56.55 9.49
C ILE E 420 -1.75 56.79 10.94
N CYS E 421 -2.16 58.02 11.25
CA CYS E 421 -2.75 58.28 12.54
C CYS E 421 -3.70 59.48 12.45
N TYR E 422 -4.66 59.54 13.36
CA TYR E 422 -5.70 60.55 13.31
C TYR E 422 -5.49 61.56 14.45
N GLN E 423 -5.55 62.84 14.13
CA GLN E 423 -5.43 63.91 15.11
C GLN E 423 -6.73 64.74 15.04
N GLU E 424 -7.70 64.38 15.88
CA GLU E 424 -9.04 64.96 15.83
C GLU E 424 -9.03 66.47 16.02
N VAL E 425 -8.14 66.97 16.88
CA VAL E 425 -8.08 68.41 17.15
C VAL E 425 -7.85 69.18 15.84
N SER E 426 -6.98 68.67 14.97
CA SER E 426 -6.70 69.27 13.67
C SER E 426 -7.66 68.84 12.58
N GLN E 427 -8.62 67.96 12.91
CA GLN E 427 -9.55 67.40 11.93
C GLN E 427 -8.79 66.87 10.73
N CYS E 428 -7.67 66.20 10.99
CA CYS E 428 -6.86 65.73 9.88
C CYS E 428 -6.11 64.47 10.29
N PHE E 429 -5.43 63.87 9.30
CA PHE E 429 -4.62 62.67 9.43
C PHE E 429 -3.15 63.01 9.29
N GLY E 430 -2.31 62.10 9.79
CA GLY E 430 -0.90 62.19 9.51
C GLY E 430 -0.41 60.91 8.89
N VAL E 431 0.22 60.99 7.73
CA VAL E 431 0.65 59.79 7.03
C VAL E 431 2.13 59.88 6.70
N LEU E 432 2.88 58.86 7.13
CA LEU E 432 4.27 58.69 6.71
C LEU E 432 4.28 58.06 5.33
N SER E 433 5.08 58.63 4.43
CA SER E 433 5.05 58.20 3.04
C SER E 433 6.47 58.11 2.52
N SER E 434 6.58 57.40 1.42
CA SER E 434 7.82 57.09 0.76
C SER E 434 7.59 57.29 -0.74
N ARG E 435 8.49 57.98 -1.39
CA ARG E 435 8.45 58.07 -2.83
C ARG E 435 9.81 57.62 -3.36
N ILE E 436 9.85 57.14 -4.59
CA ILE E 436 11.10 56.70 -5.18
C ILE E 436 11.57 57.77 -6.15
N GLU E 437 12.83 58.16 -6.00
CA GLU E 437 13.47 59.14 -6.87
C GLU E 437 14.74 58.50 -7.42
N VAL E 438 15.26 59.07 -8.50
CA VAL E 438 16.45 58.55 -9.17
C VAL E 438 17.54 59.62 -9.18
N GLN E 439 18.79 59.18 -8.95
CA GLN E 439 19.97 60.05 -8.92
C GLN E 439 20.18 60.92 -10.18
N GLY E 444 20.43 66.45 -8.71
CA GLY E 444 20.81 65.48 -7.70
C GLY E 444 19.95 64.24 -7.80
N THR E 445 18.68 64.38 -7.41
CA THR E 445 17.67 63.34 -7.57
C THR E 445 16.35 63.98 -7.96
N THR E 446 15.75 63.47 -9.04
CA THR E 446 14.51 64.02 -9.58
C THR E 446 13.41 62.99 -9.42
N ALA E 447 12.17 63.47 -9.37
CA ALA E 447 11.01 62.61 -9.07
C ALA E 447 10.73 61.69 -10.25
N LEU E 448 10.05 60.58 -9.94
CA LEU E 448 9.61 59.65 -10.98
C LEU E 448 8.31 60.11 -11.63
N ARG E 449 7.42 60.72 -10.86
CA ARG E 449 6.12 61.18 -11.35
C ARG E 449 5.49 62.07 -10.26
N PRO E 450 4.50 62.90 -10.62
CA PRO E 450 3.85 63.74 -9.59
C PRO E 450 3.11 62.88 -8.60
N SER E 451 3.26 63.21 -7.31
CA SER E 451 2.78 62.40 -6.21
C SER E 451 2.29 63.30 -5.07
N ALA E 452 1.63 62.67 -4.10
CA ALA E 452 1.08 63.41 -2.96
C ALA E 452 2.16 64.24 -2.26
N SER E 453 3.36 63.66 -2.12
CA SER E 453 4.48 64.38 -1.53
C SER E 453 4.83 65.64 -2.32
N THR E 454 4.89 65.53 -3.64
CA THR E 454 5.42 66.63 -4.43
C THR E 454 4.36 67.66 -4.75
N GLN E 455 3.09 67.36 -4.46
CA GLN E 455 1.96 68.18 -4.87
C GLN E 455 1.08 68.52 -3.67
N ALA E 456 1.68 69.13 -2.65
CA ALA E 456 0.92 69.57 -1.50
C ALA E 456 0.51 71.03 -1.67
N LEU E 457 -0.30 71.52 -0.73
CA LEU E 457 -0.61 72.94 -0.75
C LEU E 457 0.60 73.76 -0.30
N SER E 458 1.22 73.33 0.80
CA SER E 458 2.48 73.88 1.30
C SER E 458 3.47 72.76 1.60
N SER E 459 4.76 73.08 1.60
CA SER E 459 5.82 72.08 1.74
C SER E 459 6.93 72.59 2.65
N SER E 460 7.72 71.65 3.16
CA SER E 460 8.90 72.02 3.96
C SER E 460 9.89 70.87 3.95
N VAL E 461 11.15 71.20 4.24
CA VAL E 461 12.23 70.22 4.38
C VAL E 461 12.93 70.40 5.72
N SER E 462 13.40 69.29 6.28
CA SER E 462 14.02 69.33 7.60
C SER E 462 15.30 70.17 7.58
N SER E 463 15.36 71.16 8.47
CA SER E 463 16.56 71.96 8.62
C SER E 463 17.50 71.38 9.66
N SER E 464 17.38 70.09 9.95
CA SER E 464 18.16 69.50 11.02
C SER E 464 19.63 69.43 10.66
N LYS E 465 20.48 69.68 11.66
CA LYS E 465 21.92 69.54 11.52
C LYS E 465 22.47 68.59 12.57
N LEU E 466 21.61 67.73 13.13
CA LEU E 466 22.02 66.74 14.12
C LEU E 466 23.01 65.72 13.57
N PHE E 467 23.05 65.52 12.25
CA PHE E 467 23.90 64.49 11.64
C PHE E 467 24.76 65.09 10.52
N SER E 468 25.83 65.79 10.90
CA SER E 468 26.77 66.41 9.96
C SER E 468 28.12 65.74 10.16
N SER E 469 28.32 64.62 9.46
CA SER E 469 29.54 63.82 9.59
C SER E 469 30.10 63.39 8.23
N SER E 477 26.51 57.52 -5.15
CA SER E 477 25.31 57.48 -5.98
C SER E 477 25.65 57.52 -7.47
N PHE E 478 24.94 56.75 -8.29
CA PHE E 478 25.17 56.79 -9.73
C PHE E 478 23.87 57.20 -10.42
N GLY E 479 23.05 56.21 -10.75
CA GLY E 479 21.71 56.43 -11.25
C GLY E 479 20.72 55.48 -10.60
N GLU E 480 21.03 55.02 -9.39
CA GLU E 480 20.21 54.02 -8.75
C GLU E 480 19.01 54.70 -8.09
N GLU E 481 18.15 53.91 -7.45
CA GLU E 481 16.98 54.46 -6.79
C GLU E 481 17.30 54.82 -5.35
N VAL E 482 16.68 55.90 -4.86
CA VAL E 482 16.70 56.28 -3.45
C VAL E 482 15.28 56.54 -2.99
N GLU E 483 15.02 56.33 -1.70
CA GLU E 483 13.73 56.59 -1.10
C GLU E 483 13.76 57.95 -0.43
N VAL E 484 12.71 58.75 -0.61
CA VAL E 484 12.56 60.01 0.10
C VAL E 484 11.32 59.92 0.99
N HIS E 485 11.49 60.17 2.27
CA HIS E 485 10.41 59.97 3.22
C HIS E 485 9.77 61.28 3.59
N ASN E 486 8.45 61.26 3.74
CA ASN E 486 7.69 62.47 4.00
C ASN E 486 6.66 62.24 5.08
N LEU E 487 6.36 63.31 5.80
CA LEU E 487 5.17 63.36 6.62
C LEU E 487 4.18 64.23 5.88
N LEU E 488 3.01 63.68 5.60
CA LEU E 488 1.92 64.40 4.95
C LEU E 488 0.81 64.67 5.96
N ILE E 489 0.28 65.87 5.93
CA ILE E 489 -0.91 66.19 6.71
C ILE E 489 -2.10 66.20 5.74
N ILE E 490 -3.03 65.26 5.93
CA ILE E 490 -4.11 65.00 4.99
C ILE E 490 -5.42 65.36 5.66
N ASP E 491 -6.16 66.31 5.06
CA ASP E 491 -7.41 66.80 5.61
C ASP E 491 -8.47 65.72 5.64
N GLN E 492 -9.26 65.68 6.73
CA GLN E 492 -10.18 64.58 6.93
C GLN E 492 -11.47 64.68 6.10
N HIS E 493 -11.74 65.81 5.47
CA HIS E 493 -12.96 65.97 4.69
C HIS E 493 -12.71 65.96 3.19
N THR E 494 -11.71 66.71 2.73
CA THR E 494 -11.31 66.70 1.33
C THR E 494 -10.19 65.72 1.02
N PHE E 495 -9.39 65.34 2.01
CA PHE E 495 -8.20 64.52 1.75
C PHE E 495 -7.31 65.21 0.73
N GLU E 496 -7.26 66.52 0.82
CA GLU E 496 -6.24 67.29 0.13
C GLU E 496 -5.03 67.27 1.04
N VAL E 497 -3.87 66.97 0.46
CA VAL E 497 -2.61 66.96 1.21
C VAL E 497 -2.33 68.40 1.60
N LEU E 498 -2.49 68.69 2.90
CA LEU E 498 -2.34 70.07 3.37
C LEU E 498 -0.88 70.50 3.46
N HIS E 499 -0.02 69.57 3.88
CA HIS E 499 1.40 69.89 4.06
C HIS E 499 2.24 68.65 3.83
N ALA E 500 3.47 68.88 3.36
CA ALA E 500 4.45 67.84 3.14
C ALA E 500 5.75 68.31 3.78
N HIS E 501 6.24 67.56 4.77
CA HIS E 501 7.55 67.79 5.37
C HIS E 501 8.47 66.65 4.97
N GLN E 502 9.57 66.99 4.29
CA GLN E 502 10.59 66.02 3.89
C GLN E 502 11.65 65.87 4.96
N PHE E 503 11.95 64.63 5.32
CA PHE E 503 12.94 64.36 6.35
C PHE E 503 14.36 64.50 5.78
N LEU E 504 15.35 64.31 6.67
CA LEU E 504 16.74 64.42 6.24
C LEU E 504 17.04 63.32 5.24
N GLN E 505 17.87 63.63 4.24
CA GLN E 505 18.18 62.56 3.32
C GLN E 505 18.97 61.49 4.05
N ASN E 506 18.70 60.23 3.69
CA ASN E 506 19.11 59.00 4.36
C ASN E 506 18.38 58.79 5.68
N GLU E 507 17.37 59.60 5.97
CA GLU E 507 16.55 59.36 7.14
C GLU E 507 15.39 58.48 6.72
N TYR E 508 15.05 57.51 7.54
CA TYR E 508 13.98 56.57 7.25
C TYR E 508 12.96 56.72 8.36
N ALA E 509 11.81 57.31 8.07
CA ALA E 509 10.83 57.51 9.12
C ALA E 509 10.15 56.19 9.42
N LEU E 510 10.12 55.81 10.70
CA LEU E 510 9.70 54.50 11.16
C LEU E 510 8.39 54.50 11.93
N SER E 511 8.20 55.43 12.84
CA SER E 511 7.04 55.35 13.70
C SER E 511 6.32 56.69 13.69
N LEU E 512 5.05 56.66 14.05
CA LEU E 512 4.22 57.85 14.01
C LEU E 512 3.16 57.71 15.08
N VAL E 513 2.90 58.81 15.78
CA VAL E 513 1.88 58.82 16.82
C VAL E 513 1.37 60.26 16.95
N SER E 514 0.10 60.40 17.31
CA SER E 514 -0.46 61.71 17.68
C SER E 514 -0.95 61.63 19.12
N CYS E 515 -0.63 62.65 19.93
CA CYS E 515 -1.05 62.63 21.33
C CYS E 515 -0.69 63.94 22.03
N LYS E 516 -1.15 64.02 23.28
CA LYS E 516 -0.76 65.01 24.26
C LYS E 516 0.27 64.41 25.21
N LEU E 517 1.13 65.28 25.73
CA LEU E 517 2.21 64.91 26.63
C LEU E 517 2.17 65.76 27.89
N GLY E 518 2.43 65.15 29.04
CA GLY E 518 2.62 65.91 30.25
C GLY E 518 1.41 66.74 30.61
N LYS E 519 1.65 68.01 30.94
CA LYS E 519 0.62 68.99 31.23
C LYS E 519 0.46 69.98 30.07
N ASP E 520 0.91 69.60 28.88
CA ASP E 520 0.83 70.42 27.68
C ASP E 520 -0.52 70.22 26.99
N PRO E 521 -1.32 71.26 26.79
CA PRO E 521 -2.63 71.09 26.13
C PRO E 521 -2.55 70.89 24.62
N ASN E 522 -1.36 70.95 24.05
CA ASN E 522 -1.20 70.72 22.62
C ASN E 522 -1.17 69.23 22.27
N THR E 523 -1.83 68.90 21.15
CA THR E 523 -1.70 67.59 20.52
C THR E 523 -0.63 67.67 19.43
N TYR E 524 0.33 66.73 19.45
CA TYR E 524 1.45 66.76 18.51
C TYR E 524 1.44 65.53 17.60
N PHE E 525 2.10 65.65 16.45
CA PHE E 525 2.50 64.48 15.67
C PHE E 525 3.92 64.18 16.08
N ILE E 526 4.20 62.93 16.42
CA ILE E 526 5.55 62.47 16.75
C ILE E 526 5.98 61.47 15.70
N VAL E 527 7.19 61.64 15.19
CA VAL E 527 7.75 60.72 14.21
C VAL E 527 9.03 60.20 14.82
N GLY E 528 9.22 58.88 14.77
CA GLY E 528 10.46 58.22 15.16
C GLY E 528 11.14 57.67 13.95
N THR E 529 12.47 57.87 13.86
CA THR E 529 13.22 57.58 12.63
C THR E 529 14.50 56.81 12.93
N ALA E 530 15.24 56.55 11.84
CA ALA E 530 16.57 55.94 11.85
C ALA E 530 17.39 56.53 10.71
N MET E 531 18.70 56.53 10.90
CA MET E 531 19.64 57.02 9.91
C MET E 531 20.21 55.81 9.17
N VAL E 532 19.80 55.63 7.93
CA VAL E 532 20.12 54.42 7.17
C VAL E 532 21.20 54.74 6.14
N TYR E 533 22.40 54.20 6.32
CA TYR E 533 23.40 54.29 5.28
C TYR E 533 23.72 52.90 4.73
N PRO E 534 24.03 52.75 3.44
CA PRO E 534 24.26 51.39 2.89
C PRO E 534 25.50 50.70 3.45
N GLU E 535 26.42 51.42 4.08
CA GLU E 535 27.53 50.77 4.74
C GLU E 535 27.14 50.20 6.11
N GLU E 536 26.21 50.86 6.81
CA GLU E 536 25.83 50.53 8.19
C GLU E 536 24.87 49.34 8.20
N ALA E 537 25.25 48.24 8.85
CA ALA E 537 24.32 47.13 8.99
C ALA E 537 23.22 47.48 9.97
N GLU E 538 23.57 47.80 11.12
CA GLU E 538 22.57 48.21 12.07
C GLU E 538 22.62 49.71 12.22
N PRO E 539 21.46 50.34 12.46
CA PRO E 539 21.42 51.80 12.48
C PRO E 539 21.89 52.29 13.85
N LYS E 540 22.91 53.13 13.85
CA LYS E 540 23.42 53.66 15.10
C LYS E 540 22.87 55.05 15.43
N GLN E 541 21.94 55.57 14.62
CA GLN E 541 21.43 56.93 14.79
C GLN E 541 19.95 57.02 14.39
N GLY E 542 19.18 57.77 15.17
CA GLY E 542 17.79 58.03 14.85
C GLY E 542 17.38 59.33 15.50
N ARG E 543 16.14 59.73 15.21
CA ARG E 543 15.59 60.97 15.75
C ARG E 543 14.15 60.71 16.18
N ILE E 544 13.77 61.38 17.25
CA ILE E 544 12.38 61.52 17.68
C ILE E 544 12.05 63.00 17.49
N VAL E 545 11.16 63.32 16.56
CA VAL E 545 10.83 64.70 16.23
C VAL E 545 9.38 64.96 16.58
N VAL E 546 9.13 66.14 17.15
CA VAL E 546 7.83 66.55 17.65
C VAL E 546 7.30 67.70 16.77
N PHE E 547 6.21 67.42 16.04
CA PHE E 547 5.59 68.38 15.13
C PHE E 547 4.27 68.88 15.70
N GLN E 548 3.94 70.14 15.42
CA GLN E 548 2.65 70.74 15.74
C GLN E 548 2.06 71.32 14.47
N TYR E 549 0.82 70.95 14.14
CA TYR E 549 0.15 71.47 12.94
C TYR E 549 -1.04 72.34 13.37
N SER E 550 -0.78 73.63 13.62
CA SER E 550 -1.81 74.60 14.03
C SER E 550 -1.80 75.75 13.03
N ASP E 551 -2.99 76.08 12.51
CA ASP E 551 -3.19 77.13 11.51
C ASP E 551 -2.38 76.84 10.23
N GLY E 552 -2.76 75.75 9.57
CA GLY E 552 -2.26 75.48 8.24
C GLY E 552 -0.77 75.19 8.07
N LYS E 553 0.03 75.56 9.06
CA LYS E 553 1.46 75.38 8.98
C LYS E 553 1.90 74.28 9.94
N LEU E 554 2.98 73.60 9.59
CA LEU E 554 3.49 72.48 10.39
C LEU E 554 4.86 72.88 10.94
N GLN E 555 4.95 73.09 12.24
CA GLN E 555 6.18 73.60 12.83
C GLN E 555 6.77 72.53 13.73
N THR E 556 8.09 72.37 13.62
CA THR E 556 8.81 71.43 14.46
C THR E 556 8.95 72.06 15.84
N VAL E 557 8.58 71.32 16.88
CA VAL E 557 8.66 71.80 18.25
C VAL E 557 9.96 71.34 18.92
N ALA E 558 10.23 70.04 18.86
CA ALA E 558 11.42 69.53 19.52
C ALA E 558 11.97 68.39 18.70
N GLU E 559 13.24 68.09 18.94
CA GLU E 559 13.95 67.03 18.23
C GLU E 559 14.98 66.44 19.19
N LYS E 560 14.96 65.12 19.36
CA LYS E 560 15.88 64.44 20.26
C LYS E 560 16.62 63.38 19.50
N GLU E 561 17.95 63.44 19.54
CA GLU E 561 18.79 62.45 18.86
C GLU E 561 18.89 61.19 19.71
N VAL E 562 18.88 60.03 19.06
CA VAL E 562 19.05 58.77 19.75
C VAL E 562 20.02 57.90 18.95
N LYS E 563 20.68 57.00 19.65
CA LYS E 563 21.75 56.19 19.07
C LYS E 563 21.22 54.86 18.51
N GLY E 564 20.19 54.94 17.67
CA GLY E 564 19.62 53.73 17.09
C GLY E 564 18.30 54.02 16.38
N ALA E 565 17.72 52.95 15.84
CA ALA E 565 16.46 53.06 15.10
C ALA E 565 15.30 53.10 16.09
N VAL E 566 14.40 54.07 15.89
CA VAL E 566 13.25 54.24 16.77
C VAL E 566 12.11 53.42 16.11
N TYR E 567 12.15 52.13 16.37
CA TYR E 567 11.24 51.23 15.66
C TYR E 567 9.78 51.53 15.99
N SER E 568 9.49 52.02 17.18
CA SER E 568 8.10 51.98 17.62
C SER E 568 7.87 52.99 18.72
N MET E 569 6.65 53.51 18.82
CA MET E 569 6.31 54.53 19.80
C MET E 569 4.87 54.40 20.27
N VAL E 570 4.65 54.66 21.55
CA VAL E 570 3.34 54.59 22.17
C VAL E 570 3.17 55.82 23.06
N GLU E 571 1.99 56.40 23.04
CA GLU E 571 1.63 57.29 24.12
C GLU E 571 1.36 56.44 25.35
N PHE E 572 2.06 56.73 26.44
CA PHE E 572 2.04 55.92 27.66
C PHE E 572 1.74 56.81 28.87
N ASN E 573 0.45 57.01 29.18
CA ASN E 573 0.04 57.74 30.38
C ASN E 573 0.67 59.13 30.41
N GLY E 574 0.41 59.90 29.36
CA GLY E 574 1.00 61.21 29.26
C GLY E 574 2.49 61.24 29.02
N LYS E 575 3.12 60.08 28.86
CA LYS E 575 4.53 59.98 28.52
C LYS E 575 4.67 59.24 27.19
N LEU E 576 5.91 59.24 26.68
CA LEU E 576 6.20 58.75 25.34
C LEU E 576 7.13 57.56 25.46
N LEU E 577 6.61 56.36 25.27
CA LEU E 577 7.43 55.15 25.31
C LEU E 577 7.98 54.92 23.92
N ALA E 578 9.22 54.45 23.83
CA ALA E 578 9.84 54.33 22.52
C ALA E 578 10.78 53.14 22.53
N SER E 579 10.91 52.48 21.37
CA SER E 579 11.90 51.44 21.15
C SER E 579 13.11 52.07 20.51
N ILE E 580 14.29 51.74 20.98
CA ILE E 580 15.49 52.16 20.29
C ILE E 580 16.36 50.93 20.21
N ASN E 581 16.46 50.35 19.01
CA ASN E 581 17.14 49.07 18.86
C ASN E 581 16.57 48.07 19.85
N SER E 582 17.35 47.68 20.84
CA SER E 582 16.89 46.71 21.83
C SER E 582 16.43 47.37 23.13
N THR E 583 16.39 48.69 23.19
CA THR E 583 16.07 49.41 24.41
C THR E 583 14.63 49.86 24.36
N VAL E 584 13.92 49.73 25.46
CA VAL E 584 12.62 50.36 25.64
C VAL E 584 12.80 51.49 26.63
N ARG E 585 12.43 52.71 26.22
CA ARG E 585 12.79 53.92 26.95
C ARG E 585 11.58 54.80 27.14
N LEU E 586 11.37 55.29 28.36
CA LEU E 586 10.24 56.14 28.67
C LEU E 586 10.71 57.59 28.73
N TYR E 587 10.01 58.48 28.00
CA TYR E 587 10.36 59.91 27.91
C TYR E 587 9.34 60.76 28.64
N GLU E 588 9.80 61.89 29.16
CA GLU E 588 8.97 62.87 29.83
C GLU E 588 8.97 64.20 29.07
N TRP E 589 7.84 64.89 29.07
CA TRP E 589 7.69 66.17 28.37
C TRP E 589 7.82 67.27 29.42
N THR E 590 8.93 68.02 29.38
CA THR E 590 9.22 69.00 30.42
C THR E 590 8.46 70.31 30.21
N THR E 591 8.71 71.25 31.12
CA THR E 591 8.10 72.56 31.01
C THR E 591 8.75 73.35 29.88
N GLU E 592 10.05 73.14 29.68
CA GLU E 592 10.76 73.69 28.55
C GLU E 592 10.45 72.95 27.26
N LYS E 593 9.46 72.04 27.25
CA LYS E 593 9.00 71.39 26.03
C LYS E 593 10.15 70.63 25.35
N GLU E 594 10.68 69.64 26.08
CA GLU E 594 11.80 68.89 25.52
C GLU E 594 11.47 67.47 25.83
N LEU E 595 12.28 66.53 25.36
CA LEU E 595 12.12 65.13 25.74
C LEU E 595 13.23 64.83 26.70
N ARG E 596 12.90 64.27 27.86
CA ARG E 596 13.86 63.93 28.93
C ARG E 596 13.66 62.48 29.34
N THR E 597 14.75 61.70 29.36
CA THR E 597 14.66 60.27 29.66
C THR E 597 14.29 60.05 31.13
N GLU E 598 13.29 59.20 31.37
CA GLU E 598 12.94 58.79 32.73
C GLU E 598 13.59 57.47 33.12
N CYS E 599 13.31 56.40 32.40
CA CYS E 599 13.90 55.11 32.70
C CYS E 599 14.14 54.35 31.41
N ASN E 600 15.03 53.37 31.52
CA ASN E 600 15.40 52.48 30.44
C ASN E 600 15.17 51.05 30.90
N HIS E 601 14.68 50.21 30.01
CA HIS E 601 14.74 48.77 30.22
C HIS E 601 15.43 48.13 29.02
N TYR E 602 16.63 47.59 29.25
CA TYR E 602 17.41 46.97 28.18
C TYR E 602 16.95 45.54 27.94
N ASN E 603 16.72 45.18 26.68
CA ASN E 603 16.33 43.81 26.38
C ASN E 603 17.43 43.10 25.60
N ASN E 604 17.34 41.77 25.58
CA ASN E 604 18.21 40.99 24.71
C ASN E 604 17.63 40.88 23.29
N ILE E 605 16.30 41.00 23.15
CA ILE E 605 15.67 40.98 21.85
C ILE E 605 15.60 42.39 21.29
N MET E 606 15.48 42.47 19.97
CA MET E 606 15.33 43.75 19.30
C MET E 606 13.86 44.18 19.43
N ALA E 607 13.63 45.32 20.08
CA ALA E 607 12.28 45.75 20.45
C ALA E 607 11.53 46.32 19.25
N LEU E 608 11.06 45.41 18.39
CA LEU E 608 10.30 45.83 17.21
C LEU E 608 8.87 46.26 17.53
N TYR E 609 8.11 45.36 18.16
CA TYR E 609 6.68 45.54 18.44
C TYR E 609 6.51 46.04 19.86
N LEU E 610 5.55 46.94 20.04
CA LEU E 610 5.39 47.67 21.30
C LEU E 610 3.91 47.98 21.45
N LYS E 611 3.24 47.30 22.37
CA LYS E 611 1.81 47.52 22.59
C LYS E 611 1.60 47.73 24.08
N THR E 612 0.52 48.43 24.44
CA THR E 612 0.34 48.84 25.82
C THR E 612 -1.10 48.64 26.25
N LYS E 613 -1.27 48.49 27.55
CA LYS E 613 -2.58 48.41 28.17
C LYS E 613 -2.34 48.77 29.64
N GLY E 614 -2.71 49.99 30.02
CA GLY E 614 -2.47 50.44 31.39
C GLY E 614 -1.00 50.57 31.70
N ASP E 615 -0.48 49.85 32.69
CA ASP E 615 0.96 49.90 32.96
C ASP E 615 1.73 48.74 32.31
N PHE E 616 1.05 47.80 31.65
CA PHE E 616 1.75 46.70 30.99
C PHE E 616 2.21 47.11 29.61
N ILE E 617 3.37 46.60 29.21
CA ILE E 617 3.95 46.85 27.90
C ILE E 617 4.33 45.52 27.30
N LEU E 618 3.85 45.26 26.10
CA LEU E 618 4.17 44.03 25.39
C LEU E 618 5.25 44.36 24.38
N VAL E 619 6.35 43.60 24.40
CA VAL E 619 7.46 43.81 23.47
C VAL E 619 7.65 42.55 22.65
N GLY E 620 7.95 42.74 21.37
CA GLY E 620 8.12 41.62 20.46
C GLY E 620 9.13 41.90 19.38
N ASP E 621 9.83 40.87 18.95
CA ASP E 621 10.73 40.99 17.82
C ASP E 621 10.22 40.14 16.66
N LEU E 622 10.98 40.15 15.55
CA LEU E 622 10.61 39.47 14.33
C LEU E 622 10.60 37.96 14.45
N MET E 623 11.18 37.39 15.50
CA MET E 623 11.27 35.94 15.63
C MET E 623 10.38 35.40 16.75
N ARG E 624 9.24 36.04 16.96
CA ARG E 624 8.20 35.57 17.87
C ARG E 624 8.65 35.54 19.33
N SER E 625 9.67 36.32 19.66
CA SER E 625 10.03 36.53 21.05
C SER E 625 9.01 37.49 21.66
N VAL E 626 8.29 37.03 22.69
CA VAL E 626 7.26 37.82 23.33
C VAL E 626 7.71 38.11 24.75
N LEU E 627 7.59 39.37 25.16
CA LEU E 627 8.08 39.90 26.44
C LEU E 627 7.02 40.77 27.07
N LEU E 628 6.80 40.65 28.36
CA LEU E 628 5.72 41.41 28.98
C LEU E 628 6.30 42.23 30.11
N LEU E 629 6.66 43.47 29.81
CA LEU E 629 7.18 44.38 30.83
C LEU E 629 6.04 45.14 31.50
N ALA E 630 6.29 45.56 32.74
CA ALA E 630 5.36 46.38 33.49
C ALA E 630 6.08 47.60 34.06
N TYR E 631 5.47 48.77 33.87
CA TYR E 631 5.99 50.00 34.43
C TYR E 631 5.56 50.05 35.88
N LYS E 632 6.52 50.27 36.78
CA LYS E 632 6.21 50.37 38.20
C LYS E 632 6.22 51.83 38.62
N PRO E 633 5.05 52.47 38.77
CA PRO E 633 5.05 53.90 39.12
C PRO E 633 5.78 54.21 40.41
N MET E 634 5.81 53.26 41.36
CA MET E 634 6.40 53.53 42.66
C MET E 634 7.92 53.52 42.67
N GLU E 635 8.55 52.74 41.79
CA GLU E 635 10.00 52.66 41.74
C GLU E 635 10.57 53.36 40.51
N GLY E 636 9.71 53.88 39.64
CA GLY E 636 10.14 54.58 38.44
C GLY E 636 10.90 53.73 37.45
N ASN E 637 10.52 52.46 37.32
CA ASN E 637 11.29 51.52 36.53
C ASN E 637 10.37 50.56 35.79
N PHE E 638 10.95 49.71 34.97
CA PHE E 638 10.28 48.57 34.37
C PHE E 638 10.76 47.28 35.02
N GLU E 639 9.88 46.29 35.05
CA GLU E 639 10.23 44.96 35.55
C GLU E 639 9.61 43.93 34.62
N GLU E 640 10.35 42.87 34.31
CA GLU E 640 9.85 41.90 33.35
C GLU E 640 8.95 40.88 34.06
N ILE E 641 7.71 40.77 33.57
CA ILE E 641 6.66 39.96 34.18
C ILE E 641 6.66 38.54 33.64
N ALA E 642 6.83 38.37 32.33
CA ALA E 642 6.75 37.05 31.73
C ALA E 642 7.43 37.09 30.37
N ARG E 643 7.71 35.90 29.84
CA ARG E 643 8.47 35.75 28.62
C ARG E 643 8.01 34.48 27.91
N ASP E 644 8.10 34.49 26.57
CA ASP E 644 7.83 33.28 25.79
C ASP E 644 8.58 33.43 24.47
N PHE E 645 9.70 32.74 24.33
CA PHE E 645 10.50 32.78 23.10
C PHE E 645 10.32 31.49 22.31
N ASN E 646 10.06 31.61 21.02
CA ASN E 646 9.74 30.48 20.17
C ASN E 646 10.05 30.82 18.71
N PRO E 647 11.27 30.49 18.26
CA PRO E 647 11.73 30.93 16.93
C PRO E 647 10.77 30.68 15.80
N ASN E 648 10.23 31.77 15.25
CA ASN E 648 9.31 31.73 14.13
C ASN E 648 9.01 33.15 13.75
N TRP E 649 8.83 33.45 12.47
CA TRP E 649 8.66 34.84 12.04
C TRP E 649 7.33 35.38 12.54
N MET E 650 7.38 36.56 13.14
CA MET E 650 6.18 37.21 13.64
C MET E 650 5.97 38.50 12.87
N SER E 651 4.73 38.81 12.56
CA SER E 651 4.48 39.99 11.72
C SER E 651 3.67 41.07 12.40
N ALA E 652 2.92 40.75 13.45
CA ALA E 652 2.09 41.73 14.14
C ALA E 652 1.72 41.16 15.49
N VAL E 653 1.29 42.03 16.40
CA VAL E 653 1.05 41.61 17.76
C VAL E 653 0.14 42.63 18.46
N GLU E 654 -0.56 42.19 19.49
CA GLU E 654 -1.57 43.05 20.09
C GLU E 654 -1.94 42.49 21.46
N ILE E 655 -2.46 43.36 22.32
CA ILE E 655 -2.91 42.98 23.65
C ILE E 655 -4.43 42.80 23.60
N LEU E 656 -4.91 41.60 23.88
CA LEU E 656 -6.37 41.40 23.93
C LEU E 656 -6.94 41.90 25.25
N ASP E 657 -6.27 41.61 26.37
CA ASP E 657 -6.53 42.26 27.65
C ASP E 657 -5.28 42.06 28.52
N ASP E 658 -5.38 42.35 29.82
CA ASP E 658 -4.20 42.31 30.68
C ASP E 658 -3.49 40.96 30.67
N ASP E 659 -4.18 39.88 30.28
CA ASP E 659 -3.70 38.51 30.46
C ASP E 659 -3.40 37.77 29.16
N ASN E 660 -3.89 38.25 28.02
CA ASN E 660 -3.81 37.49 26.78
C ASN E 660 -3.32 38.38 25.64
N PHE E 661 -2.40 37.83 24.84
CA PHE E 661 -1.72 38.55 23.78
C PHE E 661 -1.91 37.79 22.48
N LEU E 662 -2.28 38.51 21.44
CA LEU E 662 -2.62 37.95 20.14
C LEU E 662 -1.46 38.20 19.19
N GLY E 663 -1.11 37.19 18.40
CA GLY E 663 0.01 37.32 17.49
C GLY E 663 -0.27 36.75 16.10
N ALA E 664 0.54 37.19 15.17
CA ALA E 664 0.48 36.76 13.78
C ALA E 664 1.85 36.17 13.41
N GLU E 665 1.92 34.85 13.18
CA GLU E 665 3.22 34.25 12.88
C GLU E 665 3.16 33.37 11.62
N ASN E 666 4.36 33.00 11.17
CA ASN E 666 4.54 32.17 9.99
C ASN E 666 3.97 30.79 10.25
N ALA E 667 3.37 30.19 9.22
CA ALA E 667 3.00 30.75 7.93
C ALA E 667 1.50 31.04 7.89
N PHE E 668 1.13 32.31 7.87
CA PHE E 668 -0.27 32.73 7.87
C PHE E 668 -1.04 32.17 9.06
N ASN E 669 -0.43 32.21 10.25
CA ASN E 669 -1.08 31.71 11.46
C ASN E 669 -1.34 32.86 12.42
N LEU E 670 -2.33 32.65 13.29
CA LEU E 670 -2.54 33.53 14.44
C LEU E 670 -2.24 32.72 15.70
N PHE E 671 -1.80 33.41 16.74
CA PHE E 671 -1.60 32.73 18.01
C PHE E 671 -1.96 33.64 19.18
N VAL E 672 -2.40 33.00 20.26
CA VAL E 672 -2.64 33.66 21.52
C VAL E 672 -1.87 32.90 22.60
N CYS E 673 -1.07 33.64 23.37
CA CYS E 673 -0.38 33.12 24.53
C CYS E 673 -0.74 34.02 25.69
N GLN E 674 -0.60 33.48 26.90
CA GLN E 674 -1.26 34.01 28.08
C GLN E 674 -0.36 33.84 29.28
N LYS E 675 -0.48 34.75 30.24
CA LYS E 675 0.24 34.61 31.52
C LYS E 675 -0.43 33.54 32.39
N ASP E 676 0.40 32.66 32.95
CA ASP E 676 -0.12 31.49 33.66
C ASP E 676 -0.99 31.90 34.85
N SER E 677 -2.24 31.44 34.80
CA SER E 677 -3.20 31.61 35.87
C SER E 677 -3.06 30.52 36.92
N ALA E 678 -2.45 29.40 36.57
CA ALA E 678 -2.16 28.29 37.47
C ALA E 678 -0.70 28.36 37.95
N ALA E 679 -0.28 29.57 38.31
CA ALA E 679 1.11 29.86 38.59
C ALA E 679 1.30 30.03 40.09
N THR E 680 1.95 29.04 40.71
CA THR E 680 2.38 29.17 42.11
C THR E 680 3.87 29.48 42.25
N THR E 681 4.75 28.67 41.67
CA THR E 681 6.14 29.08 41.66
C THR E 681 6.32 30.13 40.57
N ASP E 682 7.23 31.06 40.83
CA ASP E 682 7.50 32.13 39.87
C ASP E 682 8.08 31.61 38.56
N GLU E 683 8.63 30.39 38.54
CA GLU E 683 9.06 29.81 37.28
C GLU E 683 7.87 29.63 36.34
N GLU E 684 6.76 29.08 36.85
CA GLU E 684 5.56 28.98 36.02
C GLU E 684 4.99 30.37 35.72
N ARG E 685 5.02 31.27 36.71
CA ARG E 685 4.43 32.58 36.53
C ARG E 685 5.17 33.42 35.51
N GLN E 686 6.41 33.10 35.19
CA GLN E 686 7.18 33.95 34.29
C GLN E 686 7.31 33.39 32.89
N HIS E 687 6.62 32.30 32.59
CA HIS E 687 6.55 31.75 31.26
C HIS E 687 5.10 31.88 30.83
N LEU E 688 4.90 32.37 29.61
CA LEU E 688 3.55 32.51 29.03
C LEU E 688 3.20 31.26 28.25
N GLN E 689 2.05 30.66 28.56
CA GLN E 689 1.64 29.41 27.93
C GLN E 689 0.93 29.67 26.59
N GLU E 690 1.12 28.76 25.63
CA GLU E 690 0.40 28.84 24.36
C GLU E 690 -1.03 28.37 24.59
N VAL E 691 -1.98 29.23 24.28
CA VAL E 691 -3.39 28.92 24.51
C VAL E 691 -4.22 28.98 23.25
N GLY E 692 -3.70 29.51 22.14
CA GLY E 692 -4.44 29.51 20.89
C GLY E 692 -3.58 29.42 19.63
N LEU E 693 -3.96 28.52 18.73
CA LEU E 693 -3.32 28.35 17.45
C LEU E 693 -4.38 28.27 16.38
N PHE E 694 -4.13 28.87 15.22
CA PHE E 694 -5.13 28.91 14.17
C PHE E 694 -4.42 29.29 12.88
N HIS E 695 -4.70 28.56 11.80
CA HIS E 695 -4.17 28.91 10.48
C HIS E 695 -5.17 29.88 9.84
N LEU E 696 -4.79 31.15 9.78
CA LEU E 696 -5.69 32.14 9.23
C LEU E 696 -5.77 32.04 7.72
N GLY E 697 -4.64 31.88 7.06
CA GLY E 697 -4.57 31.95 5.61
C GLY E 697 -4.22 33.32 5.05
N GLU E 698 -4.02 34.30 5.91
CA GLU E 698 -3.66 35.63 5.48
C GLU E 698 -2.44 36.09 6.30
N PHE E 699 -1.70 37.04 5.75
CA PHE E 699 -0.52 37.61 6.39
C PHE E 699 -0.89 38.94 7.03
N VAL E 700 -0.99 38.95 8.37
CA VAL E 700 -1.48 40.12 9.06
C VAL E 700 -0.35 41.14 9.24
N ASN E 701 -0.61 42.39 8.83
CA ASN E 701 0.35 43.47 8.98
C ASN E 701 0.05 44.36 10.18
N VAL E 702 -1.20 44.37 10.65
CA VAL E 702 -1.61 45.31 11.67
C VAL E 702 -2.85 44.83 12.38
N PHE E 703 -2.81 44.78 13.70
CA PHE E 703 -4.01 44.69 14.50
C PHE E 703 -4.39 46.08 14.96
N CYS E 704 -5.67 46.23 15.27
CA CYS E 704 -6.18 47.53 15.65
C CYS E 704 -7.48 47.33 16.41
N HIS E 705 -7.56 47.82 17.63
CA HIS E 705 -8.81 47.73 18.37
C HIS E 705 -9.85 48.65 17.73
N GLY E 706 -11.07 48.17 17.56
CA GLY E 706 -12.08 49.00 16.92
C GLY E 706 -13.20 48.17 16.34
N SER E 707 -14.24 48.87 15.92
CA SER E 707 -15.41 48.20 15.35
C SER E 707 -15.99 49.06 14.23
N LEU E 708 -16.75 48.44 13.34
CA LEU E 708 -17.36 49.21 12.27
C LEU E 708 -18.86 49.38 12.48
N VAL E 709 -19.38 48.93 13.62
CA VAL E 709 -20.81 48.92 13.90
C VAL E 709 -21.12 49.81 15.11
N MET E 710 -22.35 49.72 15.63
CA MET E 710 -22.72 50.40 16.87
C MET E 710 -21.73 49.99 17.99
N PRO E 719 -22.32 39.20 25.27
CA PRO E 719 -22.34 38.32 24.09
C PRO E 719 -20.93 37.86 23.77
N THR E 720 -20.11 38.79 23.27
CA THR E 720 -18.67 38.60 23.13
C THR E 720 -17.98 39.84 23.70
N GLN E 721 -16.68 39.71 24.02
CA GLN E 721 -15.94 40.80 24.66
C GLN E 721 -14.74 41.19 23.79
N GLY E 722 -14.67 42.47 23.46
CA GLY E 722 -13.54 43.01 22.71
C GLY E 722 -13.78 42.99 21.21
N SER E 723 -12.99 43.79 20.49
CA SER E 723 -13.14 43.87 19.04
C SER E 723 -11.81 44.34 18.44
N VAL E 724 -11.06 43.42 17.83
CA VAL E 724 -9.79 43.76 17.20
C VAL E 724 -9.89 43.47 15.71
N LEU E 725 -9.72 44.52 14.90
CA LEU E 725 -9.65 44.40 13.45
C LEU E 725 -8.19 44.17 13.03
N PHE E 726 -8.01 43.54 11.88
CA PHE E 726 -6.67 43.40 11.35
C PHE E 726 -6.69 43.49 9.84
N GLY E 727 -5.70 44.18 9.30
CA GLY E 727 -5.50 44.27 7.86
C GLY E 727 -4.40 43.32 7.44
N THR E 728 -4.50 42.83 6.20
CA THR E 728 -3.59 41.81 5.66
C THR E 728 -2.96 42.30 4.37
N VAL E 729 -2.10 41.42 3.81
CA VAL E 729 -1.43 41.67 2.54
C VAL E 729 -2.41 41.56 1.38
N ASN E 730 -3.37 40.65 1.49
CA ASN E 730 -4.30 40.47 0.38
C ASN E 730 -5.47 41.44 0.42
N GLY E 731 -5.43 42.43 1.30
CA GLY E 731 -6.53 43.37 1.37
C GLY E 731 -7.69 42.87 2.17
N MET E 732 -7.56 41.71 2.80
CA MET E 732 -8.60 41.15 3.66
C MET E 732 -8.59 41.85 5.02
N ILE E 733 -9.79 42.11 5.55
CA ILE E 733 -9.96 42.78 6.84
C ILE E 733 -10.72 41.82 7.72
N GLY E 734 -10.11 41.45 8.84
CA GLY E 734 -10.73 40.48 9.71
C GLY E 734 -10.92 40.98 11.12
N LEU E 735 -11.80 40.30 11.85
CA LEU E 735 -12.19 40.72 13.19
C LEU E 735 -11.99 39.56 14.15
N VAL E 736 -11.38 39.83 15.28
CA VAL E 736 -11.13 38.83 16.33
C VAL E 736 -11.77 39.33 17.62
N THR E 737 -12.61 38.50 18.23
CA THR E 737 -13.25 38.80 19.49
C THR E 737 -13.15 37.58 20.40
N SER E 738 -13.36 37.77 21.70
CA SER E 738 -13.18 36.70 22.65
C SER E 738 -14.54 36.19 23.15
N LEU E 739 -14.61 34.89 23.46
CA LEU E 739 -15.84 34.22 23.86
C LEU E 739 -15.78 33.75 25.31
N SER E 740 -16.96 33.43 25.84
CA SER E 740 -17.05 32.68 27.09
C SER E 740 -16.68 31.22 26.85
N GLU E 741 -16.23 30.56 27.92
CA GLU E 741 -16.03 29.11 27.81
C GLU E 741 -17.34 28.41 27.47
N SER E 742 -18.46 28.93 27.98
CA SER E 742 -19.75 28.37 27.62
C SER E 742 -19.98 28.49 26.13
N TRP E 743 -19.76 29.70 25.58
CA TRP E 743 -20.04 29.90 24.16
C TRP E 743 -19.01 29.19 23.29
N TYR E 744 -17.74 29.23 23.69
CA TYR E 744 -16.68 28.59 22.91
C TYR E 744 -16.91 27.08 22.82
N ASN E 745 -17.21 26.44 23.94
CA ASN E 745 -17.47 25.00 23.89
C ASN E 745 -18.58 24.68 22.92
N LEU E 746 -19.64 25.49 22.92
CA LEU E 746 -20.81 25.23 22.11
C LEU E 746 -20.52 25.40 20.63
N LEU E 747 -19.87 26.51 20.28
CA LEU E 747 -19.49 26.74 18.90
C LEU E 747 -18.46 25.72 18.42
N LEU E 748 -17.73 25.08 19.32
CA LEU E 748 -16.75 24.11 18.86
C LEU E 748 -17.44 22.81 18.45
N ASP E 749 -18.46 22.38 19.22
CA ASP E 749 -19.26 21.24 18.79
C ASP E 749 -19.88 21.50 17.43
N MET E 750 -20.46 22.70 17.25
CA MET E 750 -21.10 23.07 16.00
C MET E 750 -20.14 23.01 14.83
N GLN E 751 -18.88 23.38 15.06
CA GLN E 751 -17.90 23.33 13.99
C GLN E 751 -17.83 21.94 13.39
N ASN E 752 -17.73 20.91 14.25
CA ASN E 752 -17.69 19.53 13.79
C ASN E 752 -19.00 19.11 13.16
N ARG E 753 -20.13 19.62 13.66
CA ARG E 753 -21.39 19.22 13.07
C ARG E 753 -21.64 19.96 11.76
N LEU E 754 -21.25 21.23 11.65
CA LEU E 754 -21.37 21.92 10.37
C LEU E 754 -20.39 21.37 9.35
N ASN E 755 -19.24 20.89 9.83
CA ASN E 755 -18.23 20.31 8.93
C ASN E 755 -18.68 18.99 8.34
N LYS E 756 -19.65 18.31 8.94
CA LYS E 756 -20.17 17.08 8.38
C LYS E 756 -21.20 17.30 7.28
N VAL E 757 -21.77 18.50 7.14
CA VAL E 757 -22.83 18.77 6.16
C VAL E 757 -22.45 19.78 5.08
N ILE E 758 -21.32 20.45 5.19
CA ILE E 758 -20.91 21.44 4.20
C ILE E 758 -19.94 20.80 3.22
N LYS E 759 -20.27 20.90 1.93
CA LYS E 759 -19.42 20.32 0.90
C LYS E 759 -18.26 21.29 0.63
N SER E 760 -17.03 20.81 0.80
CA SER E 760 -15.85 21.63 0.63
C SER E 760 -15.30 21.45 -0.79
N VAL E 761 -14.94 22.57 -1.41
CA VAL E 761 -14.67 22.58 -2.85
C VAL E 761 -13.68 21.47 -3.24
N GLY E 762 -12.45 21.54 -2.75
CA GLY E 762 -11.56 20.49 -3.19
C GLY E 762 -11.70 19.17 -2.43
N LYS E 763 -12.80 19.01 -1.72
CA LYS E 763 -12.94 17.93 -0.72
C LYS E 763 -11.81 18.01 0.32
N ILE E 764 -11.50 19.24 0.75
CA ILE E 764 -10.43 19.51 1.72
C ILE E 764 -11.09 19.66 3.09
N GLU E 765 -10.56 18.95 4.09
CA GLU E 765 -11.11 19.02 5.43
C GLU E 765 -10.86 20.37 6.08
N HIS E 766 -11.91 20.92 6.70
CA HIS E 766 -11.76 22.20 7.40
C HIS E 766 -10.71 22.09 8.49
N SER E 767 -10.70 20.98 9.24
CA SER E 767 -9.76 20.86 10.37
C SER E 767 -8.31 20.72 9.90
N PHE E 768 -8.11 20.20 8.69
CA PHE E 768 -6.77 20.23 8.09
C PHE E 768 -6.38 21.65 7.71
N TRP E 769 -7.34 22.43 7.19
CA TRP E 769 -7.09 23.78 6.70
C TRP E 769 -6.86 24.76 7.85
N ARG E 770 -7.55 24.58 8.96
CA ARG E 770 -7.34 25.46 10.11
C ARG E 770 -6.25 24.91 11.02
N SER E 771 -5.64 23.80 10.66
CA SER E 771 -4.52 23.28 11.41
C SER E 771 -3.33 24.24 11.33
N PHE E 772 -2.76 24.58 12.48
CA PHE E 772 -1.53 25.36 12.52
C PHE E 772 -0.47 24.68 11.68
N HIS E 773 0.18 25.45 10.81
CA HIS E 773 1.06 24.84 9.83
C HIS E 773 2.28 25.71 9.57
N THR E 774 3.45 25.11 9.70
CA THR E 774 4.70 25.62 9.18
C THR E 774 5.23 24.63 8.14
N GLU E 775 6.40 24.93 7.57
CA GLU E 775 7.09 23.95 6.74
C GLU E 775 7.61 22.77 7.56
N ARG E 776 7.63 22.87 8.89
CA ARG E 776 8.14 21.81 9.75
C ARG E 776 7.11 21.16 10.65
N LYS E 777 6.08 21.89 11.10
CA LYS E 777 5.12 21.39 12.08
C LYS E 777 3.69 21.60 11.57
N THR E 778 2.80 20.69 12.00
CA THR E 778 1.36 20.91 11.87
C THR E 778 0.68 20.33 13.11
N GLU E 779 -0.06 21.19 13.82
CA GLU E 779 -0.86 20.94 15.01
C GLU E 779 -2.31 21.33 14.77
N PRO E 780 -3.26 20.62 15.35
CA PRO E 780 -4.66 21.02 15.19
C PRO E 780 -4.93 22.37 15.83
N ALA E 781 -5.84 23.13 15.23
CA ALA E 781 -6.19 24.45 15.73
C ALA E 781 -6.77 24.34 17.14
N THR E 782 -6.77 25.47 17.84
CA THR E 782 -7.15 25.43 19.24
C THR E 782 -7.42 26.86 19.73
N GLY E 783 -8.38 27.00 20.64
CA GLY E 783 -8.74 28.30 21.18
C GLY E 783 -9.34 29.28 20.19
N PHE E 784 -9.62 28.87 18.95
CA PHE E 784 -10.13 29.76 17.93
C PHE E 784 -11.34 29.14 17.27
N ILE E 785 -12.38 29.94 17.06
CA ILE E 785 -13.59 29.49 16.38
C ILE E 785 -13.64 30.22 15.05
N ASP E 786 -13.82 29.45 13.97
CA ASP E 786 -13.91 30.00 12.62
C ASP E 786 -15.26 30.64 12.43
N GLY E 787 -15.32 31.97 12.55
CA GLY E 787 -16.59 32.63 12.41
C GLY E 787 -17.18 32.49 11.02
N ASP E 788 -16.32 32.34 10.01
CA ASP E 788 -16.85 32.19 8.66
C ASP E 788 -17.62 30.89 8.50
N LEU E 789 -17.13 29.82 9.15
CA LEU E 789 -17.86 28.56 9.17
C LEU E 789 -19.12 28.64 10.02
N ILE E 790 -19.05 29.36 11.14
CA ILE E 790 -20.24 29.52 11.98
C ILE E 790 -21.34 30.29 11.25
N GLU E 791 -20.97 31.37 10.56
CA GLU E 791 -22.00 32.18 9.93
C GLU E 791 -22.67 31.45 8.77
N SER E 792 -21.96 30.50 8.14
CA SER E 792 -22.60 29.79 7.04
C SER E 792 -23.64 28.77 7.53
N PHE E 793 -23.78 28.60 8.85
CA PHE E 793 -24.90 27.80 9.35
C PHE E 793 -26.22 28.40 8.91
N LEU E 794 -26.26 29.72 8.68
CA LEU E 794 -27.51 30.37 8.31
C LEU E 794 -27.87 30.09 6.85
N ASP E 795 -26.88 29.88 6.00
CA ASP E 795 -27.08 29.67 4.57
C ASP E 795 -27.49 28.25 4.21
N ILE E 796 -27.34 27.28 5.12
CA ILE E 796 -27.70 25.91 4.78
C ILE E 796 -29.21 25.71 4.90
N SER E 797 -29.70 24.61 4.33
CA SER E 797 -31.13 24.31 4.32
C SER E 797 -31.65 23.86 5.69
N ARG E 798 -32.94 24.12 5.91
CA ARG E 798 -33.57 23.81 7.19
C ARG E 798 -33.65 22.32 7.55
N PRO E 799 -33.65 21.33 6.61
CA PRO E 799 -33.39 19.95 7.06
C PRO E 799 -31.99 19.75 7.63
N LYS E 800 -30.97 20.11 6.84
CA LYS E 800 -29.61 20.04 7.35
C LYS E 800 -29.47 20.88 8.61
N MET E 801 -30.26 21.95 8.71
CA MET E 801 -30.25 22.76 9.92
C MET E 801 -30.74 21.96 11.14
N GLN E 802 -31.85 21.24 11.01
CA GLN E 802 -32.30 20.42 12.13
C GLN E 802 -31.44 19.17 12.31
N GLU E 803 -30.63 18.84 11.29
CA GLU E 803 -29.73 17.70 11.36
C GLU E 803 -28.52 17.99 12.23
N VAL E 804 -27.98 19.20 12.17
CA VAL E 804 -26.78 19.45 12.94
C VAL E 804 -27.12 19.71 14.39
N VAL E 805 -28.31 20.25 14.68
CA VAL E 805 -28.66 20.55 16.06
C VAL E 805 -29.12 19.32 16.82
N ALA E 806 -29.33 18.19 16.14
CA ALA E 806 -29.91 17.01 16.76
C ALA E 806 -28.99 16.47 17.85
N ASN E 807 -29.52 16.40 19.07
CA ASN E 807 -28.79 15.96 20.26
C ASN E 807 -27.57 16.86 20.52
N LEU E 808 -27.86 18.09 20.93
CA LEU E 808 -26.84 19.08 21.23
C LEU E 808 -27.36 20.02 22.32
N GLN E 809 -26.73 19.99 23.50
CA GLN E 809 -27.16 20.79 24.64
C GLN E 809 -26.19 21.94 24.92
N TYR E 810 -26.73 23.02 25.49
CA TYR E 810 -26.01 24.28 25.67
C TYR E 810 -26.48 24.93 26.97
N ASP E 811 -25.60 25.70 27.61
CA ASP E 811 -25.84 26.25 28.95
C ASP E 811 -26.71 27.51 28.79
N ASP E 812 -28.02 27.26 28.68
CA ASP E 812 -29.03 28.30 28.48
C ASP E 812 -29.38 29.04 29.76
N GLY E 813 -28.36 29.49 30.49
CA GLY E 813 -28.55 30.23 31.74
C GLY E 813 -29.14 29.37 32.84
N SER E 814 -30.20 28.62 32.53
CA SER E 814 -30.74 27.63 33.45
C SER E 814 -29.70 26.54 33.67
N GLY E 815 -29.42 26.21 34.92
CA GLY E 815 -28.36 25.25 35.17
C GLY E 815 -28.79 23.81 34.94
N MET E 816 -29.27 23.50 33.75
CA MET E 816 -29.76 22.16 33.44
C MET E 816 -29.44 21.68 32.04
N LYS E 817 -29.13 22.57 31.08
CA LYS E 817 -28.70 22.20 29.73
C LYS E 817 -29.77 21.45 28.94
N ARG E 818 -30.55 22.16 28.12
CA ARG E 818 -31.57 21.56 27.27
C ARG E 818 -31.03 21.36 25.85
N GLU E 819 -31.56 20.36 25.15
CA GLU E 819 -31.24 20.14 23.74
C GLU E 819 -31.61 21.38 22.94
N ALA E 820 -30.82 21.68 21.92
CA ALA E 820 -30.99 22.92 21.19
C ALA E 820 -31.87 22.65 19.98
N THR E 821 -32.90 23.48 19.82
CA THR E 821 -33.74 23.51 18.65
C THR E 821 -33.02 24.31 17.55
N ALA E 822 -33.47 24.13 16.32
CA ALA E 822 -32.83 24.89 15.24
C ALA E 822 -33.00 26.38 15.45
N ASP E 823 -34.20 26.80 15.90
CA ASP E 823 -34.47 28.22 16.07
C ASP E 823 -33.65 28.83 17.22
N ASP E 824 -33.13 28.02 18.13
CA ASP E 824 -32.19 28.53 19.13
C ASP E 824 -30.94 29.09 18.48
N LEU E 825 -30.41 28.37 17.47
CA LEU E 825 -29.12 28.69 16.87
C LEU E 825 -29.14 29.80 15.83
N ILE E 826 -30.28 30.03 15.15
CA ILE E 826 -30.35 31.26 14.34
C ILE E 826 -30.19 32.47 15.25
N LYS E 827 -30.60 32.38 16.51
CA LYS E 827 -30.50 33.55 17.38
C LYS E 827 -29.08 33.80 17.87
N VAL E 828 -28.30 32.75 18.15
CA VAL E 828 -26.96 33.01 18.64
C VAL E 828 -26.07 33.44 17.48
N VAL E 829 -26.28 32.88 16.30
CA VAL E 829 -25.46 33.23 15.15
C VAL E 829 -25.89 34.58 14.58
N GLU E 830 -27.19 34.87 14.59
CA GLU E 830 -27.63 36.21 14.19
C GLU E 830 -27.00 37.26 15.10
N GLU E 831 -26.76 36.94 16.38
CA GLU E 831 -26.11 37.92 17.25
C GLU E 831 -24.63 38.02 16.92
N LEU E 832 -24.02 36.93 16.46
CA LEU E 832 -22.60 36.94 16.13
C LEU E 832 -22.32 37.68 14.84
N THR E 833 -23.30 37.74 13.93
CA THR E 833 -23.16 38.56 12.74
C THR E 833 -23.16 40.04 13.04
N ARG E 834 -23.73 40.44 14.18
CA ARG E 834 -23.84 41.85 14.56
C ARG E 834 -22.50 42.45 14.99
N ILE E 835 -21.40 41.68 15.09
CA ILE E 835 -20.11 42.24 15.50
C ILE E 835 -19.31 42.81 14.34
N HIS E 836 -19.77 42.65 13.11
CA HIS E 836 -19.10 43.21 11.93
C HIS E 836 -20.20 43.51 10.93
N TYR F 3 46.02 6.34 39.93
CA TYR F 3 45.37 5.08 39.57
C TYR F 3 46.19 3.88 40.05
N LYS F 4 47.43 4.15 40.45
CA LYS F 4 48.33 3.11 40.94
C LYS F 4 49.41 3.72 41.84
N HIS F 5 50.65 3.82 41.37
CA HIS F 5 51.80 4.38 42.12
C HIS F 5 52.14 5.74 41.50
N LYS F 6 51.46 6.78 41.97
CA LYS F 6 51.62 8.13 41.45
C LYS F 6 52.84 8.82 42.07
N CYS F 7 53.56 9.57 41.24
CA CYS F 7 54.72 10.33 41.69
C CYS F 7 54.29 11.63 42.37
N LYS F 8 54.88 11.90 43.54
CA LYS F 8 54.48 13.02 44.39
C LYS F 8 54.70 14.38 43.74
N TYR F 9 55.55 14.46 42.72
CA TYR F 9 56.01 15.74 42.18
C TYR F 9 55.26 16.14 40.91
N CYS F 10 55.35 15.34 39.86
CA CYS F 10 54.73 15.68 38.58
C CYS F 10 53.41 14.99 38.33
N SER F 11 53.01 14.04 39.20
CA SER F 11 51.76 13.28 39.16
C SER F 11 51.75 12.12 38.16
N LYS F 12 52.84 11.84 37.43
CA LYS F 12 52.83 10.70 36.50
C LYS F 12 52.70 9.39 37.26
N VAL F 13 51.79 8.53 36.80
CA VAL F 13 51.46 7.26 37.42
C VAL F 13 52.36 6.18 36.81
N PHE F 14 52.81 5.23 37.64
CA PHE F 14 53.64 4.12 37.18
C PHE F 14 52.98 2.78 37.48
N GLY F 15 53.41 1.74 36.76
CA GLY F 15 52.81 0.43 36.95
C GLY F 15 53.19 -0.21 38.27
N THR F 16 54.47 -0.15 38.63
CA THR F 16 55.00 -0.72 39.87
C THR F 16 55.68 0.37 40.68
N ASP F 17 55.93 0.07 41.95
CA ASP F 17 56.72 0.99 42.78
C ASP F 17 58.20 0.95 42.44
N SER F 18 58.67 -0.11 41.76
CA SER F 18 60.04 -0.15 41.29
C SER F 18 60.29 0.95 40.25
N SER F 19 59.43 1.02 39.22
CA SER F 19 59.58 2.02 38.19
C SER F 19 59.43 3.45 38.72
N LEU F 20 58.70 3.61 39.82
CA LEU F 20 58.41 4.94 40.35
C LEU F 20 59.63 5.59 40.98
N GLN F 21 60.36 4.85 41.84
CA GLN F 21 61.55 5.43 42.48
C GLN F 21 62.77 5.45 41.58
N ILE F 22 62.81 4.64 40.52
CA ILE F 22 63.79 4.89 39.46
C ILE F 22 63.58 6.29 38.89
N HIS F 23 62.31 6.70 38.75
CA HIS F 23 61.97 7.98 38.14
C HIS F 23 62.07 9.13 39.12
N LEU F 24 61.73 8.89 40.40
CA LEU F 24 61.75 9.95 41.42
C LEU F 24 63.13 10.55 41.59
N ARG F 25 64.18 9.87 41.13
CA ARG F 25 65.52 10.46 41.10
C ARG F 25 65.67 11.51 40.01
N SER F 26 64.69 11.64 39.11
CA SER F 26 64.75 12.66 38.07
C SER F 26 64.35 14.05 38.58
N HIS F 27 63.63 14.12 39.70
CA HIS F 27 63.04 15.36 40.18
C HIS F 27 63.97 16.19 41.06
N THR F 28 65.27 15.89 41.10
CA THR F 28 66.21 16.69 41.88
C THR F 28 66.29 18.13 41.35
N GLY F 29 65.76 19.08 42.13
CA GLY F 29 65.79 20.49 41.79
C GLY F 29 65.34 21.32 42.98
N GLU F 30 65.53 22.63 42.87
CA GLU F 30 65.11 23.52 43.96
C GLU F 30 63.60 23.67 44.05
N ARG F 31 62.85 23.33 43.00
CA ARG F 31 61.40 23.51 42.97
C ARG F 31 60.80 22.29 42.28
N PRO F 32 60.73 21.17 42.98
CA PRO F 32 60.51 19.89 42.28
C PRO F 32 59.06 19.53 42.03
N PHE F 33 58.11 20.04 42.81
CA PHE F 33 56.71 19.66 42.61
C PHE F 33 56.11 20.45 41.45
N VAL F 34 55.42 19.76 40.53
CA VAL F 34 54.91 20.38 39.32
C VAL F 34 53.40 20.26 39.24
N CYS F 35 52.74 21.38 38.96
CA CYS F 35 51.30 21.37 38.72
C CYS F 35 51.00 20.67 37.41
N SER F 36 50.28 19.54 37.50
CA SER F 36 49.96 18.82 36.28
C SER F 36 48.98 19.57 35.43
N VAL F 37 48.63 20.83 35.69
CA VAL F 37 47.72 21.58 34.84
C VAL F 37 48.41 22.75 34.16
N CYS F 38 49.12 23.62 34.91
CA CYS F 38 49.88 24.67 34.23
C CYS F 38 51.26 24.18 33.87
N GLY F 39 51.87 23.35 34.74
CA GLY F 39 53.30 23.28 34.81
C GLY F 39 53.95 24.25 35.77
N HIS F 40 53.15 25.03 36.51
CA HIS F 40 53.69 25.81 37.61
C HIS F 40 54.53 24.90 38.53
N ARG F 41 55.62 25.43 39.08
CA ARG F 41 56.50 24.65 39.95
C ARG F 41 56.51 25.22 41.37
N PHE F 42 56.64 24.32 42.33
CA PHE F 42 56.57 24.68 43.73
C PHE F 42 57.66 23.97 44.53
N THR F 43 57.89 24.48 45.74
CA THR F 43 58.95 23.97 46.60
C THR F 43 58.47 22.85 47.52
N THR F 44 57.21 22.87 47.93
CA THR F 44 56.72 21.87 48.85
C THR F 44 55.51 21.16 48.27
N LYS F 45 55.18 20.02 48.86
CA LYS F 45 54.00 19.30 48.38
C LYS F 45 52.73 20.08 48.65
N GLY F 46 52.64 20.74 49.81
CA GLY F 46 51.44 21.48 50.16
C GLY F 46 51.21 22.70 49.30
N ASN F 47 52.27 23.47 49.00
CA ASN F 47 52.14 24.61 48.12
C ASN F 47 51.45 24.19 46.83
N LEU F 48 51.94 23.10 46.21
CA LEU F 48 51.31 22.58 45.00
C LEU F 48 49.86 22.19 45.25
N LYS F 49 49.59 21.56 46.40
CA LYS F 49 48.23 21.15 46.71
C LYS F 49 47.27 22.33 46.66
N VAL F 50 47.62 23.44 47.33
CA VAL F 50 46.73 24.61 47.35
C VAL F 50 46.56 25.15 45.94
N HIS F 51 47.68 25.32 45.22
CA HIS F 51 47.60 25.88 43.88
C HIS F 51 46.80 24.98 42.96
N PHE F 52 46.95 23.67 43.11
CA PHE F 52 46.22 22.74 42.26
C PHE F 52 44.72 22.87 42.45
N HIS F 53 44.28 23.06 43.68
CA HIS F 53 42.85 23.14 43.92
C HIS F 53 42.27 24.51 43.60
N ARG F 54 43.09 25.45 43.13
CA ARG F 54 42.56 26.72 42.70
C ARG F 54 42.19 26.73 41.22
N HIS F 55 42.63 25.74 40.46
CA HIS F 55 42.11 25.50 39.14
C HIS F 55 40.66 25.10 39.30
#